data_1UEN
#
_entry.id   1UEN
#
_cell.length_a   1.000
_cell.length_b   1.000
_cell.length_c   1.000
_cell.angle_alpha   90.00
_cell.angle_beta   90.00
_cell.angle_gamma   90.00
#
_symmetry.space_group_name_H-M   'P 1'
#
_entity_poly.entity_id   1
_entity_poly.type   'polypeptide(L)'
_entity_poly.pdbx_seq_one_letter_code
;GSSGSSGHSGEDLPMVAPGNVRVNVVNSTLAEVHWDPVPLKSIRGHLQGYRIYYWKTQSSSKRNRRHIEKKILTFQGSKT
HGMLPGLEPFSHYTLNVRVVNGKGEGPASPDRVFNTPEGSGPSSG
;
_entity_poly.pdbx_strand_id   A
#
# COMPACT_ATOMS: atom_id res chain seq x y z
N GLY A 1 7.55 -2.71 -37.13
CA GLY A 1 6.64 -3.62 -36.42
C GLY A 1 5.27 -2.97 -36.23
N SER A 2 4.53 -3.40 -35.22
CA SER A 2 3.26 -2.81 -34.83
C SER A 2 3.02 -3.06 -33.34
N SER A 3 2.73 -4.31 -32.95
CA SER A 3 2.04 -4.70 -31.71
C SER A 3 0.76 -3.87 -31.49
N GLY A 4 -0.40 -4.40 -31.88
CA GLY A 4 -1.67 -3.70 -31.84
C GLY A 4 -2.83 -4.68 -31.97
N SER A 5 -3.97 -4.21 -32.45
CA SER A 5 -5.26 -4.89 -32.40
C SER A 5 -5.71 -5.17 -30.96
N SER A 6 -6.91 -5.72 -30.82
CA SER A 6 -7.77 -5.64 -29.64
C SER A 6 -8.15 -4.17 -29.40
N GLY A 7 -9.42 -3.96 -29.08
CA GLY A 7 -10.04 -2.69 -28.70
C GLY A 7 -10.91 -2.94 -27.48
N HIS A 8 -11.67 -1.95 -27.03
CA HIS A 8 -12.74 -2.15 -26.06
C HIS A 8 -13.74 -1.01 -26.17
N SER A 9 -14.90 -1.15 -25.53
CA SER A 9 -15.84 -0.05 -25.31
C SER A 9 -16.60 -0.33 -24.01
N GLY A 10 -17.03 0.72 -23.34
CA GLY A 10 -17.16 0.68 -21.89
C GLY A 10 -15.77 0.75 -21.27
N GLU A 11 -15.68 0.34 -20.02
CA GLU A 11 -14.50 0.18 -19.20
C GLU A 11 -13.91 1.51 -18.73
N ASP A 12 -14.60 2.04 -17.73
CA ASP A 12 -14.46 3.37 -17.12
C ASP A 12 -13.06 3.59 -16.53
N LEU A 13 -12.62 2.64 -15.67
CA LEU A 13 -11.38 2.40 -14.93
C LEU A 13 -10.61 3.60 -14.32
N PRO A 14 -9.98 3.44 -13.14
CA PRO A 14 -9.20 4.50 -12.53
C PRO A 14 -7.95 4.89 -13.35
N MET A 15 -7.33 6.01 -12.98
CA MET A 15 -6.33 6.69 -13.81
C MET A 15 -5.07 7.08 -13.05
N VAL A 16 -5.19 7.54 -11.79
CA VAL A 16 -4.04 7.90 -10.97
C VAL A 16 -4.24 7.34 -9.56
N ALA A 17 -3.18 7.38 -8.77
CA ALA A 17 -3.07 6.79 -7.44
C ALA A 17 -2.89 7.92 -6.40
N PRO A 18 -3.05 7.66 -5.09
CA PRO A 18 -3.18 8.74 -4.11
C PRO A 18 -1.90 9.53 -3.86
N GLY A 19 -2.06 10.85 -3.69
CA GLY A 19 -1.01 11.78 -3.30
C GLY A 19 -0.56 11.55 -1.85
N ASN A 20 0.41 12.36 -1.44
CA ASN A 20 1.10 12.42 -0.15
C ASN A 20 1.06 11.13 0.66
N VAL A 21 1.72 10.11 0.11
CA VAL A 21 1.84 8.85 0.78
C VAL A 21 2.88 8.99 1.89
N ARG A 22 2.52 8.51 3.07
CA ARG A 22 3.37 8.42 4.25
C ARG A 22 2.98 7.21 5.07
N VAL A 23 3.80 6.79 6.04
CA VAL A 23 3.47 5.73 7.00
C VAL A 23 4.16 6.05 8.32
N ASN A 24 3.47 5.78 9.42
CA ASN A 24 3.87 5.98 10.81
C ASN A 24 3.77 4.65 11.54
N VAL A 25 4.86 4.12 12.10
CA VAL A 25 4.78 2.95 12.96
C VAL A 25 4.14 3.36 14.29
N VAL A 26 3.14 2.60 14.72
CA VAL A 26 2.27 2.88 15.85
C VAL A 26 2.77 2.07 17.05
N ASN A 27 2.70 0.75 16.94
CA ASN A 27 3.21 -0.19 17.94
C ASN A 27 4.34 -0.99 17.30
N SER A 28 4.97 -1.89 18.05
CA SER A 28 6.00 -2.78 17.51
C SER A 28 5.47 -3.71 16.42
N THR A 29 4.15 -3.89 16.35
CA THR A 29 3.45 -4.87 15.52
C THR A 29 2.38 -4.25 14.62
N LEU A 30 2.24 -2.93 14.70
CA LEU A 30 1.16 -2.16 14.10
C LEU A 30 1.77 -0.88 13.53
N ALA A 31 1.51 -0.58 12.26
CA ALA A 31 1.83 0.71 11.66
C ALA A 31 0.56 1.32 11.10
N GLU A 32 0.60 2.57 10.65
CA GLU A 32 -0.52 3.26 10.06
C GLU A 32 0.00 3.99 8.83
N VAL A 33 -0.51 3.62 7.66
CA VAL A 33 -0.20 4.26 6.40
C VAL A 33 -1.14 5.44 6.26
N HIS A 34 -0.70 6.45 5.52
CA HIS A 34 -1.46 7.66 5.18
C HIS A 34 -1.34 7.93 3.68
N TRP A 35 -2.38 8.51 3.09
CA TRP A 35 -2.47 8.85 1.68
C TRP A 35 -3.56 9.91 1.47
N ASP A 36 -3.60 10.57 0.31
CA ASP A 36 -4.59 11.61 0.01
C ASP A 36 -5.87 11.03 -0.59
N PRO A 37 -7.06 11.60 -0.29
CA PRO A 37 -8.33 11.19 -0.88
C PRO A 37 -8.44 11.65 -2.32
N VAL A 38 -8.23 10.72 -3.26
CA VAL A 38 -8.13 11.06 -4.69
C VAL A 38 -9.44 11.63 -5.27
N PRO A 39 -9.38 12.36 -6.39
CA PRO A 39 -10.53 12.95 -7.06
C PRO A 39 -11.34 11.85 -7.76
N LEU A 40 -12.68 11.98 -7.79
CA LEU A 40 -13.55 11.12 -8.61
C LEU A 40 -13.13 11.15 -10.08
N LYS A 41 -12.60 12.28 -10.55
CA LYS A 41 -12.02 12.39 -11.88
C LYS A 41 -10.92 11.38 -12.18
N SER A 42 -10.18 10.92 -11.17
CA SER A 42 -9.19 9.87 -11.34
C SER A 42 -9.82 8.49 -11.12
N ILE A 43 -10.85 8.39 -10.26
CA ILE A 43 -11.52 7.15 -9.94
C ILE A 43 -12.28 6.65 -11.16
N ARG A 44 -12.88 7.57 -11.92
CA ARG A 44 -13.82 7.30 -12.99
C ARG A 44 -14.92 6.36 -12.50
N GLY A 45 -15.89 6.93 -11.80
CA GLY A 45 -17.14 6.28 -11.47
C GLY A 45 -17.33 6.23 -9.96
N HIS A 46 -17.09 5.06 -9.37
CA HIS A 46 -17.49 4.77 -7.99
C HIS A 46 -16.36 4.01 -7.29
N LEU A 47 -15.63 4.72 -6.42
CA LEU A 47 -14.56 4.22 -5.56
C LEU A 47 -15.07 3.05 -4.73
N GLN A 48 -14.48 1.88 -4.88
CA GLN A 48 -14.81 0.69 -4.12
C GLN A 48 -13.99 0.69 -2.82
N GLY A 49 -12.69 0.93 -2.93
CA GLY A 49 -11.76 0.84 -1.81
C GLY A 49 -10.36 1.25 -2.22
N TYR A 50 -9.48 1.36 -1.24
CA TYR A 50 -8.05 1.34 -1.42
C TYR A 50 -7.57 -0.07 -1.09
N ARG A 51 -6.67 -0.61 -1.92
CA ARG A 51 -5.92 -1.82 -1.60
C ARG A 51 -4.50 -1.38 -1.27
N ILE A 52 -3.79 -2.13 -0.45
CA ILE A 52 -2.37 -1.92 -0.21
C ILE A 52 -1.68 -3.25 -0.47
N TYR A 53 -0.67 -3.25 -1.34
CA TYR A 53 0.29 -4.35 -1.45
C TYR A 53 1.46 -4.04 -0.55
N TYR A 54 2.00 -5.05 0.13
CA TYR A 54 3.16 -4.93 0.99
C TYR A 54 3.91 -6.25 1.07
N TRP A 55 5.18 -6.20 1.48
CA TRP A 55 6.00 -7.37 1.69
C TRP A 55 7.01 -7.11 2.80
N LYS A 56 7.48 -8.22 3.37
CA LYS A 56 8.60 -8.27 4.30
C LYS A 56 9.85 -7.94 3.51
N THR A 57 10.61 -6.99 3.98
CA THR A 57 11.93 -6.66 3.45
C THR A 57 12.93 -7.10 4.54
N GLN A 58 14.22 -7.18 4.20
CA GLN A 58 15.29 -7.53 5.14
C GLN A 58 15.16 -8.91 5.82
N SER A 59 14.32 -9.84 5.31
CA SER A 59 14.36 -11.24 5.74
C SER A 59 15.06 -12.08 4.69
N SER A 60 14.67 -11.91 3.41
CA SER A 60 15.26 -12.54 2.23
C SER A 60 15.35 -14.07 2.38
N SER A 61 14.21 -14.73 2.15
CA SER A 61 13.93 -16.17 2.17
C SER A 61 15.15 -17.11 2.05
N LYS A 62 15.93 -17.03 0.96
CA LYS A 62 17.16 -17.80 0.71
C LYS A 62 16.93 -19.30 0.53
N ARG A 63 17.41 -19.85 -0.59
CA ARG A 63 17.39 -21.27 -0.93
C ARG A 63 16.01 -21.90 -0.84
N ASN A 64 15.62 -22.41 0.33
CA ASN A 64 14.46 -23.28 0.52
C ASN A 64 13.16 -22.54 0.17
N ARG A 65 12.56 -22.92 -0.96
CA ARG A 65 11.41 -22.24 -1.59
C ARG A 65 11.61 -20.72 -1.66
N ARG A 66 12.80 -20.27 -2.07
CA ARG A 66 13.15 -18.86 -2.20
C ARG A 66 12.09 -18.07 -2.96
N HIS A 67 11.28 -17.26 -2.27
CA HIS A 67 10.45 -16.22 -2.87
C HIS A 67 10.23 -15.11 -1.85
N ILE A 68 9.43 -14.09 -2.16
CA ILE A 68 9.09 -12.99 -1.26
C ILE A 68 7.59 -13.09 -1.06
N GLU A 69 7.15 -13.02 0.19
CA GLU A 69 5.75 -13.03 0.57
C GLU A 69 5.19 -11.65 0.32
N LYS A 70 4.33 -11.52 -0.69
CA LYS A 70 3.73 -10.26 -1.12
C LYS A 70 2.27 -10.30 -0.72
N LYS A 71 1.99 -9.70 0.42
CA LYS A 71 0.74 -9.69 1.13
C LYS A 71 -0.12 -8.55 0.64
N ILE A 72 -1.41 -8.60 0.95
CA ILE A 72 -2.41 -7.65 0.49
C ILE A 72 -3.28 -7.26 1.68
N LEU A 73 -3.79 -6.04 1.64
CA LEU A 73 -4.55 -5.35 2.65
C LEU A 73 -5.75 -4.70 1.95
N THR A 74 -6.90 -4.64 2.62
CA THR A 74 -8.16 -4.27 2.00
C THR A 74 -8.85 -3.19 2.85
N PHE A 75 -9.05 -1.99 2.29
CA PHE A 75 -9.75 -0.89 2.94
C PHE A 75 -10.83 -0.36 2.01
N GLN A 76 -12.00 -0.98 2.05
CA GLN A 76 -13.16 -0.51 1.33
C GLN A 76 -13.66 0.81 1.91
N GLY A 77 -14.19 1.66 1.04
CA GLY A 77 -14.66 2.99 1.39
C GLY A 77 -13.50 3.96 1.56
N SER A 78 -13.84 5.23 1.63
CA SER A 78 -12.98 6.33 1.20
C SER A 78 -12.04 6.83 2.29
N LYS A 79 -11.39 5.92 3.03
CA LYS A 79 -10.40 6.29 4.05
C LYS A 79 -9.21 7.03 3.44
N THR A 80 -8.40 7.63 4.30
CA THR A 80 -7.17 8.34 3.97
C THR A 80 -5.97 7.78 4.74
N HIS A 81 -6.21 6.80 5.61
CA HIS A 81 -5.20 6.09 6.37
C HIS A 81 -5.69 4.67 6.57
N GLY A 82 -4.78 3.75 6.89
CA GLY A 82 -5.11 2.34 7.05
C GLY A 82 -3.96 1.66 7.76
N MET A 83 -4.26 0.83 8.76
CA MET A 83 -3.23 0.24 9.60
C MET A 83 -2.62 -0.98 8.93
N LEU A 84 -1.36 -1.30 9.26
CA LEU A 84 -0.70 -2.55 8.94
C LEU A 84 -0.61 -3.36 10.24
N PRO A 85 -1.59 -4.22 10.56
CA PRO A 85 -1.53 -5.14 11.70
C PRO A 85 -1.01 -6.52 11.29
N GLY A 86 -0.43 -7.26 12.24
CA GLY A 86 0.07 -8.60 11.99
C GLY A 86 1.35 -8.56 11.15
N LEU A 87 2.26 -7.65 11.50
CA LEU A 87 3.59 -7.42 10.96
C LEU A 87 4.60 -7.97 11.97
N GLU A 88 5.88 -7.64 11.85
CA GLU A 88 6.90 -7.94 12.83
C GLU A 88 7.59 -6.68 13.33
N PRO A 89 8.01 -6.66 14.61
CA PRO A 89 8.97 -5.71 15.14
C PRO A 89 10.38 -5.93 14.57
N PHE A 90 11.27 -4.96 14.79
CA PHE A 90 12.68 -4.91 14.39
C PHE A 90 12.88 -5.48 12.97
N SER A 91 11.98 -5.12 12.04
CA SER A 91 11.98 -5.58 10.66
C SER A 91 11.75 -4.38 9.75
N HIS A 92 12.24 -4.43 8.51
CA HIS A 92 11.87 -3.44 7.50
C HIS A 92 10.70 -4.01 6.71
N TYR A 93 9.80 -3.14 6.27
CA TYR A 93 8.70 -3.49 5.41
C TYR A 93 8.59 -2.46 4.30
N THR A 94 8.03 -2.89 3.19
CA THR A 94 7.71 -2.04 2.05
C THR A 94 6.23 -2.27 1.72
N LEU A 95 5.51 -1.22 1.30
CA LEU A 95 4.08 -1.24 0.97
C LEU A 95 3.79 -0.19 -0.09
N ASN A 96 2.65 -0.27 -0.77
CA ASN A 96 2.15 0.77 -1.71
C ASN A 96 0.63 0.74 -1.77
N VAL A 97 0.00 1.88 -2.08
CA VAL A 97 -1.45 2.08 -2.08
C VAL A 97 -1.95 2.04 -3.52
N ARG A 98 -3.12 1.46 -3.77
CA ARG A 98 -3.75 1.34 -5.09
C ARG A 98 -5.23 1.66 -4.96
N VAL A 99 -5.80 2.40 -5.90
CA VAL A 99 -7.23 2.67 -5.91
C VAL A 99 -7.94 1.51 -6.61
N VAL A 100 -9.19 1.27 -6.25
CA VAL A 100 -10.05 0.25 -6.80
C VAL A 100 -11.42 0.91 -6.99
N ASN A 101 -12.05 0.70 -8.14
CA ASN A 101 -13.40 1.17 -8.43
C ASN A 101 -14.26 0.00 -8.93
N GLY A 102 -15.49 0.28 -9.34
CA GLY A 102 -16.45 -0.75 -9.73
C GLY A 102 -16.06 -1.52 -10.99
N LYS A 103 -15.02 -1.11 -11.70
CA LYS A 103 -14.53 -1.69 -12.93
C LYS A 103 -13.24 -2.46 -12.69
N GLY A 104 -12.33 -1.97 -11.86
CA GLY A 104 -11.07 -2.63 -11.55
C GLY A 104 -10.18 -1.72 -10.72
N GLU A 105 -8.94 -2.17 -10.49
CA GLU A 105 -7.90 -1.27 -9.99
C GLU A 105 -7.42 -0.33 -11.11
N GLY A 106 -6.67 0.69 -10.72
CA GLY A 106 -5.79 1.48 -11.56
C GLY A 106 -4.38 1.39 -10.99
N PRO A 107 -3.47 2.34 -11.29
CA PRO A 107 -2.09 2.26 -10.82
C PRO A 107 -1.98 2.32 -9.29
N ALA A 108 -0.86 1.81 -8.82
CA ALA A 108 -0.41 1.92 -7.45
C ALA A 108 0.51 3.14 -7.34
N SER A 109 0.43 3.84 -6.22
CA SER A 109 1.25 5.00 -5.87
C SER A 109 2.69 4.58 -5.56
N PRO A 110 3.61 5.52 -5.31
CA PRO A 110 5.01 5.20 -5.04
C PRO A 110 5.09 4.35 -3.77
N ASP A 111 5.91 3.31 -3.79
CA ASP A 111 6.19 2.50 -2.61
C ASP A 111 6.82 3.34 -1.51
N ARG A 112 6.62 2.91 -0.28
CA ARG A 112 7.14 3.53 0.93
C ARG A 112 7.71 2.43 1.80
N VAL A 113 8.38 2.86 2.85
CA VAL A 113 9.04 1.96 3.79
C VAL A 113 8.78 2.39 5.22
N PHE A 114 8.90 1.44 6.14
CA PHE A 114 8.87 1.68 7.58
C PHE A 114 9.67 0.56 8.24
N ASN A 115 10.41 0.87 9.31
CA ASN A 115 11.07 -0.09 10.16
C ASN A 115 10.38 -0.04 11.52
N THR A 116 10.15 -1.20 12.09
CA THR A 116 9.45 -1.35 13.34
C THR A 116 10.45 -1.34 14.50
N PRO A 117 10.05 -0.89 15.71
CA PRO A 117 10.97 -0.42 16.74
C PRO A 117 11.88 -1.53 17.27
N GLU A 118 11.36 -2.47 18.08
CA GLU A 118 12.15 -3.58 18.59
C GLU A 118 11.31 -4.81 18.94
N GLY A 119 10.14 -4.61 19.52
CA GLY A 119 9.36 -5.68 20.13
C GLY A 119 8.50 -5.18 21.28
N SER A 120 7.82 -6.11 21.95
CA SER A 120 7.10 -5.98 23.22
C SER A 120 6.34 -7.29 23.45
N GLY A 121 6.38 -7.82 24.67
CA GLY A 121 5.78 -9.10 25.03
C GLY A 121 6.76 -9.95 25.85
N PRO A 122 6.34 -11.13 26.33
CA PRO A 122 7.12 -12.00 27.21
C PRO A 122 8.18 -12.80 26.43
N SER A 123 8.92 -12.15 25.54
CA SER A 123 10.10 -12.73 24.90
C SER A 123 11.15 -13.06 25.96
N SER A 124 12.06 -13.99 25.68
CA SER A 124 13.15 -14.35 26.59
C SER A 124 14.35 -14.88 25.81
N GLY A 125 14.14 -15.84 24.91
CA GLY A 125 15.15 -16.43 24.06
C GLY A 125 14.45 -17.16 22.92
N GLY A 1 8.62 15.98 -13.40
CA GLY A 1 9.56 14.86 -13.44
C GLY A 1 8.95 13.60 -14.06
N SER A 2 8.31 13.71 -15.22
CA SER A 2 7.83 12.62 -16.06
C SER A 2 7.88 13.11 -17.51
N SER A 3 7.82 12.21 -18.49
CA SER A 3 7.80 12.57 -19.89
C SER A 3 7.14 11.43 -20.66
N GLY A 4 5.85 11.58 -20.94
CA GLY A 4 5.00 10.53 -21.53
C GLY A 4 4.01 10.03 -20.48
N SER A 5 2.95 9.37 -20.92
CA SER A 5 1.89 8.87 -20.05
C SER A 5 1.36 7.53 -20.55
N SER A 6 1.19 7.36 -21.86
CA SER A 6 0.53 6.20 -22.49
C SER A 6 -0.93 6.06 -22.00
N GLY A 7 -1.65 5.02 -22.43
CA GLY A 7 -2.99 4.71 -21.92
C GLY A 7 -4.02 4.60 -23.03
N HIS A 8 -4.56 3.38 -23.23
CA HIS A 8 -5.52 3.06 -24.28
C HIS A 8 -6.66 2.25 -23.68
N SER A 9 -7.89 2.60 -24.05
CA SER A 9 -9.14 2.05 -23.52
C SER A 9 -9.28 2.34 -22.01
N GLY A 10 -10.46 2.03 -21.48
CA GLY A 10 -10.90 2.35 -20.14
C GLY A 10 -12.16 3.18 -20.26
N GLU A 11 -13.33 2.56 -20.09
CA GLU A 11 -14.55 3.27 -19.78
C GLU A 11 -14.43 3.81 -18.36
N ASP A 12 -14.72 2.99 -17.35
CA ASP A 12 -14.95 3.45 -15.99
C ASP A 12 -13.77 3.17 -15.07
N LEU A 13 -12.65 2.63 -15.60
CA LEU A 13 -11.41 2.38 -14.85
C LEU A 13 -10.80 3.71 -14.36
N PRO A 14 -10.02 3.69 -13.26
CA PRO A 14 -9.38 4.89 -12.72
C PRO A 14 -8.24 5.42 -13.60
N MET A 15 -7.56 6.46 -13.13
CA MET A 15 -6.45 7.14 -13.81
C MET A 15 -5.23 7.20 -12.90
N VAL A 16 -5.35 7.82 -11.72
CA VAL A 16 -4.21 8.17 -10.89
C VAL A 16 -4.32 7.54 -9.49
N ALA A 17 -3.17 7.24 -8.90
CA ALA A 17 -2.98 6.73 -7.57
C ALA A 17 -2.89 7.89 -6.57
N PRO A 18 -2.95 7.63 -5.24
CA PRO A 18 -2.80 8.67 -4.25
C PRO A 18 -1.44 9.38 -4.32
N GLY A 19 -1.42 10.62 -3.82
CA GLY A 19 -0.22 11.38 -3.55
C GLY A 19 0.49 10.85 -2.30
N ASN A 20 1.55 11.55 -1.90
CA ASN A 20 2.61 11.12 -0.99
C ASN A 20 2.12 10.26 0.15
N VAL A 21 2.38 8.96 0.03
CA VAL A 21 2.06 8.02 1.06
C VAL A 21 3.08 8.24 2.18
N ARG A 22 2.61 8.18 3.43
CA ARG A 22 3.43 8.22 4.64
C ARG A 22 2.97 7.07 5.51
N VAL A 23 3.80 6.58 6.41
CA VAL A 23 3.42 5.48 7.27
C VAL A 23 4.08 5.66 8.63
N ASN A 24 3.26 5.81 9.66
CA ASN A 24 3.71 5.95 11.04
C ASN A 24 3.65 4.60 11.73
N VAL A 25 4.77 4.14 12.24
CA VAL A 25 4.83 2.88 12.98
C VAL A 25 4.50 3.18 14.43
N VAL A 26 3.30 2.75 14.86
CA VAL A 26 2.83 2.93 16.22
C VAL A 26 3.62 2.01 17.15
N ASN A 27 3.62 0.71 16.86
CA ASN A 27 4.01 -0.34 17.79
C ASN A 27 5.02 -1.27 17.13
N SER A 28 5.39 -2.36 17.81
CA SER A 28 6.30 -3.36 17.23
C SER A 28 5.65 -4.11 16.07
N THR A 29 4.33 -4.23 16.07
CA THR A 29 3.58 -5.13 15.21
C THR A 29 2.44 -4.40 14.48
N LEU A 30 2.38 -3.07 14.60
CA LEU A 30 1.34 -2.21 14.09
C LEU A 30 2.00 -0.97 13.49
N ALA A 31 1.48 -0.53 12.37
CA ALA A 31 1.75 0.75 11.75
C ALA A 31 0.45 1.28 11.18
N GLU A 32 0.48 2.51 10.69
CA GLU A 32 -0.58 3.20 10.03
C GLU A 32 -0.05 3.82 8.77
N VAL A 33 -0.90 3.97 7.78
CA VAL A 33 -0.53 4.43 6.46
C VAL A 33 -1.44 5.60 6.14
N HIS A 34 -0.85 6.68 5.61
CA HIS A 34 -1.47 7.95 5.36
C HIS A 34 -1.36 8.20 3.85
N TRP A 35 -2.45 8.52 3.16
CA TRP A 35 -2.46 8.86 1.73
C TRP A 35 -3.47 9.98 1.46
N ASP A 36 -3.60 10.40 0.20
CA ASP A 36 -4.42 11.56 -0.19
C ASP A 36 -5.71 11.13 -0.92
N PRO A 37 -6.83 11.84 -0.72
CA PRO A 37 -8.10 11.54 -1.36
C PRO A 37 -8.14 12.06 -2.79
N VAL A 38 -7.83 11.17 -3.73
CA VAL A 38 -7.75 11.52 -5.15
C VAL A 38 -9.13 11.97 -5.68
N PRO A 39 -9.15 12.75 -6.77
CA PRO A 39 -10.36 13.39 -7.27
C PRO A 39 -11.22 12.37 -7.99
N LEU A 40 -12.56 12.49 -7.92
CA LEU A 40 -13.45 11.48 -8.49
C LEU A 40 -13.29 11.37 -9.99
N LYS A 41 -12.95 12.48 -10.68
CA LYS A 41 -12.66 12.46 -12.09
C LYS A 41 -11.50 11.53 -12.41
N SER A 42 -10.48 11.40 -11.54
CA SER A 42 -9.44 10.40 -11.74
C SER A 42 -10.04 8.99 -11.67
N ILE A 43 -10.93 8.75 -10.70
CA ILE A 43 -11.51 7.44 -10.45
C ILE A 43 -12.36 7.01 -11.65
N ARG A 44 -12.99 7.95 -12.36
CA ARG A 44 -13.93 7.76 -13.48
C ARG A 44 -15.13 6.87 -13.18
N GLY A 45 -15.23 6.31 -11.97
CA GLY A 45 -16.22 5.35 -11.54
C GLY A 45 -16.38 5.42 -10.04
N HIS A 46 -16.85 4.32 -9.44
CA HIS A 46 -17.19 4.23 -8.01
C HIS A 46 -16.11 3.47 -7.25
N LEU A 47 -15.37 4.20 -6.41
CA LEU A 47 -14.35 3.70 -5.48
C LEU A 47 -14.91 2.49 -4.71
N GLN A 48 -14.40 1.29 -4.97
CA GLN A 48 -14.69 0.10 -4.17
C GLN A 48 -13.74 0.00 -2.97
N GLY A 49 -12.68 0.78 -2.98
CA GLY A 49 -11.80 0.97 -1.85
C GLY A 49 -10.40 1.25 -2.35
N TYR A 50 -9.50 1.33 -1.39
CA TYR A 50 -8.08 1.28 -1.65
C TYR A 50 -7.62 -0.14 -1.29
N ARG A 51 -6.52 -0.59 -1.88
CA ARG A 51 -5.84 -1.83 -1.50
C ARG A 51 -4.42 -1.42 -1.12
N ILE A 52 -3.83 -2.08 -0.15
CA ILE A 52 -2.43 -1.92 0.20
C ILE A 52 -1.79 -3.27 -0.06
N TYR A 53 -0.81 -3.34 -0.95
CA TYR A 53 0.08 -4.49 -0.99
C TYR A 53 1.27 -4.16 -0.12
N TYR A 54 1.92 -5.16 0.49
CA TYR A 54 3.10 -5.02 1.32
C TYR A 54 3.84 -6.35 1.39
N TRP A 55 5.11 -6.33 1.75
CA TRP A 55 5.89 -7.52 2.04
C TRP A 55 6.96 -7.22 3.09
N LYS A 56 7.42 -8.26 3.79
CA LYS A 56 8.56 -8.17 4.70
C LYS A 56 9.77 -7.94 3.79
N THR A 57 10.52 -6.88 4.08
CA THR A 57 11.75 -6.57 3.35
C THR A 57 12.88 -6.99 4.28
N GLN A 58 13.77 -7.83 3.79
CA GLN A 58 14.80 -8.51 4.55
C GLN A 58 15.90 -8.90 3.58
N SER A 59 17.11 -8.41 3.79
CA SER A 59 18.21 -8.48 2.84
C SER A 59 18.67 -9.93 2.70
N SER A 60 18.40 -10.54 1.54
CA SER A 60 18.67 -11.93 1.23
C SER A 60 20.04 -12.06 0.57
N SER A 61 20.97 -12.77 1.21
CA SER A 61 22.20 -13.21 0.56
C SER A 61 21.83 -14.16 -0.59
N LYS A 62 22.73 -14.20 -1.58
CA LYS A 62 22.59 -14.80 -2.89
C LYS A 62 22.06 -16.23 -2.84
N ARG A 63 20.75 -16.43 -3.05
CA ARG A 63 20.12 -17.74 -3.12
C ARG A 63 19.18 -17.77 -4.32
N ASN A 64 19.41 -18.69 -5.25
CA ASN A 64 18.49 -18.94 -6.35
C ASN A 64 17.18 -19.51 -5.78
N ARG A 65 16.11 -19.38 -6.57
CA ARG A 65 14.81 -20.00 -6.36
C ARG A 65 14.21 -19.62 -5.01
N ARG A 66 13.73 -18.37 -4.92
CA ARG A 66 13.09 -17.77 -3.75
C ARG A 66 11.98 -16.87 -4.28
N HIS A 67 10.76 -16.93 -3.74
CA HIS A 67 9.64 -16.12 -4.22
C HIS A 67 9.08 -15.34 -3.03
N ILE A 68 9.26 -14.02 -3.04
CA ILE A 68 8.75 -13.10 -2.01
C ILE A 68 7.25 -13.32 -1.88
N GLU A 69 6.75 -13.44 -0.65
CA GLU A 69 5.35 -13.64 -0.33
C GLU A 69 4.73 -12.26 -0.20
N LYS A 70 4.21 -11.78 -1.33
CA LYS A 70 3.50 -10.50 -1.35
C LYS A 70 2.19 -10.65 -0.60
N LYS A 71 1.87 -9.68 0.24
CA LYS A 71 0.76 -9.64 1.15
C LYS A 71 -0.16 -8.49 0.78
N ILE A 72 -1.42 -8.57 1.20
CA ILE A 72 -2.48 -7.68 0.79
C ILE A 72 -3.29 -7.29 2.02
N LEU A 73 -3.74 -6.04 2.07
CA LEU A 73 -4.72 -5.49 2.98
C LEU A 73 -5.76 -4.75 2.14
N THR A 74 -6.97 -4.65 2.67
CA THR A 74 -8.14 -4.20 1.92
C THR A 74 -8.87 -3.18 2.78
N PHE A 75 -9.15 -2.01 2.21
CA PHE A 75 -9.70 -0.87 2.93
C PHE A 75 -10.78 -0.22 2.08
N GLN A 76 -12.01 -0.69 2.23
CA GLN A 76 -13.18 -0.15 1.56
C GLN A 76 -13.54 1.22 2.13
N GLY A 77 -14.16 2.05 1.29
CA GLY A 77 -14.67 3.36 1.65
C GLY A 77 -13.72 4.49 1.24
N SER A 78 -14.22 5.72 1.21
CA SER A 78 -13.45 6.95 0.95
C SER A 78 -12.70 7.40 2.22
N LYS A 79 -11.84 6.53 2.74
CA LYS A 79 -10.88 6.84 3.79
C LYS A 79 -9.62 7.43 3.18
N THR A 80 -8.74 7.93 4.03
CA THR A 80 -7.44 8.52 3.70
C THR A 80 -6.34 8.05 4.66
N HIS A 81 -6.66 7.11 5.55
CA HIS A 81 -5.67 6.38 6.34
C HIS A 81 -6.13 4.94 6.52
N GLY A 82 -5.22 4.03 6.85
CA GLY A 82 -5.50 2.62 7.13
C GLY A 82 -4.26 1.92 7.71
N MET A 83 -4.48 0.93 8.58
CA MET A 83 -3.42 0.33 9.38
C MET A 83 -2.58 -0.68 8.59
N LEU A 84 -1.46 -1.12 9.17
CA LEU A 84 -0.68 -2.29 8.80
C LEU A 84 -0.52 -3.10 10.09
N PRO A 85 -1.34 -4.11 10.36
CA PRO A 85 -1.17 -5.01 11.51
C PRO A 85 -0.51 -6.33 11.10
N GLY A 86 0.04 -7.06 12.08
CA GLY A 86 0.74 -8.32 11.84
C GLY A 86 2.10 -8.09 11.20
N LEU A 87 2.74 -7.00 11.60
CA LEU A 87 4.11 -6.67 11.25
C LEU A 87 5.00 -7.36 12.26
N GLU A 88 6.27 -7.49 11.92
CA GLU A 88 7.27 -8.19 12.69
C GLU A 88 8.29 -7.15 13.16
N PRO A 89 8.62 -7.13 14.46
CA PRO A 89 9.54 -6.16 15.03
C PRO A 89 10.96 -6.32 14.48
N PHE A 90 11.79 -5.31 14.74
CA PHE A 90 13.18 -5.18 14.32
C PHE A 90 13.42 -5.60 12.86
N SER A 91 12.65 -5.04 11.92
CA SER A 91 12.77 -5.30 10.50
C SER A 91 12.30 -4.10 9.69
N HIS A 92 12.35 -4.24 8.35
CA HIS A 92 11.84 -3.28 7.38
C HIS A 92 10.70 -3.92 6.61
N TYR A 93 9.90 -3.08 5.95
CA TYR A 93 8.81 -3.49 5.09
C TYR A 93 8.85 -2.66 3.82
N THR A 94 8.11 -3.09 2.81
CA THR A 94 7.65 -2.23 1.74
C THR A 94 6.13 -2.41 1.68
N LEU A 95 5.39 -1.36 1.33
CA LEU A 95 3.97 -1.38 0.98
C LEU A 95 3.75 -0.43 -0.19
N ASN A 96 2.61 -0.54 -0.86
CA ASN A 96 2.11 0.50 -1.76
C ASN A 96 0.58 0.49 -1.75
N VAL A 97 -0.01 1.68 -1.87
CA VAL A 97 -1.46 1.89 -1.93
C VAL A 97 -1.85 1.86 -3.41
N ARG A 98 -3.09 1.46 -3.72
CA ARG A 98 -3.62 1.41 -5.09
C ARG A 98 -5.12 1.67 -5.00
N VAL A 99 -5.71 2.38 -5.97
CA VAL A 99 -7.14 2.63 -5.98
C VAL A 99 -7.83 1.48 -6.75
N VAL A 100 -9.03 1.11 -6.34
CA VAL A 100 -9.86 0.05 -6.92
C VAL A 100 -11.28 0.60 -7.05
N ASN A 101 -11.98 0.23 -8.12
CA ASN A 101 -13.33 0.70 -8.42
C ASN A 101 -14.16 -0.40 -9.09
N GLY A 102 -15.38 -0.07 -9.52
CA GLY A 102 -16.35 -1.02 -10.03
C GLY A 102 -15.92 -1.73 -11.31
N LYS A 103 -14.82 -1.30 -11.95
CA LYS A 103 -14.35 -1.78 -13.24
C LYS A 103 -12.99 -2.46 -13.16
N GLY A 104 -12.19 -2.14 -12.14
CA GLY A 104 -10.85 -2.68 -12.00
C GLY A 104 -10.04 -1.83 -11.03
N GLU A 105 -8.73 -1.83 -11.20
CA GLU A 105 -7.81 -1.10 -10.34
C GLU A 105 -6.89 -0.20 -11.18
N GLY A 106 -6.34 0.80 -10.51
CA GLY A 106 -5.51 1.82 -11.13
C GLY A 106 -4.03 1.57 -10.92
N PRO A 107 -3.21 2.59 -11.19
CA PRO A 107 -1.82 2.55 -10.80
C PRO A 107 -1.70 2.62 -9.28
N ALA A 108 -0.50 2.31 -8.81
CA ALA A 108 -0.14 2.33 -7.41
C ALA A 108 0.62 3.61 -7.14
N SER A 109 0.51 4.11 -5.92
CA SER A 109 1.23 5.30 -5.48
C SER A 109 2.70 4.94 -5.24
N PRO A 110 3.62 5.92 -5.12
CA PRO A 110 5.03 5.65 -4.90
C PRO A 110 5.25 4.78 -3.67
N ASP A 111 5.91 3.63 -3.84
CA ASP A 111 6.05 2.56 -2.87
C ASP A 111 6.75 3.13 -1.65
N ARG A 112 6.36 2.68 -0.46
CA ARG A 112 6.86 3.21 0.79
C ARG A 112 7.50 2.12 1.60
N VAL A 113 8.28 2.52 2.58
CA VAL A 113 8.93 1.65 3.52
C VAL A 113 8.57 2.11 4.92
N PHE A 114 8.84 1.28 5.91
CA PHE A 114 8.80 1.65 7.30
C PHE A 114 9.67 0.65 8.07
N ASN A 115 10.11 1.02 9.27
CA ASN A 115 10.93 0.20 10.14
C ASN A 115 10.17 -0.07 11.43
N THR A 116 10.33 -1.27 11.97
CA THR A 116 9.69 -1.64 13.22
C THR A 116 10.68 -1.49 14.37
N PRO A 117 10.22 -1.05 15.56
CA PRO A 117 11.04 -1.03 16.77
C PRO A 117 11.36 -2.48 17.17
N GLU A 118 12.30 -2.65 18.10
CA GLU A 118 12.95 -3.93 18.34
C GLU A 118 12.02 -5.05 18.81
N GLY A 119 10.89 -4.66 19.40
CA GLY A 119 9.94 -5.55 20.06
C GLY A 119 9.57 -4.92 21.39
N SER A 120 8.87 -3.79 21.36
CA SER A 120 8.42 -3.08 22.54
C SER A 120 7.49 -4.01 23.29
N GLY A 121 7.96 -4.54 24.42
CA GLY A 121 7.47 -5.77 25.00
C GLY A 121 6.67 -5.51 26.27
N PRO A 122 6.22 -6.59 26.93
CA PRO A 122 5.61 -6.49 28.25
C PRO A 122 6.62 -5.97 29.28
N SER A 123 7.83 -6.51 29.23
CA SER A 123 9.04 -6.02 29.86
C SER A 123 8.83 -5.70 31.34
N SER A 124 8.45 -6.71 32.12
CA SER A 124 8.34 -6.84 33.59
C SER A 124 6.93 -7.31 34.01
N GLY A 125 6.41 -8.36 33.36
CA GLY A 125 5.16 -9.02 33.72
C GLY A 125 4.69 -9.95 32.62
N GLY A 1 6.29 -0.74 -43.49
CA GLY A 1 5.92 -0.29 -42.15
C GLY A 1 4.52 -0.77 -41.77
N SER A 2 4.13 -0.53 -40.53
CA SER A 2 2.83 -0.95 -39.97
C SER A 2 2.03 0.30 -39.57
N SER A 3 0.77 0.12 -39.17
CA SER A 3 -0.09 1.18 -38.61
C SER A 3 -1.28 0.49 -37.93
N GLY A 4 -2.24 1.28 -37.45
CA GLY A 4 -3.52 0.83 -36.93
C GLY A 4 -3.45 0.40 -35.46
N SER A 5 -4.61 -0.01 -34.95
CA SER A 5 -5.05 -0.47 -33.61
C SER A 5 -6.27 0.35 -33.18
N SER A 6 -7.08 -0.17 -32.26
CA SER A 6 -8.29 0.46 -31.73
C SER A 6 -8.74 -0.27 -30.46
N GLY A 7 -9.71 0.31 -29.75
CA GLY A 7 -10.34 -0.23 -28.55
C GLY A 7 -11.11 0.85 -27.82
N HIS A 8 -12.43 0.69 -27.71
CA HIS A 8 -13.29 1.32 -26.72
C HIS A 8 -14.56 0.45 -26.56
N SER A 9 -15.25 0.55 -25.42
CA SER A 9 -16.45 -0.20 -25.05
C SER A 9 -17.06 0.43 -23.78
N GLY A 10 -16.19 0.83 -22.85
CA GLY A 10 -16.51 1.55 -21.63
C GLY A 10 -15.26 1.49 -20.77
N GLU A 11 -15.16 0.49 -19.89
CA GLU A 11 -14.03 0.21 -19.03
C GLU A 11 -13.60 1.45 -18.25
N ASP A 12 -14.49 1.86 -17.36
CA ASP A 12 -14.51 3.16 -16.71
C ASP A 12 -13.20 3.49 -15.99
N LEU A 13 -12.60 2.49 -15.32
CA LEU A 13 -11.27 2.33 -14.70
C LEU A 13 -10.55 3.56 -14.07
N PRO A 14 -9.86 3.39 -12.93
CA PRO A 14 -9.11 4.48 -12.28
C PRO A 14 -7.92 4.96 -13.14
N MET A 15 -7.42 6.16 -12.85
CA MET A 15 -6.45 6.87 -13.69
C MET A 15 -5.16 7.31 -12.99
N VAL A 16 -5.18 7.54 -11.68
CA VAL A 16 -4.02 8.00 -10.89
C VAL A 16 -3.97 7.30 -9.53
N ALA A 17 -2.85 7.46 -8.82
CA ALA A 17 -2.55 6.91 -7.51
C ALA A 17 -2.62 8.02 -6.44
N PRO A 18 -2.73 7.67 -5.15
CA PRO A 18 -2.89 8.66 -4.09
C PRO A 18 -1.70 9.61 -3.94
N GLY A 19 -1.95 10.79 -3.38
CA GLY A 19 -0.91 11.75 -3.08
C GLY A 19 -0.09 11.33 -1.85
N ASN A 20 1.05 11.99 -1.67
CA ASN A 20 2.21 11.63 -0.84
C ASN A 20 1.93 10.61 0.27
N VAL A 21 2.16 9.33 -0.02
CA VAL A 21 1.94 8.28 0.96
C VAL A 21 2.93 8.48 2.11
N ARG A 22 2.41 8.46 3.32
CA ARG A 22 3.21 8.42 4.56
C ARG A 22 2.87 7.15 5.30
N VAL A 23 3.70 6.72 6.22
CA VAL A 23 3.42 5.60 7.11
C VAL A 23 4.09 5.90 8.43
N ASN A 24 3.42 5.62 9.54
CA ASN A 24 4.00 5.65 10.86
C ASN A 24 3.80 4.31 11.55
N VAL A 25 4.88 3.69 12.02
CA VAL A 25 4.79 2.56 12.93
C VAL A 25 4.32 3.05 14.30
N VAL A 26 3.02 2.83 14.55
CA VAL A 26 2.31 3.14 15.77
C VAL A 26 2.90 2.34 16.94
N ASN A 27 2.92 1.02 16.80
CA ASN A 27 3.48 0.09 17.78
C ASN A 27 4.36 -0.89 17.01
N SER A 28 5.09 -1.73 17.73
CA SER A 28 5.99 -2.74 17.17
C SER A 28 5.29 -3.84 16.35
N THR A 29 3.98 -3.80 16.18
CA THR A 29 3.15 -4.78 15.46
C THR A 29 2.15 -4.12 14.52
N LEU A 30 2.13 -2.78 14.49
CA LEU A 30 1.03 -1.99 14.00
C LEU A 30 1.54 -0.69 13.39
N ALA A 31 1.29 -0.44 12.11
CA ALA A 31 1.71 0.79 11.45
C ALA A 31 0.53 1.43 10.74
N GLU A 32 0.29 2.72 10.92
CA GLU A 32 -0.63 3.47 10.09
C GLU A 32 0.08 3.75 8.77
N VAL A 33 -0.67 3.77 7.67
CA VAL A 33 -0.29 4.33 6.40
C VAL A 33 -1.28 5.47 6.17
N HIS A 34 -0.80 6.60 5.63
CA HIS A 34 -1.59 7.80 5.33
C HIS A 34 -1.46 8.08 3.85
N TRP A 35 -2.47 8.71 3.24
CA TRP A 35 -2.41 9.13 1.86
C TRP A 35 -3.33 10.34 1.61
N ASP A 36 -3.02 11.13 0.59
CA ASP A 36 -3.93 12.15 0.07
C ASP A 36 -4.94 11.48 -0.87
N PRO A 37 -6.23 11.84 -0.76
CA PRO A 37 -7.32 11.14 -1.44
C PRO A 37 -7.29 11.43 -2.93
N VAL A 38 -7.33 10.40 -3.78
CA VAL A 38 -7.51 10.65 -5.20
C VAL A 38 -8.95 11.16 -5.46
N PRO A 39 -9.16 11.96 -6.51
CA PRO A 39 -10.44 12.61 -6.79
C PRO A 39 -11.37 11.69 -7.56
N LEU A 40 -12.67 11.96 -7.53
CA LEU A 40 -13.68 11.16 -8.22
C LEU A 40 -13.43 11.11 -9.73
N LYS A 41 -12.93 12.19 -10.32
CA LYS A 41 -12.58 12.19 -11.74
C LYS A 41 -11.40 11.29 -12.06
N SER A 42 -10.53 10.96 -11.11
CA SER A 42 -9.52 9.93 -11.37
C SER A 42 -10.17 8.55 -11.29
N ILE A 43 -11.07 8.35 -10.32
CA ILE A 43 -11.72 7.08 -10.03
C ILE A 43 -12.65 6.70 -11.19
N ARG A 44 -13.26 7.68 -11.88
CA ARG A 44 -14.17 7.49 -13.00
C ARG A 44 -15.27 6.48 -12.62
N GLY A 45 -16.05 6.80 -11.59
CA GLY A 45 -17.04 5.88 -11.04
C GLY A 45 -16.97 5.90 -9.51
N HIS A 46 -17.27 4.76 -8.90
CA HIS A 46 -17.38 4.59 -7.46
C HIS A 46 -16.15 3.89 -6.91
N LEU A 47 -15.50 4.55 -5.96
CA LEU A 47 -14.41 4.05 -5.13
C LEU A 47 -14.85 2.76 -4.43
N GLN A 48 -14.28 1.62 -4.81
CA GLN A 48 -14.46 0.35 -4.11
C GLN A 48 -13.65 0.27 -2.81
N GLY A 49 -12.69 1.16 -2.63
CA GLY A 49 -11.90 1.28 -1.43
C GLY A 49 -10.49 1.69 -1.77
N TYR A 50 -9.59 1.52 -0.82
CA TYR A 50 -8.14 1.56 -1.01
C TYR A 50 -7.60 0.15 -0.80
N ARG A 51 -6.51 -0.18 -1.51
CA ARG A 51 -5.84 -1.48 -1.42
C ARG A 51 -4.39 -1.17 -1.11
N ILE A 52 -3.75 -1.98 -0.25
CA ILE A 52 -2.34 -1.83 0.06
C ILE A 52 -1.72 -3.21 -0.14
N TYR A 53 -0.72 -3.29 -1.01
CA TYR A 53 0.18 -4.42 -1.14
C TYR A 53 1.37 -4.11 -0.23
N TYR A 54 2.01 -5.11 0.37
CA TYR A 54 3.22 -4.98 1.17
C TYR A 54 3.97 -6.31 1.24
N TRP A 55 5.23 -6.28 1.66
CA TRP A 55 6.01 -7.47 1.99
C TRP A 55 7.04 -7.17 3.08
N LYS A 56 7.55 -8.21 3.72
CA LYS A 56 8.70 -8.23 4.62
C LYS A 56 9.95 -7.96 3.78
N THR A 57 10.85 -7.12 4.26
CA THR A 57 12.06 -6.69 3.58
C THR A 57 13.23 -6.94 4.54
N GLN A 58 14.41 -7.33 4.02
CA GLN A 58 15.57 -7.78 4.79
C GLN A 58 15.23 -8.91 5.78
N SER A 59 15.05 -10.11 5.25
CA SER A 59 14.68 -11.31 5.99
C SER A 59 15.58 -12.48 5.56
N SER A 60 15.34 -13.05 4.37
CA SER A 60 15.95 -14.28 3.87
C SER A 60 17.47 -14.25 3.95
N SER A 61 18.07 -15.43 4.16
CA SER A 61 19.51 -15.66 4.25
C SER A 61 20.24 -15.07 3.05
N LYS A 62 21.46 -14.57 3.29
CA LYS A 62 22.39 -14.06 2.28
C LYS A 62 22.46 -15.02 1.10
N ARG A 63 21.99 -14.58 -0.08
CA ARG A 63 21.93 -15.36 -1.32
C ARG A 63 21.53 -16.82 -1.11
N ASN A 64 20.28 -17.05 -0.70
CA ASN A 64 19.82 -18.40 -0.36
C ASN A 64 18.33 -18.58 -0.66
N ARG A 65 17.99 -18.83 -1.94
CA ARG A 65 16.63 -18.81 -2.53
C ARG A 65 16.08 -17.37 -2.54
N ARG A 66 14.88 -17.16 -3.09
CA ARG A 66 14.21 -15.84 -3.10
C ARG A 66 12.69 -16.00 -3.10
N HIS A 67 12.14 -16.68 -2.10
CA HIS A 67 10.70 -16.77 -1.85
C HIS A 67 10.25 -15.51 -1.11
N ILE A 68 9.28 -14.79 -1.68
CA ILE A 68 8.74 -13.54 -1.18
C ILE A 68 7.22 -13.67 -1.31
N GLU A 69 6.52 -13.50 -0.21
CA GLU A 69 5.09 -13.24 -0.20
C GLU A 69 4.86 -11.77 -0.58
N LYS A 70 3.68 -11.43 -1.07
CA LYS A 70 3.22 -10.04 -1.18
C LYS A 70 1.86 -10.01 -0.51
N LYS A 71 1.84 -9.67 0.78
CA LYS A 71 0.61 -9.57 1.52
C LYS A 71 -0.18 -8.38 1.01
N ILE A 72 -1.49 -8.47 1.16
CA ILE A 72 -2.41 -7.40 0.80
C ILE A 72 -3.20 -7.03 2.06
N LEU A 73 -3.76 -5.83 2.06
CA LEU A 73 -4.78 -5.34 2.97
C LEU A 73 -5.88 -4.73 2.12
N THR A 74 -7.11 -4.95 2.56
CA THR A 74 -8.32 -4.52 1.87
C THR A 74 -9.00 -3.46 2.74
N PHE A 75 -9.22 -2.26 2.20
CA PHE A 75 -9.78 -1.13 2.92
C PHE A 75 -10.94 -0.56 2.11
N GLN A 76 -12.11 -1.19 2.20
CA GLN A 76 -13.31 -0.57 1.65
C GLN A 76 -13.57 0.72 2.44
N GLY A 77 -14.27 1.64 1.80
CA GLY A 77 -14.63 2.95 2.32
C GLY A 77 -13.60 4.00 1.95
N SER A 78 -14.02 5.27 1.96
CA SER A 78 -13.26 6.41 1.43
C SER A 78 -12.16 6.92 2.36
N LYS A 79 -11.51 6.04 3.12
CA LYS A 79 -10.49 6.44 4.08
C LYS A 79 -9.30 7.11 3.42
N THR A 80 -8.54 7.85 4.23
CA THR A 80 -7.29 8.52 3.89
C THR A 80 -6.13 8.02 4.75
N HIS A 81 -6.38 6.97 5.54
CA HIS A 81 -5.38 6.22 6.27
C HIS A 81 -5.85 4.77 6.45
N GLY A 82 -4.99 3.88 6.93
CA GLY A 82 -5.36 2.53 7.34
C GLY A 82 -4.19 1.87 8.05
N MET A 83 -4.42 0.84 8.86
CA MET A 83 -3.35 0.21 9.63
C MET A 83 -2.81 -1.04 8.96
N LEU A 84 -1.58 -1.43 9.30
CA LEU A 84 -0.87 -2.67 9.00
C LEU A 84 -0.80 -3.45 10.33
N PRO A 85 -1.87 -4.17 10.74
CA PRO A 85 -1.84 -5.09 11.85
C PRO A 85 -1.36 -6.48 11.39
N GLY A 86 -0.75 -7.25 12.31
CA GLY A 86 -0.17 -8.56 12.04
C GLY A 86 1.22 -8.46 11.45
N LEU A 87 1.89 -7.33 11.71
CA LEU A 87 3.28 -7.11 11.38
C LEU A 87 4.08 -7.48 12.61
N GLU A 88 5.38 -7.59 12.40
CA GLU A 88 6.32 -7.99 13.43
C GLU A 88 7.37 -6.90 13.60
N PRO A 89 7.92 -6.75 14.81
CA PRO A 89 8.93 -5.76 15.09
C PRO A 89 10.26 -6.08 14.42
N PHE A 90 11.26 -5.23 14.66
CA PHE A 90 12.66 -5.51 14.39
C PHE A 90 12.88 -5.97 12.94
N SER A 91 12.12 -5.38 12.02
CA SER A 91 12.03 -5.77 10.62
C SER A 91 11.82 -4.52 9.76
N HIS A 92 12.21 -4.61 8.48
CA HIS A 92 11.93 -3.62 7.45
C HIS A 92 10.75 -4.13 6.63
N TYR A 93 9.99 -3.22 6.02
CA TYR A 93 8.84 -3.54 5.17
C TYR A 93 8.79 -2.57 4.02
N THR A 94 8.15 -3.01 2.93
CA THR A 94 7.80 -2.19 1.77
C THR A 94 6.28 -2.36 1.56
N LEU A 95 5.54 -1.29 1.24
CA LEU A 95 4.12 -1.32 0.89
C LEU A 95 3.83 -0.32 -0.22
N ASN A 96 2.70 -0.46 -0.93
CA ASN A 96 2.18 0.60 -1.79
C ASN A 96 0.67 0.50 -1.92
N VAL A 97 0.06 1.67 -2.01
CA VAL A 97 -1.37 1.90 -2.04
C VAL A 97 -1.82 1.87 -3.50
N ARG A 98 -3.07 1.48 -3.77
CA ARG A 98 -3.60 1.32 -5.12
C ARG A 98 -5.12 1.54 -5.05
N VAL A 99 -5.68 2.23 -6.04
CA VAL A 99 -7.06 2.70 -6.05
C VAL A 99 -7.91 1.81 -6.95
N VAL A 100 -9.10 1.41 -6.49
CA VAL A 100 -9.91 0.42 -7.18
C VAL A 100 -11.34 0.95 -7.28
N ASN A 101 -12.01 0.62 -8.38
CA ASN A 101 -13.41 0.90 -8.62
C ASN A 101 -14.09 -0.37 -9.16
N GLY A 102 -15.39 -0.27 -9.45
CA GLY A 102 -16.19 -1.37 -10.01
C GLY A 102 -15.88 -1.59 -11.48
N LYS A 103 -14.60 -1.76 -11.82
CA LYS A 103 -14.10 -2.14 -13.12
C LYS A 103 -12.67 -2.63 -13.01
N GLY A 104 -11.87 -2.12 -12.07
CA GLY A 104 -10.52 -2.60 -11.86
C GLY A 104 -9.63 -1.62 -11.12
N GLU A 105 -8.34 -1.95 -11.16
CA GLU A 105 -7.20 -1.25 -10.59
C GLU A 105 -6.66 -0.22 -11.60
N GLY A 106 -5.76 0.65 -11.14
CA GLY A 106 -4.97 1.61 -11.89
C GLY A 106 -3.54 1.66 -11.33
N PRO A 107 -2.81 2.77 -11.49
CA PRO A 107 -1.41 2.88 -11.09
C PRO A 107 -1.26 2.86 -9.58
N ALA A 108 -0.27 2.13 -9.11
CA ALA A 108 0.11 2.09 -7.71
C ALA A 108 0.78 3.40 -7.30
N SER A 109 0.77 3.69 -6.00
CA SER A 109 1.59 4.75 -5.42
C SER A 109 3.08 4.42 -5.62
N PRO A 110 4.00 5.33 -5.25
CA PRO A 110 5.34 4.92 -4.88
C PRO A 110 5.27 3.81 -3.82
N ASP A 111 6.15 2.83 -3.96
CA ASP A 111 6.52 1.89 -2.91
C ASP A 111 7.12 2.69 -1.76
N ARG A 112 6.34 2.81 -0.68
CA ARG A 112 6.80 3.39 0.57
C ARG A 112 7.43 2.27 1.39
N VAL A 113 8.16 2.64 2.44
CA VAL A 113 8.89 1.70 3.28
C VAL A 113 8.71 2.09 4.74
N PHE A 114 8.90 1.15 5.66
CA PHE A 114 8.92 1.42 7.08
C PHE A 114 9.79 0.40 7.80
N ASN A 115 10.61 0.87 8.74
CA ASN A 115 11.23 0.05 9.76
C ASN A 115 10.26 -0.03 10.93
N THR A 116 10.43 -1.04 11.77
CA THR A 116 9.74 -1.16 13.06
C THR A 116 10.78 -0.98 14.19
N PRO A 117 10.35 -0.69 15.43
CA PRO A 117 11.22 -0.76 16.58
C PRO A 117 11.48 -2.23 16.93
N GLU A 118 12.49 -2.51 17.77
CA GLU A 118 12.90 -3.87 18.13
C GLU A 118 11.80 -4.66 18.84
N GLY A 119 10.84 -3.95 19.44
CA GLY A 119 9.68 -4.52 20.10
C GLY A 119 10.02 -4.87 21.54
N SER A 120 9.77 -6.11 21.94
CA SER A 120 10.05 -6.61 23.28
C SER A 120 11.07 -7.75 23.18
N GLY A 121 11.86 -7.94 24.24
CA GLY A 121 12.84 -9.00 24.38
C GLY A 121 13.39 -8.98 25.80
N PRO A 122 14.19 -9.98 26.19
CA PRO A 122 14.73 -10.07 27.54
C PRO A 122 15.84 -9.04 27.77
N SER A 123 16.00 -8.63 29.02
CA SER A 123 17.15 -7.96 29.58
C SER A 123 17.20 -8.35 31.07
N SER A 124 18.29 -8.02 31.74
CA SER A 124 18.28 -7.83 33.20
C SER A 124 17.98 -6.35 33.46
N GLY A 125 17.84 -6.00 34.73
CA GLY A 125 18.30 -4.73 35.26
C GLY A 125 19.58 -5.00 36.05
N GLY A 1 1.05 5.86 -34.70
CA GLY A 1 0.16 6.99 -34.95
C GLY A 1 -1.30 6.57 -34.91
N SER A 2 -1.98 6.75 -33.77
CA SER A 2 -3.43 6.66 -33.71
C SER A 2 -4.00 7.83 -34.53
N SER A 3 -4.83 7.52 -35.53
CA SER A 3 -5.54 8.50 -36.32
C SER A 3 -6.81 8.91 -35.56
N GLY A 4 -6.69 9.74 -34.52
CA GLY A 4 -7.83 10.21 -33.77
C GLY A 4 -7.42 11.27 -32.75
N SER A 5 -8.41 12.04 -32.28
CA SER A 5 -8.21 13.25 -31.47
C SER A 5 -9.39 13.42 -30.49
N SER A 6 -9.80 12.34 -29.81
CA SER A 6 -10.84 12.38 -28.79
C SER A 6 -10.39 11.47 -27.67
N GLY A 7 -9.99 12.06 -26.53
CA GLY A 7 -9.44 11.37 -25.37
C GLY A 7 -8.39 10.34 -25.79
N HIS A 8 -8.42 9.19 -25.12
CA HIS A 8 -7.73 7.96 -25.51
C HIS A 8 -8.73 6.82 -25.39
N SER A 9 -9.09 6.46 -24.16
CA SER A 9 -9.89 5.32 -23.77
C SER A 9 -10.36 5.60 -22.32
N GLY A 10 -11.07 4.63 -21.74
CA GLY A 10 -11.39 4.63 -20.32
C GLY A 10 -12.81 5.09 -20.11
N GLU A 11 -13.68 4.19 -19.66
CA GLU A 11 -15.07 4.48 -19.32
C GLU A 11 -15.24 4.38 -17.81
N ASP A 12 -14.72 3.30 -17.21
CA ASP A 12 -15.00 2.94 -15.83
C ASP A 12 -13.74 2.53 -15.06
N LEU A 13 -12.59 2.31 -15.71
CA LEU A 13 -11.35 2.01 -15.00
C LEU A 13 -10.83 3.26 -14.28
N PRO A 14 -10.07 3.12 -13.18
CA PRO A 14 -9.49 4.27 -12.53
C PRO A 14 -8.31 4.81 -13.35
N MET A 15 -7.86 6.02 -13.02
CA MET A 15 -6.91 6.76 -13.85
C MET A 15 -5.60 7.02 -13.13
N VAL A 16 -5.61 7.45 -11.86
CA VAL A 16 -4.38 7.82 -11.14
C VAL A 16 -4.28 7.13 -9.77
N ALA A 17 -3.26 7.47 -9.00
CA ALA A 17 -2.83 6.86 -7.76
C ALA A 17 -2.77 7.94 -6.67
N PRO A 18 -2.95 7.58 -5.40
CA PRO A 18 -2.86 8.53 -4.30
C PRO A 18 -1.39 8.88 -4.06
N GLY A 19 -1.10 10.16 -3.83
CA GLY A 19 0.23 10.68 -3.61
C GLY A 19 0.47 10.91 -2.13
N ASN A 20 1.60 11.56 -1.82
CA ASN A 20 2.16 11.75 -0.47
C ASN A 20 1.82 10.60 0.48
N VAL A 21 2.20 9.41 0.03
CA VAL A 21 2.08 8.20 0.81
C VAL A 21 3.13 8.31 1.90
N ARG A 22 2.64 8.24 3.13
CA ARG A 22 3.43 8.33 4.34
C ARG A 22 2.99 7.22 5.25
N VAL A 23 3.85 6.77 6.16
CA VAL A 23 3.49 5.75 7.12
C VAL A 23 4.24 6.04 8.41
N ASN A 24 3.61 5.72 9.54
CA ASN A 24 4.16 5.76 10.87
C ASN A 24 3.95 4.37 11.42
N VAL A 25 4.98 3.74 11.98
CA VAL A 25 4.73 2.62 12.86
C VAL A 25 4.07 3.15 14.14
N VAL A 26 3.24 2.30 14.73
CA VAL A 26 2.33 2.61 15.82
C VAL A 26 2.83 1.75 16.99
N ASN A 27 2.53 0.46 16.98
CA ASN A 27 3.01 -0.51 17.96
C ASN A 27 4.12 -1.35 17.31
N SER A 28 4.70 -2.30 18.03
CA SER A 28 5.73 -3.18 17.43
C SER A 28 5.21 -4.05 16.28
N THR A 29 3.88 -4.24 16.16
CA THR A 29 3.26 -5.11 15.16
C THR A 29 2.07 -4.44 14.45
N LEU A 30 1.90 -3.13 14.67
CA LEU A 30 0.89 -2.29 14.07
C LEU A 30 1.57 -1.07 13.51
N ALA A 31 1.27 -0.68 12.28
CA ALA A 31 1.63 0.61 11.72
C ALA A 31 0.38 1.27 11.14
N GLU A 32 0.48 2.56 10.78
CA GLU A 32 -0.56 3.32 10.13
C GLU A 32 0.05 3.93 8.87
N VAL A 33 -0.69 3.87 7.75
CA VAL A 33 -0.32 4.45 6.47
C VAL A 33 -1.29 5.61 6.22
N HIS A 34 -0.82 6.64 5.53
CA HIS A 34 -1.56 7.83 5.15
C HIS A 34 -1.28 8.12 3.68
N TRP A 35 -2.20 8.81 3.00
CA TRP A 35 -2.02 9.24 1.62
C TRP A 35 -2.93 10.42 1.27
N ASP A 36 -2.73 11.02 0.10
CA ASP A 36 -3.55 12.10 -0.46
C ASP A 36 -4.78 11.55 -1.20
N PRO A 37 -5.96 12.14 -1.03
CA PRO A 37 -7.20 11.73 -1.69
C PRO A 37 -7.18 12.12 -3.17
N VAL A 38 -7.13 11.13 -4.06
CA VAL A 38 -7.33 11.36 -5.49
C VAL A 38 -8.77 11.86 -5.75
N PRO A 39 -9.02 12.53 -6.89
CA PRO A 39 -10.29 13.19 -7.18
C PRO A 39 -11.34 12.23 -7.73
N LEU A 40 -12.61 12.60 -7.65
CA LEU A 40 -13.70 11.76 -8.15
C LEU A 40 -13.60 11.52 -9.67
N LYS A 41 -12.97 12.43 -10.42
CA LYS A 41 -12.65 12.17 -11.82
C LYS A 41 -11.74 10.97 -11.97
N SER A 42 -10.64 10.87 -11.23
CA SER A 42 -9.70 9.77 -11.47
C SER A 42 -10.33 8.41 -11.11
N ILE A 43 -11.33 8.39 -10.23
CA ILE A 43 -12.11 7.20 -9.94
C ILE A 43 -12.95 6.79 -11.16
N ARG A 44 -13.43 7.73 -11.99
CA ARG A 44 -14.38 7.49 -13.09
C ARG A 44 -15.59 6.62 -12.68
N GLY A 45 -16.04 6.66 -11.43
CA GLY A 45 -17.03 5.71 -10.98
C GLY A 45 -17.25 5.72 -9.48
N HIS A 46 -17.59 4.53 -8.96
CA HIS A 46 -17.70 4.23 -7.55
C HIS A 46 -16.43 3.49 -7.14
N LEU A 47 -15.64 4.18 -6.32
CA LEU A 47 -14.45 3.69 -5.68
C LEU A 47 -14.83 2.60 -4.69
N GLN A 48 -14.26 1.41 -4.88
CA GLN A 48 -14.46 0.26 -4.03
C GLN A 48 -13.58 0.37 -2.78
N GLY A 49 -12.33 0.86 -2.91
CA GLY A 49 -11.46 1.04 -1.77
C GLY A 49 -10.02 1.30 -2.20
N TYR A 50 -9.14 1.44 -1.21
CA TYR A 50 -7.70 1.46 -1.38
C TYR A 50 -7.22 0.05 -1.01
N ARG A 51 -6.50 -0.59 -1.93
CA ARG A 51 -5.65 -1.70 -1.57
C ARG A 51 -4.40 -1.12 -0.94
N ILE A 52 -3.75 -1.93 -0.11
CA ILE A 52 -2.35 -1.78 0.20
C ILE A 52 -1.75 -3.14 -0.14
N TYR A 53 -0.74 -3.16 -0.99
CA TYR A 53 0.18 -4.27 -1.18
C TYR A 53 1.33 -3.97 -0.22
N TYR A 54 1.98 -4.99 0.37
CA TYR A 54 3.16 -4.85 1.21
C TYR A 54 3.95 -6.15 1.23
N TRP A 55 5.20 -6.11 1.67
CA TRP A 55 5.98 -7.31 1.95
C TRP A 55 7.00 -7.07 3.07
N LYS A 56 7.39 -8.18 3.72
CA LYS A 56 8.51 -8.23 4.64
C LYS A 56 9.76 -8.01 3.81
N THR A 57 10.55 -7.03 4.22
CA THR A 57 11.82 -6.69 3.61
C THR A 57 12.89 -7.16 4.61
N GLN A 58 14.15 -7.23 4.18
CA GLN A 58 15.30 -7.47 5.05
C GLN A 58 16.46 -6.61 4.54
N SER A 59 17.57 -6.54 5.27
CA SER A 59 18.79 -5.94 4.78
C SER A 59 19.32 -6.79 3.60
N SER A 60 19.36 -6.23 2.38
CA SER A 60 19.95 -6.86 1.20
C SER A 60 19.40 -8.27 0.91
N SER A 61 18.09 -8.45 0.81
CA SER A 61 17.49 -9.71 0.38
C SER A 61 17.92 -9.98 -1.08
N LYS A 62 18.76 -10.99 -1.29
CA LYS A 62 19.17 -11.49 -2.60
C LYS A 62 18.31 -12.70 -2.98
N ARG A 63 18.67 -13.43 -4.05
CA ARG A 63 17.77 -14.29 -4.81
C ARG A 63 18.28 -15.75 -4.82
N ASN A 64 18.00 -16.50 -3.77
CA ASN A 64 18.43 -17.90 -3.58
C ASN A 64 17.45 -18.55 -2.61
N ARG A 65 16.43 -19.24 -3.11
CA ARG A 65 15.32 -19.90 -2.38
C ARG A 65 14.40 -18.86 -1.73
N ARG A 66 13.30 -19.33 -1.10
CA ARG A 66 12.11 -18.58 -0.72
C ARG A 66 11.52 -17.80 -1.90
N HIS A 67 10.43 -17.07 -1.63
CA HIS A 67 9.81 -16.13 -2.53
C HIS A 67 9.24 -15.01 -1.66
N ILE A 68 9.31 -13.76 -2.12
CA ILE A 68 8.72 -12.64 -1.40
C ILE A 68 7.22 -12.74 -1.58
N GLU A 69 6.54 -12.95 -0.47
CA GLU A 69 5.11 -12.86 -0.28
C GLU A 69 4.73 -11.38 -0.35
N LYS A 70 4.13 -10.98 -1.47
CA LYS A 70 3.52 -9.66 -1.65
C LYS A 70 2.10 -9.74 -1.07
N LYS A 71 1.99 -9.51 0.23
CA LYS A 71 0.78 -9.59 1.02
C LYS A 71 -0.13 -8.41 0.68
N ILE A 72 -1.43 -8.48 1.02
CA ILE A 72 -2.40 -7.43 0.69
C ILE A 72 -3.23 -7.09 1.93
N LEU A 73 -3.76 -5.87 1.96
CA LEU A 73 -4.73 -5.35 2.91
C LEU A 73 -5.81 -4.58 2.14
N THR A 74 -6.98 -4.44 2.76
CA THR A 74 -8.19 -3.93 2.13
C THR A 74 -8.81 -2.84 3.03
N PHE A 75 -8.88 -1.61 2.53
CA PHE A 75 -9.50 -0.47 3.22
C PHE A 75 -10.53 0.12 2.29
N GLN A 76 -11.80 -0.23 2.47
CA GLN A 76 -12.87 0.29 1.62
C GLN A 76 -13.34 1.65 2.13
N GLY A 77 -14.20 2.30 1.35
CA GLY A 77 -14.85 3.56 1.74
C GLY A 77 -14.03 4.84 1.47
N SER A 78 -12.98 4.78 0.67
CA SER A 78 -12.21 5.91 0.16
C SER A 78 -11.52 6.81 1.21
N LYS A 79 -11.19 6.28 2.39
CA LYS A 79 -10.41 6.94 3.43
C LYS A 79 -9.06 7.44 2.94
N THR A 80 -8.40 8.26 3.76
CA THR A 80 -7.06 8.79 3.50
C THR A 80 -5.99 8.08 4.32
N HIS A 81 -6.36 7.04 5.07
CA HIS A 81 -5.44 6.28 5.90
C HIS A 81 -5.83 4.79 5.94
N GLY A 82 -4.93 3.96 6.46
CA GLY A 82 -5.11 2.52 6.69
C GLY A 82 -4.10 2.09 7.75
N MET A 83 -4.07 0.80 8.11
CA MET A 83 -3.13 0.27 9.10
C MET A 83 -2.46 -0.99 8.58
N LEU A 84 -1.41 -1.46 9.26
CA LEU A 84 -0.74 -2.72 9.02
C LEU A 84 -0.77 -3.51 10.35
N PRO A 85 -1.90 -4.11 10.75
CA PRO A 85 -1.96 -4.99 11.91
C PRO A 85 -1.49 -6.40 11.54
N GLY A 86 -0.95 -7.14 12.52
CA GLY A 86 -0.59 -8.56 12.36
C GLY A 86 0.85 -8.73 11.89
N LEU A 87 1.69 -7.70 12.04
CA LEU A 87 3.04 -7.64 11.49
C LEU A 87 4.05 -8.18 12.51
N GLU A 88 5.36 -8.00 12.25
CA GLU A 88 6.42 -8.42 13.15
C GLU A 88 7.33 -7.22 13.47
N PRO A 89 7.94 -7.19 14.66
CA PRO A 89 8.83 -6.12 15.08
C PRO A 89 10.22 -6.23 14.46
N PHE A 90 11.05 -5.20 14.71
CA PHE A 90 12.47 -5.14 14.36
C PHE A 90 12.73 -5.64 12.93
N SER A 91 12.02 -5.09 11.94
CA SER A 91 12.19 -5.46 10.55
C SER A 91 11.73 -4.33 9.63
N HIS A 92 12.39 -4.17 8.49
CA HIS A 92 11.98 -3.28 7.42
C HIS A 92 10.86 -3.93 6.63
N TYR A 93 9.99 -3.12 6.04
CA TYR A 93 8.86 -3.52 5.23
C TYR A 93 8.71 -2.51 4.09
N THR A 94 8.11 -2.97 3.00
CA THR A 94 7.69 -2.15 1.87
C THR A 94 6.17 -2.27 1.80
N LEU A 95 5.45 -1.22 1.36
CA LEU A 95 4.02 -1.21 1.04
C LEU A 95 3.74 -0.18 -0.05
N ASN A 96 2.61 -0.33 -0.75
CA ASN A 96 2.14 0.63 -1.76
C ASN A 96 0.63 0.55 -1.79
N VAL A 97 -0.02 1.71 -1.94
CA VAL A 97 -1.46 1.87 -1.97
C VAL A 97 -1.91 1.78 -3.43
N ARG A 98 -3.16 1.42 -3.72
CA ARG A 98 -3.71 1.43 -5.08
C ARG A 98 -5.21 1.64 -5.00
N VAL A 99 -5.79 2.41 -5.92
CA VAL A 99 -7.24 2.55 -5.96
C VAL A 99 -7.82 1.35 -6.68
N VAL A 100 -9.02 0.95 -6.30
CA VAL A 100 -9.79 -0.13 -6.89
C VAL A 100 -11.21 0.40 -7.00
N ASN A 101 -11.89 0.18 -8.12
CA ASN A 101 -13.25 0.66 -8.35
C ASN A 101 -14.09 -0.44 -8.99
N GLY A 102 -15.30 -0.10 -9.43
CA GLY A 102 -16.24 -1.06 -10.02
C GLY A 102 -15.71 -1.84 -11.22
N LYS A 103 -14.62 -1.42 -11.86
CA LYS A 103 -14.10 -2.06 -13.07
C LYS A 103 -12.76 -2.75 -12.80
N GLY A 104 -11.81 -2.10 -12.12
CA GLY A 104 -10.48 -2.66 -11.93
C GLY A 104 -9.65 -1.86 -10.94
N GLU A 105 -8.36 -2.19 -10.85
CA GLU A 105 -7.39 -1.50 -10.01
C GLU A 105 -6.44 -0.68 -10.88
N GLY A 106 -6.01 0.48 -10.37
CA GLY A 106 -5.30 1.51 -11.13
C GLY A 106 -3.78 1.47 -10.97
N PRO A 107 -3.07 2.54 -11.37
CA PRO A 107 -1.64 2.67 -11.08
C PRO A 107 -1.44 2.67 -9.58
N ALA A 108 -0.47 1.89 -9.12
CA ALA A 108 -0.08 1.90 -7.73
C ALA A 108 0.44 3.29 -7.35
N SER A 109 0.39 3.59 -6.05
CA SER A 109 1.26 4.60 -5.46
C SER A 109 2.70 4.08 -5.51
N PRO A 110 3.69 4.95 -5.29
CA PRO A 110 5.06 4.50 -5.15
C PRO A 110 5.19 3.62 -3.89
N ASP A 111 6.17 2.73 -3.95
CA ASP A 111 6.47 1.68 -2.98
C ASP A 111 7.16 2.38 -1.80
N ARG A 112 6.40 2.71 -0.77
CA ARG A 112 6.88 3.31 0.49
C ARG A 112 7.54 2.23 1.33
N VAL A 113 8.24 2.65 2.38
CA VAL A 113 8.85 1.75 3.36
C VAL A 113 8.56 2.20 4.79
N PHE A 114 8.80 1.32 5.76
CA PHE A 114 8.81 1.57 7.20
C PHE A 114 9.59 0.43 7.88
N ASN A 115 10.15 0.64 9.07
CA ASN A 115 10.65 -0.41 9.93
C ASN A 115 9.94 -0.34 11.27
N THR A 116 9.63 -1.51 11.83
CA THR A 116 9.10 -1.63 13.17
C THR A 116 10.18 -1.38 14.23
N PRO A 117 9.80 -0.93 15.44
CA PRO A 117 10.74 -0.41 16.45
C PRO A 117 11.69 -1.50 16.93
N GLU A 118 11.20 -2.45 17.75
CA GLU A 118 12.03 -3.54 18.23
C GLU A 118 11.26 -4.77 18.70
N GLY A 119 10.14 -4.59 19.38
CA GLY A 119 9.51 -5.70 20.10
C GLY A 119 8.65 -5.20 21.25
N SER A 120 8.42 -6.05 22.24
CA SER A 120 7.66 -5.72 23.44
C SER A 120 8.43 -6.25 24.64
N GLY A 121 9.30 -5.42 25.23
CA GLY A 121 10.12 -5.78 26.38
C GLY A 121 9.75 -4.95 27.61
N PRO A 122 10.23 -5.35 28.79
CA PRO A 122 10.16 -4.53 30.00
C PRO A 122 11.17 -3.38 29.87
N SER A 123 10.74 -2.15 30.19
CA SER A 123 11.69 -1.04 30.33
C SER A 123 12.66 -1.30 31.50
N SER A 124 12.27 -2.18 32.45
CA SER A 124 13.10 -2.76 33.51
C SER A 124 13.49 -1.78 34.63
N GLY A 125 13.10 -0.52 34.52
CA GLY A 125 12.74 0.35 35.62
C GLY A 125 11.31 0.79 35.34
N GLY A 1 -0.75 24.12 -12.37
CA GLY A 1 0.12 22.96 -12.58
C GLY A 1 0.63 22.40 -11.26
N SER A 2 0.43 21.10 -11.03
CA SER A 2 0.93 20.35 -9.88
C SER A 2 0.72 18.84 -10.08
N SER A 3 1.06 18.33 -11.27
CA SER A 3 0.82 16.94 -11.65
C SER A 3 1.98 16.41 -12.49
N GLY A 4 1.97 15.09 -12.72
CA GLY A 4 3.00 14.35 -13.41
C GLY A 4 2.65 12.87 -13.53
N SER A 5 1.48 12.56 -14.10
CA SER A 5 1.10 11.19 -14.49
C SER A 5 1.11 11.11 -16.01
N SER A 6 1.37 9.93 -16.59
CA SER A 6 1.33 9.76 -18.03
C SER A 6 -0.13 9.55 -18.45
N GLY A 7 -0.71 8.41 -18.08
CA GLY A 7 -2.05 8.00 -18.45
C GLY A 7 -2.09 7.44 -19.86
N HIS A 8 -3.24 6.89 -20.26
CA HIS A 8 -3.43 6.17 -21.51
C HIS A 8 -4.89 6.25 -21.93
N SER A 9 -5.77 5.69 -21.10
CA SER A 9 -7.13 5.32 -21.44
C SER A 9 -7.91 5.10 -20.15
N GLY A 10 -9.18 4.71 -20.26
CA GLY A 10 -10.03 4.35 -19.12
C GLY A 10 -11.36 5.07 -19.26
N GLU A 11 -12.37 4.38 -19.78
CA GLU A 11 -13.76 4.83 -19.72
C GLU A 11 -14.23 4.90 -18.27
N ASP A 12 -14.13 3.79 -17.53
CA ASP A 12 -14.70 3.67 -16.20
C ASP A 12 -13.71 3.09 -15.20
N LEU A 13 -12.61 2.47 -15.64
CA LEU A 13 -11.49 2.08 -14.79
C LEU A 13 -10.73 3.32 -14.29
N PRO A 14 -10.10 3.26 -13.09
CA PRO A 14 -9.40 4.39 -12.52
C PRO A 14 -8.16 4.78 -13.33
N MET A 15 -7.75 6.04 -13.18
CA MET A 15 -6.75 6.67 -14.02
C MET A 15 -5.43 6.98 -13.32
N VAL A 16 -5.45 7.21 -12.01
CA VAL A 16 -4.31 7.65 -11.20
C VAL A 16 -4.42 6.95 -9.83
N ALA A 17 -3.43 7.14 -8.96
CA ALA A 17 -3.29 6.52 -7.65
C ALA A 17 -3.26 7.62 -6.57
N PRO A 18 -3.37 7.29 -5.29
CA PRO A 18 -3.32 8.26 -4.21
C PRO A 18 -1.92 8.85 -4.06
N GLY A 19 -1.81 10.15 -4.36
CA GLY A 19 -0.59 10.90 -4.15
C GLY A 19 -0.14 10.83 -2.71
N ASN A 20 1.17 11.05 -2.51
CA ASN A 20 1.80 11.27 -1.21
C ASN A 20 1.24 10.30 -0.18
N VAL A 21 1.44 9.01 -0.46
CA VAL A 21 1.43 8.02 0.58
C VAL A 21 2.46 8.48 1.59
N ARG A 22 2.18 8.21 2.85
CA ARG A 22 3.06 8.39 4.00
C ARG A 22 2.84 7.17 4.89
N VAL A 23 3.73 6.84 5.81
CA VAL A 23 3.45 5.83 6.82
C VAL A 23 4.17 6.20 8.11
N ASN A 24 3.53 5.86 9.22
CA ASN A 24 4.00 5.98 10.59
C ASN A 24 3.92 4.60 11.23
N VAL A 25 4.77 4.28 12.21
CA VAL A 25 4.63 3.04 12.97
C VAL A 25 3.99 3.40 14.31
N VAL A 26 3.14 2.52 14.85
CA VAL A 26 2.34 2.83 16.02
C VAL A 26 2.86 1.96 17.17
N ASN A 27 2.85 0.64 16.97
CA ASN A 27 3.23 -0.36 17.97
C ASN A 27 4.32 -1.23 17.34
N SER A 28 4.74 -2.31 18.02
CA SER A 28 5.69 -3.24 17.42
C SER A 28 5.10 -4.02 16.24
N THR A 29 3.79 -4.30 16.30
CA THR A 29 3.13 -5.18 15.34
C THR A 29 1.99 -4.46 14.62
N LEU A 30 1.94 -3.12 14.76
CA LEU A 30 0.94 -2.23 14.21
C LEU A 30 1.66 -1.04 13.60
N ALA A 31 1.20 -0.58 12.45
CA ALA A 31 1.66 0.62 11.80
C ALA A 31 0.45 1.26 11.13
N GLU A 32 0.59 2.48 10.63
CA GLU A 32 -0.47 3.26 10.04
C GLU A 32 0.10 3.89 8.78
N VAL A 33 -0.46 3.54 7.64
CA VAL A 33 -0.18 4.16 6.36
C VAL A 33 -1.15 5.33 6.22
N HIS A 34 -0.72 6.42 5.59
CA HIS A 34 -1.54 7.58 5.24
C HIS A 34 -1.46 7.77 3.71
N TRP A 35 -2.42 8.47 3.09
CA TRP A 35 -2.32 8.89 1.69
C TRP A 35 -3.31 10.02 1.40
N ASP A 36 -3.09 10.73 0.30
CA ASP A 36 -3.93 11.88 -0.08
C ASP A 36 -5.15 11.37 -0.88
N PRO A 37 -6.37 11.85 -0.58
CA PRO A 37 -7.61 11.34 -1.15
C PRO A 37 -7.80 11.80 -2.60
N VAL A 38 -7.83 10.87 -3.56
CA VAL A 38 -7.91 11.23 -4.97
C VAL A 38 -9.30 11.77 -5.37
N PRO A 39 -9.40 12.53 -6.47
CA PRO A 39 -10.63 13.14 -6.92
C PRO A 39 -11.48 12.18 -7.73
N LEU A 40 -12.79 12.36 -7.66
CA LEU A 40 -13.76 11.52 -8.33
C LEU A 40 -13.58 11.48 -9.84
N LYS A 41 -13.01 12.53 -10.45
CA LYS A 41 -12.73 12.53 -11.90
C LYS A 41 -11.78 11.40 -12.26
N SER A 42 -10.63 11.29 -11.60
CA SER A 42 -9.69 10.23 -11.90
C SER A 42 -10.15 8.85 -11.40
N ILE A 43 -11.03 8.80 -10.38
CA ILE A 43 -11.74 7.58 -10.00
C ILE A 43 -12.69 7.16 -11.12
N ARG A 44 -13.19 8.08 -11.95
CA ARG A 44 -14.11 7.90 -13.07
C ARG A 44 -15.54 7.61 -12.64
N GLY A 45 -15.73 6.66 -11.74
CA GLY A 45 -17.02 6.20 -11.27
C GLY A 45 -17.15 6.30 -9.76
N HIS A 46 -16.95 5.18 -9.06
CA HIS A 46 -17.23 4.98 -7.63
C HIS A 46 -16.08 4.19 -7.01
N LEU A 47 -15.23 4.88 -6.25
CA LEU A 47 -14.11 4.28 -5.54
C LEU A 47 -14.65 3.22 -4.60
N GLN A 48 -14.04 2.03 -4.66
CA GLN A 48 -14.34 0.92 -3.77
C GLN A 48 -13.36 0.88 -2.61
N GLY A 49 -12.18 1.48 -2.77
CA GLY A 49 -11.23 1.72 -1.71
C GLY A 49 -9.82 1.67 -2.28
N TYR A 50 -8.90 1.32 -1.40
CA TYR A 50 -7.46 1.34 -1.61
C TYR A 50 -6.94 -0.03 -1.22
N ARG A 51 -6.26 -0.76 -2.12
CA ARG A 51 -5.74 -2.07 -1.83
C ARG A 51 -4.26 -1.85 -1.53
N ILE A 52 -3.87 -1.94 -0.27
CA ILE A 52 -2.49 -1.77 0.15
C ILE A 52 -1.79 -3.09 -0.16
N TYR A 53 -0.78 -3.07 -1.02
CA TYR A 53 0.14 -4.17 -1.24
C TYR A 53 1.33 -3.95 -0.32
N TYR A 54 1.92 -4.99 0.27
CA TYR A 54 3.15 -4.90 1.03
C TYR A 54 3.90 -6.23 1.06
N TRP A 55 5.14 -6.22 1.56
CA TRP A 55 5.88 -7.42 1.94
C TRP A 55 6.86 -7.09 3.09
N LYS A 56 7.36 -8.14 3.75
CA LYS A 56 8.51 -8.07 4.65
C LYS A 56 9.75 -7.79 3.81
N THR A 57 10.62 -6.92 4.28
CA THR A 57 11.92 -6.67 3.68
C THR A 57 12.97 -7.14 4.68
N GLN A 58 14.05 -7.78 4.18
CA GLN A 58 15.19 -8.26 4.98
C GLN A 58 14.75 -9.15 6.16
N SER A 59 14.34 -10.38 5.83
CA SER A 59 13.98 -11.42 6.78
C SER A 59 15.16 -11.71 7.72
N SER A 60 14.88 -11.86 9.01
CA SER A 60 15.88 -11.79 10.09
C SER A 60 16.67 -13.10 10.31
N SER A 61 16.23 -14.24 9.76
CA SER A 61 16.95 -15.51 9.89
C SER A 61 17.47 -15.96 8.52
N LYS A 62 18.65 -16.59 8.51
CA LYS A 62 19.46 -16.87 7.34
C LYS A 62 18.67 -17.71 6.34
N ARG A 63 18.04 -18.78 6.81
CA ARG A 63 16.89 -19.35 6.11
C ARG A 63 15.74 -18.36 6.15
N ASN A 64 15.60 -17.58 5.10
CA ASN A 64 14.31 -17.12 4.63
C ASN A 64 13.70 -18.22 3.74
N ARG A 65 12.46 -18.06 3.27
CA ARG A 65 11.85 -18.91 2.24
C ARG A 65 12.28 -18.38 0.87
N ARG A 66 11.95 -19.08 -0.23
CA ARG A 66 12.25 -18.57 -1.56
C ARG A 66 11.22 -17.52 -1.93
N HIS A 67 9.96 -17.91 -2.19
CA HIS A 67 8.93 -16.94 -2.56
C HIS A 67 8.75 -15.94 -1.39
N ILE A 68 8.70 -14.65 -1.71
CA ILE A 68 8.56 -13.61 -0.69
C ILE A 68 7.14 -13.67 -0.13
N GLU A 69 7.00 -13.36 1.16
CA GLU A 69 5.76 -13.13 1.90
C GLU A 69 5.11 -11.79 1.52
N LYS A 70 4.89 -11.63 0.22
CA LYS A 70 3.97 -10.69 -0.37
C LYS A 70 2.60 -10.85 0.28
N LYS A 71 1.98 -9.73 0.61
CA LYS A 71 0.66 -9.68 1.20
C LYS A 71 -0.16 -8.54 0.62
N ILE A 72 -1.45 -8.57 0.95
CA ILE A 72 -2.51 -7.71 0.47
C ILE A 72 -3.30 -7.25 1.70
N LEU A 73 -3.88 -6.05 1.62
CA LEU A 73 -4.72 -5.43 2.62
C LEU A 73 -5.79 -4.62 1.91
N THR A 74 -6.97 -5.21 1.82
CA THR A 74 -8.17 -4.51 1.37
C THR A 74 -8.57 -3.53 2.46
N PHE A 75 -8.40 -2.23 2.23
CA PHE A 75 -9.13 -1.20 2.94
C PHE A 75 -10.13 -0.61 1.97
N GLN A 76 -11.34 -1.13 2.01
CA GLN A 76 -12.46 -0.52 1.32
C GLN A 76 -12.77 0.85 1.95
N GLY A 77 -13.56 1.64 1.23
CA GLY A 77 -13.99 2.97 1.68
C GLY A 77 -12.98 4.02 1.23
N SER A 78 -13.46 5.27 1.05
CA SER A 78 -12.68 6.40 0.57
C SER A 78 -11.88 7.06 1.72
N LYS A 79 -11.38 6.22 2.62
CA LYS A 79 -10.45 6.54 3.70
C LYS A 79 -9.10 7.01 3.17
N THR A 80 -8.30 7.50 4.09
CA THR A 80 -7.04 8.20 3.84
C THR A 80 -5.94 7.66 4.76
N HIS A 81 -6.26 6.65 5.58
CA HIS A 81 -5.23 6.02 6.41
C HIS A 81 -5.67 4.62 6.80
N GLY A 82 -4.74 3.66 6.84
CA GLY A 82 -5.05 2.26 7.04
C GLY A 82 -3.95 1.59 7.86
N MET A 83 -4.37 0.73 8.78
CA MET A 83 -3.49 0.08 9.73
C MET A 83 -2.74 -1.07 9.05
N LEU A 84 -1.67 -1.53 9.69
CA LEU A 84 -0.96 -2.75 9.35
C LEU A 84 -0.86 -3.60 10.62
N PRO A 85 -1.89 -4.38 10.98
CA PRO A 85 -1.86 -5.21 12.18
C PRO A 85 -1.34 -6.62 11.88
N GLY A 86 -0.77 -7.29 12.88
CA GLY A 86 -0.29 -8.66 12.74
C GLY A 86 1.07 -8.74 12.07
N LEU A 87 1.87 -7.68 12.21
CA LEU A 87 3.22 -7.57 11.68
C LEU A 87 4.21 -8.05 12.75
N GLU A 88 5.50 -7.97 12.46
CA GLU A 88 6.56 -8.43 13.36
C GLU A 88 7.59 -7.30 13.54
N PRO A 89 8.10 -7.09 14.76
CA PRO A 89 8.96 -5.97 15.09
C PRO A 89 10.38 -6.12 14.54
N PHE A 90 11.20 -5.10 14.81
CA PHE A 90 12.62 -4.95 14.49
C PHE A 90 12.96 -5.24 13.03
N SER A 91 11.98 -5.12 12.14
CA SER A 91 12.04 -5.50 10.74
C SER A 91 11.72 -4.32 9.84
N HIS A 92 12.19 -4.38 8.60
CA HIS A 92 11.93 -3.41 7.57
C HIS A 92 10.77 -3.94 6.72
N TYR A 93 10.00 -3.04 6.11
CA TYR A 93 8.85 -3.38 5.29
C TYR A 93 8.78 -2.43 4.11
N THR A 94 8.13 -2.86 3.03
CA THR A 94 7.76 -2.03 1.90
C THR A 94 6.26 -2.23 1.71
N LEU A 95 5.48 -1.17 1.49
CA LEU A 95 4.07 -1.21 1.10
C LEU A 95 3.82 -0.20 -0.02
N ASN A 96 2.65 -0.30 -0.67
CA ASN A 96 2.23 0.46 -1.84
C ASN A 96 0.71 0.56 -1.77
N VAL A 97 0.07 1.60 -2.35
CA VAL A 97 -1.37 1.82 -2.31
C VAL A 97 -1.88 1.87 -3.75
N ARG A 98 -3.02 1.23 -4.03
CA ARG A 98 -3.65 1.15 -5.35
C ARG A 98 -5.12 1.40 -5.19
N VAL A 99 -5.60 2.28 -6.03
CA VAL A 99 -6.97 2.69 -6.19
C VAL A 99 -7.74 1.55 -6.82
N VAL A 100 -8.96 1.35 -6.34
CA VAL A 100 -9.89 0.34 -6.82
C VAL A 100 -11.24 1.03 -6.93
N ASN A 101 -12.00 0.76 -7.98
CA ASN A 101 -13.33 1.31 -8.18
C ASN A 101 -14.29 0.24 -8.69
N GLY A 102 -15.52 0.64 -9.01
CA GLY A 102 -16.60 -0.28 -9.33
C GLY A 102 -16.30 -1.14 -10.55
N LYS A 103 -15.50 -0.62 -11.49
CA LYS A 103 -15.08 -1.28 -12.70
C LYS A 103 -13.88 -2.20 -12.43
N GLY A 104 -12.93 -1.77 -11.60
CA GLY A 104 -11.70 -2.51 -11.34
C GLY A 104 -10.60 -1.61 -10.81
N GLU A 105 -9.37 -2.13 -10.81
CA GLU A 105 -8.20 -1.45 -10.28
C GLU A 105 -7.54 -0.53 -11.30
N GLY A 106 -6.80 0.45 -10.79
CA GLY A 106 -5.97 1.35 -11.56
C GLY A 106 -4.51 1.26 -11.13
N PRO A 107 -3.71 2.31 -11.40
CA PRO A 107 -2.31 2.32 -11.01
C PRO A 107 -2.13 2.35 -9.50
N ALA A 108 -0.90 2.08 -9.11
CA ALA A 108 -0.42 2.23 -7.76
C ALA A 108 0.39 3.52 -7.64
N SER A 109 0.43 4.07 -6.43
CA SER A 109 1.25 5.23 -6.05
C SER A 109 2.75 4.87 -6.03
N PRO A 110 3.70 5.72 -5.62
CA PRO A 110 5.06 5.25 -5.35
C PRO A 110 5.05 4.34 -4.12
N ASP A 111 6.10 3.53 -3.98
CA ASP A 111 6.27 2.67 -2.82
C ASP A 111 6.52 3.54 -1.59
N ARG A 112 6.33 2.96 -0.42
CA ARG A 112 6.76 3.50 0.85
C ARG A 112 7.46 2.39 1.62
N VAL A 113 8.22 2.78 2.63
CA VAL A 113 8.83 1.86 3.57
C VAL A 113 8.51 2.32 4.97
N PHE A 114 8.61 1.39 5.92
CA PHE A 114 8.70 1.69 7.34
C PHE A 114 9.55 0.61 7.97
N ASN A 115 10.31 0.96 9.00
CA ASN A 115 10.99 0.03 9.87
C ASN A 115 10.34 0.14 11.24
N THR A 116 10.25 -0.99 11.94
CA THR A 116 9.48 -1.13 13.18
C THR A 116 10.39 -0.96 14.41
N PRO A 117 9.87 -0.67 15.60
CA PRO A 117 10.69 -0.63 16.80
C PRO A 117 11.11 -2.06 17.16
N GLU A 118 12.06 -2.19 18.07
CA GLU A 118 12.65 -3.46 18.45
C GLU A 118 11.62 -4.43 19.03
N GLY A 119 10.60 -3.87 19.66
CA GLY A 119 9.35 -4.51 19.99
C GLY A 119 9.31 -5.25 21.31
N SER A 120 9.96 -4.71 22.34
CA SER A 120 9.78 -5.19 23.69
C SER A 120 8.30 -5.10 24.09
N GLY A 121 7.84 -6.01 24.95
CA GLY A 121 6.55 -5.95 25.60
C GLY A 121 6.71 -5.16 26.90
N PRO A 122 6.17 -3.94 27.03
CA PRO A 122 6.34 -3.14 28.23
C PRO A 122 5.61 -3.79 29.41
N SER A 123 6.34 -4.11 30.47
CA SER A 123 5.80 -4.45 31.78
C SER A 123 5.98 -3.24 32.69
N SER A 124 5.05 -3.02 33.61
CA SER A 124 5.29 -2.16 34.75
C SER A 124 6.20 -2.89 35.75
N GLY A 125 6.67 -2.12 36.72
CA GLY A 125 7.05 -2.52 38.06
C GLY A 125 6.53 -1.46 39.00
N GLY A 1 -24.48 12.85 -43.96
CA GLY A 1 -23.94 11.51 -43.65
C GLY A 1 -22.50 11.45 -44.09
N SER A 2 -21.69 10.67 -43.40
CA SER A 2 -20.23 10.63 -43.55
C SER A 2 -19.74 9.37 -42.83
N SER A 3 -18.42 9.16 -42.81
CA SER A 3 -17.75 8.25 -41.89
C SER A 3 -16.46 8.95 -41.45
N GLY A 4 -15.71 8.33 -40.55
CA GLY A 4 -14.63 8.97 -39.82
C GLY A 4 -15.18 9.44 -38.48
N SER A 5 -14.77 8.81 -37.39
CA SER A 5 -15.15 9.20 -36.04
C SER A 5 -14.07 8.70 -35.07
N SER A 6 -13.80 7.38 -35.07
CA SER A 6 -12.99 6.73 -34.05
C SER A 6 -13.67 6.87 -32.68
N GLY A 7 -12.93 6.59 -31.61
CA GLY A 7 -13.43 6.43 -30.26
C GLY A 7 -13.27 4.98 -29.86
N HIS A 8 -13.30 4.70 -28.55
CA HIS A 8 -13.24 3.36 -28.01
C HIS A 8 -14.07 3.38 -26.73
N SER A 9 -15.10 2.52 -26.66
CA SER A 9 -15.86 2.35 -25.43
C SER A 9 -15.00 1.58 -24.41
N GLY A 10 -15.54 1.44 -23.22
CA GLY A 10 -14.96 0.76 -22.09
C GLY A 10 -15.82 1.09 -20.88
N GLU A 11 -15.74 0.29 -19.83
CA GLU A 11 -16.61 0.42 -18.67
C GLU A 11 -16.32 1.73 -17.96
N ASP A 12 -15.09 1.88 -17.44
CA ASP A 12 -14.57 3.19 -17.08
C ASP A 12 -13.11 3.11 -16.69
N LEU A 13 -12.81 2.19 -15.78
CA LEU A 13 -11.56 1.98 -15.01
C LEU A 13 -10.97 3.22 -14.32
N PRO A 14 -10.07 3.10 -13.32
CA PRO A 14 -9.40 4.27 -12.73
C PRO A 14 -8.30 4.81 -13.67
N MET A 15 -7.54 5.80 -13.20
CA MET A 15 -6.49 6.49 -13.95
C MET A 15 -5.20 6.65 -13.16
N VAL A 16 -5.26 7.10 -11.91
CA VAL A 16 -4.06 7.50 -11.16
C VAL A 16 -4.06 6.85 -9.78
N ALA A 17 -3.04 7.17 -8.99
CA ALA A 17 -2.80 6.66 -7.66
C ALA A 17 -2.87 7.82 -6.65
N PRO A 18 -2.99 7.51 -5.34
CA PRO A 18 -3.03 8.54 -4.32
C PRO A 18 -1.71 9.30 -4.20
N GLY A 19 -1.83 10.60 -3.91
CA GLY A 19 -0.75 11.47 -3.48
C GLY A 19 -0.10 10.94 -2.19
N ASN A 20 1.03 11.56 -1.83
CA ASN A 20 2.14 10.93 -1.13
C ASN A 20 1.76 10.14 0.11
N VAL A 21 2.47 9.02 0.29
CA VAL A 21 2.20 7.99 1.26
C VAL A 21 3.08 8.28 2.48
N ARG A 22 2.45 8.47 3.65
CA ARG A 22 3.10 8.74 4.93
C ARG A 22 2.71 7.71 5.97
N VAL A 23 3.48 6.64 6.01
CA VAL A 23 3.27 5.54 6.94
C VAL A 23 4.01 5.86 8.22
N ASN A 24 3.41 5.46 9.33
CA ASN A 24 3.92 5.57 10.68
C ASN A 24 3.93 4.19 11.34
N VAL A 25 4.77 3.99 12.36
CA VAL A 25 4.79 2.75 13.12
C VAL A 25 4.17 3.05 14.48
N VAL A 26 2.92 2.61 14.65
CA VAL A 26 2.15 2.78 15.86
C VAL A 26 2.76 1.96 16.97
N ASN A 27 2.95 0.66 16.73
CA ASN A 27 3.59 -0.27 17.66
C ASN A 27 4.52 -1.16 16.85
N SER A 28 5.19 -2.09 17.53
CA SER A 28 6.11 -3.05 16.92
C SER A 28 5.39 -3.92 15.87
N THR A 29 4.07 -4.03 15.97
CA THR A 29 3.22 -4.99 15.28
C THR A 29 2.12 -4.30 14.46
N LEU A 30 2.05 -2.97 14.50
CA LEU A 30 0.96 -2.18 13.95
C LEU A 30 1.52 -0.88 13.37
N ALA A 31 1.18 -0.52 12.12
CA ALA A 31 1.73 0.65 11.45
C ALA A 31 0.68 1.31 10.54
N GLU A 32 0.30 2.56 10.81
CA GLU A 32 -0.65 3.34 9.99
C GLU A 32 -0.01 3.68 8.64
N VAL A 33 -0.83 3.89 7.61
CA VAL A 33 -0.45 4.26 6.26
C VAL A 33 -1.38 5.40 5.86
N HIS A 34 -0.88 6.64 5.87
CA HIS A 34 -1.68 7.78 5.39
C HIS A 34 -1.41 8.02 3.91
N TRP A 35 -2.35 8.62 3.18
CA TRP A 35 -2.20 9.07 1.79
C TRP A 35 -3.11 10.26 1.52
N ASP A 36 -3.05 10.83 0.32
CA ASP A 36 -3.92 11.93 -0.12
C ASP A 36 -5.16 11.37 -0.82
N PRO A 37 -6.35 11.95 -0.64
CA PRO A 37 -7.56 11.57 -1.38
C PRO A 37 -7.38 11.93 -2.86
N VAL A 38 -7.50 10.96 -3.78
CA VAL A 38 -7.45 11.27 -5.21
C VAL A 38 -8.72 12.01 -5.66
N PRO A 39 -8.73 12.64 -6.84
CA PRO A 39 -9.94 13.15 -7.44
C PRO A 39 -10.86 11.97 -7.77
N LEU A 40 -12.17 12.13 -7.53
CA LEU A 40 -13.18 11.21 -8.07
C LEU A 40 -13.04 11.07 -9.58
N LYS A 41 -12.59 12.13 -10.26
CA LYS A 41 -12.27 12.15 -11.68
C LYS A 41 -11.35 11.00 -12.04
N SER A 42 -10.30 10.76 -11.26
CA SER A 42 -9.33 9.72 -11.55
C SER A 42 -9.91 8.32 -11.29
N ILE A 43 -10.86 8.19 -10.36
CA ILE A 43 -11.53 6.93 -10.06
C ILE A 43 -12.52 6.60 -11.19
N ARG A 44 -12.92 7.60 -11.98
CA ARG A 44 -13.93 7.55 -13.04
C ARG A 44 -15.16 6.79 -12.56
N GLY A 45 -15.78 7.24 -11.46
CA GLY A 45 -17.05 6.69 -10.99
C GLY A 45 -17.07 6.57 -9.47
N HIS A 46 -16.88 5.37 -8.93
CA HIS A 46 -17.19 5.03 -7.54
C HIS A 46 -16.08 4.16 -6.95
N LEU A 47 -15.45 4.65 -5.89
CA LEU A 47 -14.39 4.00 -5.14
C LEU A 47 -14.96 2.75 -4.46
N GLN A 48 -14.37 1.58 -4.71
CA GLN A 48 -14.71 0.36 -3.98
C GLN A 48 -13.79 0.14 -2.77
N GLY A 49 -12.69 0.88 -2.72
CA GLY A 49 -11.76 0.95 -1.62
C GLY A 49 -10.39 1.24 -2.18
N TYR A 50 -9.43 1.43 -1.29
CA TYR A 50 -8.02 1.45 -1.65
C TYR A 50 -7.44 0.06 -1.32
N ARG A 51 -6.39 -0.39 -2.03
CA ARG A 51 -5.76 -1.70 -1.83
C ARG A 51 -4.25 -1.50 -1.65
N ILE A 52 -3.75 -1.69 -0.43
CA ILE A 52 -2.33 -1.79 -0.12
C ILE A 52 -1.88 -3.19 -0.53
N TYR A 53 -0.75 -3.28 -1.23
CA TYR A 53 0.11 -4.47 -1.19
C TYR A 53 1.33 -4.17 -0.34
N TYR A 54 1.86 -5.17 0.35
CA TYR A 54 3.03 -5.05 1.19
C TYR A 54 3.75 -6.40 1.34
N TRP A 55 5.03 -6.37 1.70
CA TRP A 55 5.82 -7.56 1.98
C TRP A 55 6.87 -7.26 3.03
N LYS A 56 7.43 -8.31 3.66
CA LYS A 56 8.56 -8.21 4.57
C LYS A 56 9.76 -7.82 3.70
N THR A 57 10.58 -6.89 4.15
CA THR A 57 11.77 -6.47 3.41
C THR A 57 12.97 -6.80 4.28
N GLN A 58 14.13 -6.98 3.65
CA GLN A 58 15.31 -7.60 4.24
C GLN A 58 15.02 -9.04 4.69
N SER A 59 16.06 -9.77 5.12
CA SER A 59 16.01 -11.19 5.46
C SER A 59 17.26 -11.59 6.24
N SER A 60 17.17 -11.63 7.58
CA SER A 60 18.26 -12.05 8.46
C SER A 60 18.56 -13.55 8.29
N SER A 61 19.38 -13.92 7.30
CA SER A 61 19.73 -15.26 6.85
C SER A 61 18.50 -15.98 6.25
N LYS A 62 18.73 -16.76 5.18
CA LYS A 62 17.67 -17.15 4.23
C LYS A 62 17.82 -18.60 3.78
N ARG A 63 17.45 -19.55 4.64
CA ARG A 63 17.49 -20.97 4.28
C ARG A 63 16.42 -21.29 3.23
N ASN A 64 16.85 -21.50 1.98
CA ASN A 64 16.10 -21.99 0.81
C ASN A 64 14.70 -21.39 0.66
N ARG A 65 14.63 -20.14 0.18
CA ARG A 65 13.37 -19.45 -0.13
C ARG A 65 12.81 -19.89 -1.47
N ARG A 66 11.48 -19.82 -1.60
CA ARG A 66 10.79 -19.88 -2.89
C ARG A 66 10.73 -18.48 -3.51
N HIS A 67 9.61 -17.76 -3.42
CA HIS A 67 9.45 -16.37 -3.82
C HIS A 67 8.97 -15.58 -2.60
N ILE A 68 8.95 -14.24 -2.71
CA ILE A 68 8.51 -13.34 -1.67
C ILE A 68 6.98 -13.34 -1.69
N GLU A 69 6.36 -13.51 -0.52
CA GLU A 69 4.95 -13.27 -0.34
C GLU A 69 4.67 -11.77 -0.44
N LYS A 70 3.74 -11.39 -1.31
CA LYS A 70 3.15 -10.05 -1.37
C LYS A 70 1.77 -10.18 -0.77
N LYS A 71 1.64 -9.74 0.48
CA LYS A 71 0.42 -9.69 1.26
C LYS A 71 -0.41 -8.49 0.83
N ILE A 72 -1.71 -8.50 1.15
CA ILE A 72 -2.66 -7.49 0.72
C ILE A 72 -3.44 -7.02 1.96
N LEU A 73 -3.99 -5.81 1.91
CA LEU A 73 -4.93 -5.27 2.90
C LEU A 73 -6.09 -4.64 2.17
N THR A 74 -7.17 -4.34 2.90
CA THR A 74 -8.43 -3.95 2.28
C THR A 74 -9.05 -2.81 3.09
N PHE A 75 -9.00 -1.57 2.58
CA PHE A 75 -9.65 -0.43 3.22
C PHE A 75 -10.72 0.09 2.28
N GLN A 76 -11.94 -0.41 2.44
CA GLN A 76 -13.11 0.10 1.75
C GLN A 76 -13.50 1.46 2.33
N GLY A 77 -14.37 2.16 1.61
CA GLY A 77 -14.79 3.51 1.93
C GLY A 77 -13.76 4.52 1.43
N SER A 78 -14.10 5.79 1.54
CA SER A 78 -13.37 6.95 1.06
C SER A 78 -12.11 7.31 1.87
N LYS A 79 -11.69 6.43 2.77
CA LYS A 79 -10.69 6.70 3.80
C LYS A 79 -9.36 7.01 3.14
N THR A 80 -8.52 7.73 3.87
CA THR A 80 -7.22 8.20 3.44
C THR A 80 -6.10 7.64 4.33
N HIS A 81 -6.44 6.69 5.21
CA HIS A 81 -5.49 6.04 6.09
C HIS A 81 -5.94 4.60 6.39
N GLY A 82 -5.03 3.72 6.82
CA GLY A 82 -5.31 2.33 7.14
C GLY A 82 -4.10 1.62 7.72
N MET A 83 -4.31 0.71 8.68
CA MET A 83 -3.23 0.15 9.49
C MET A 83 -2.75 -1.21 8.96
N LEU A 84 -1.49 -1.55 9.23
CA LEU A 84 -0.84 -2.83 9.00
C LEU A 84 -0.80 -3.62 10.32
N PRO A 85 -1.83 -4.40 10.70
CA PRO A 85 -1.77 -5.30 11.84
C PRO A 85 -1.14 -6.65 11.45
N GLY A 86 -0.69 -7.42 12.45
CA GLY A 86 -0.10 -8.72 12.22
C GLY A 86 1.32 -8.65 11.65
N LEU A 87 1.98 -7.50 11.84
CA LEU A 87 3.36 -7.28 11.47
C LEU A 87 4.23 -7.74 12.64
N GLU A 88 5.54 -7.75 12.43
CA GLU A 88 6.55 -8.13 13.41
C GLU A 88 7.55 -6.99 13.55
N PRO A 89 8.31 -6.96 14.65
CA PRO A 89 9.36 -6.00 14.91
C PRO A 89 10.77 -6.39 14.39
N PHE A 90 11.64 -5.39 14.26
CA PHE A 90 13.06 -5.40 13.89
C PHE A 90 13.42 -5.88 12.46
N SER A 91 12.70 -5.42 11.44
CA SER A 91 12.96 -5.62 10.01
C SER A 91 12.90 -4.28 9.27
N HIS A 92 12.91 -4.33 7.94
CA HIS A 92 12.41 -3.25 7.09
C HIS A 92 11.12 -3.76 6.43
N TYR A 93 10.32 -2.87 5.88
CA TYR A 93 9.08 -3.22 5.19
C TYR A 93 8.90 -2.37 3.96
N THR A 94 8.18 -2.91 2.97
CA THR A 94 7.70 -2.18 1.80
C THR A 94 6.20 -2.42 1.73
N LEU A 95 5.44 -1.37 1.39
CA LEU A 95 4.01 -1.39 1.10
C LEU A 95 3.77 -0.35 0.02
N ASN A 96 2.62 -0.43 -0.65
CA ASN A 96 2.16 0.57 -1.59
C ASN A 96 0.67 0.82 -1.37
N VAL A 97 0.06 1.65 -2.21
CA VAL A 97 -1.38 1.86 -2.24
C VAL A 97 -1.78 1.82 -3.72
N ARG A 98 -3.07 1.58 -3.99
CA ARG A 98 -3.68 1.58 -5.32
C ARG A 98 -5.15 1.91 -5.10
N VAL A 99 -5.83 2.48 -6.08
CA VAL A 99 -7.28 2.68 -6.03
C VAL A 99 -7.93 1.49 -6.73
N VAL A 100 -9.10 1.07 -6.23
CA VAL A 100 -9.91 0.01 -6.80
C VAL A 100 -11.31 0.60 -6.93
N ASN A 101 -11.98 0.28 -8.03
CA ASN A 101 -13.31 0.78 -8.33
C ASN A 101 -14.20 -0.37 -8.80
N GLY A 102 -15.44 -0.06 -9.16
CA GLY A 102 -16.46 -1.04 -9.53
C GLY A 102 -16.19 -1.73 -10.85
N LYS A 103 -15.03 -1.53 -11.47
CA LYS A 103 -14.60 -2.24 -12.66
C LYS A 103 -13.28 -2.95 -12.39
N GLY A 104 -12.24 -2.22 -12.00
CA GLY A 104 -10.88 -2.73 -11.92
C GLY A 104 -10.02 -1.85 -11.04
N GLU A 105 -8.70 -1.91 -11.25
CA GLU A 105 -7.71 -1.20 -10.45
C GLU A 105 -6.71 -0.48 -11.35
N GLY A 106 -5.98 0.48 -10.77
CA GLY A 106 -5.19 1.46 -11.49
C GLY A 106 -3.70 1.35 -11.16
N PRO A 107 -2.92 2.43 -11.36
CA PRO A 107 -1.52 2.44 -11.01
C PRO A 107 -1.30 2.48 -9.52
N ALA A 108 -0.12 2.06 -9.11
CA ALA A 108 0.27 2.15 -7.73
C ALA A 108 0.75 3.55 -7.41
N SER A 109 0.67 3.92 -6.13
CA SER A 109 1.33 5.08 -5.57
C SER A 109 2.86 4.88 -5.67
N PRO A 110 3.66 5.83 -5.17
CA PRO A 110 4.92 5.48 -4.57
C PRO A 110 4.68 4.34 -3.57
N ASP A 111 5.52 3.31 -3.65
CA ASP A 111 5.76 2.45 -2.49
C ASP A 111 6.38 3.32 -1.40
N ARG A 112 6.26 2.88 -0.16
CA ARG A 112 6.90 3.49 0.98
C ARG A 112 7.69 2.44 1.73
N VAL A 113 8.50 2.92 2.65
CA VAL A 113 9.21 2.07 3.58
C VAL A 113 8.71 2.39 4.99
N PHE A 114 8.85 1.41 5.88
CA PHE A 114 8.83 1.65 7.32
C PHE A 114 9.81 0.69 7.96
N ASN A 115 10.50 1.17 9.00
CA ASN A 115 11.37 0.39 9.85
C ASN A 115 10.76 0.38 11.24
N THR A 116 10.99 -0.71 11.96
CA THR A 116 10.32 -1.03 13.19
C THR A 116 11.31 -0.95 14.37
N PRO A 117 10.79 -0.87 15.61
CA PRO A 117 11.60 -1.03 16.80
C PRO A 117 12.00 -2.50 16.97
N GLU A 118 12.91 -2.79 17.90
CA GLU A 118 13.35 -4.15 18.26
C GLU A 118 12.17 -5.00 18.72
N GLY A 119 11.17 -4.37 19.34
CA GLY A 119 9.93 -4.97 19.81
C GLY A 119 10.16 -5.97 20.94
N SER A 120 9.99 -5.54 22.19
CA SER A 120 10.25 -6.37 23.36
C SER A 120 11.68 -6.94 23.36
N GLY A 121 12.65 -6.13 22.92
CA GLY A 121 14.05 -6.48 22.99
C GLY A 121 14.44 -6.81 24.44
N PRO A 122 15.02 -7.98 24.73
CA PRO A 122 15.61 -8.24 26.03
C PRO A 122 16.90 -7.42 26.17
N SER A 123 17.43 -7.35 27.39
CA SER A 123 18.71 -6.75 27.70
C SER A 123 19.22 -7.42 28.99
N SER A 124 20.33 -6.94 29.55
CA SER A 124 20.84 -7.34 30.85
C SER A 124 21.58 -6.15 31.46
N GLY A 125 21.96 -6.26 32.74
CA GLY A 125 22.63 -5.26 33.55
C GLY A 125 22.73 -5.84 34.95
N GLY A 1 -3.39 6.77 -34.31
CA GLY A 1 -3.85 6.35 -32.99
C GLY A 1 -4.91 5.28 -33.15
N SER A 2 -4.66 4.10 -32.60
CA SER A 2 -5.42 2.85 -32.79
C SER A 2 -5.06 2.23 -34.15
N SER A 3 -5.04 0.90 -34.23
CA SER A 3 -4.98 0.14 -35.48
C SER A 3 -5.33 -1.33 -35.19
N GLY A 4 -5.20 -2.21 -36.18
CA GLY A 4 -5.09 -3.65 -35.95
C GLY A 4 -6.44 -4.32 -35.71
N SER A 5 -6.94 -4.24 -34.48
CA SER A 5 -8.19 -4.83 -34.06
C SER A 5 -8.67 -4.01 -32.86
N SER A 6 -8.51 -4.48 -31.62
CA SER A 6 -9.04 -3.80 -30.44
C SER A 6 -8.44 -2.40 -30.30
N GLY A 7 -9.28 -1.43 -29.98
CA GLY A 7 -8.90 -0.04 -29.69
C GLY A 7 -9.88 0.59 -28.71
N HIS A 8 -10.40 -0.20 -27.78
CA HIS A 8 -11.55 0.15 -26.96
C HIS A 8 -11.54 -0.71 -25.70
N SER A 9 -10.67 -0.39 -24.73
CA SER A 9 -10.61 -1.08 -23.46
C SER A 9 -10.27 -0.10 -22.34
N GLY A 10 -11.29 0.49 -21.69
CA GLY A 10 -11.02 1.36 -20.55
C GLY A 10 -12.22 2.04 -19.91
N GLU A 11 -13.45 1.72 -20.28
CA GLU A 11 -14.67 2.52 -20.09
C GLU A 11 -14.70 3.33 -18.79
N ASP A 12 -14.55 2.66 -17.64
CA ASP A 12 -14.70 3.26 -16.32
C ASP A 12 -13.37 3.25 -15.54
N LEU A 13 -12.27 2.72 -16.11
CA LEU A 13 -11.04 2.40 -15.38
C LEU A 13 -10.36 3.63 -14.77
N PRO A 14 -9.81 3.53 -13.53
CA PRO A 14 -9.17 4.65 -12.87
C PRO A 14 -7.83 5.00 -13.52
N MET A 15 -7.37 6.21 -13.24
CA MET A 15 -6.24 6.84 -13.91
C MET A 15 -5.01 6.93 -13.02
N VAL A 16 -5.18 7.27 -11.75
CA VAL A 16 -4.07 7.68 -10.89
C VAL A 16 -4.14 6.93 -9.57
N ALA A 17 -2.97 6.76 -8.97
CA ALA A 17 -2.80 6.28 -7.62
C ALA A 17 -2.94 7.47 -6.66
N PRO A 18 -3.05 7.23 -5.34
CA PRO A 18 -2.86 8.32 -4.40
C PRO A 18 -1.46 8.91 -4.53
N GLY A 19 -1.35 10.17 -4.13
CA GLY A 19 -0.09 10.89 -3.99
C GLY A 19 0.76 10.33 -2.85
N ASN A 20 1.64 11.17 -2.33
CA ASN A 20 2.57 10.84 -1.25
C ASN A 20 1.86 10.08 -0.13
N VAL A 21 2.43 8.95 0.26
CA VAL A 21 1.94 8.10 1.31
C VAL A 21 2.86 8.32 2.49
N ARG A 22 2.32 8.27 3.71
CA ARG A 22 3.08 8.26 4.95
C ARG A 22 2.73 6.99 5.68
N VAL A 23 3.65 6.45 6.46
CA VAL A 23 3.39 5.32 7.31
C VAL A 23 4.20 5.51 8.56
N ASN A 24 3.53 5.60 9.70
CA ASN A 24 4.18 5.75 11.00
C ASN A 24 4.01 4.43 11.72
N VAL A 25 5.11 3.90 12.26
CA VAL A 25 5.03 2.69 13.06
C VAL A 25 4.50 3.10 14.44
N VAL A 26 3.35 2.54 14.78
CA VAL A 26 2.63 2.80 16.01
C VAL A 26 3.21 1.87 17.09
N ASN A 27 3.27 0.56 16.81
CA ASN A 27 3.74 -0.48 17.73
C ASN A 27 4.65 -1.46 16.98
N SER A 28 5.21 -2.44 17.68
CA SER A 28 6.04 -3.51 17.12
C SER A 28 5.37 -4.22 15.93
N THR A 29 4.05 -4.42 16.01
CA THR A 29 3.29 -5.20 15.05
C THR A 29 2.31 -4.32 14.27
N LEU A 30 2.34 -3.00 14.46
CA LEU A 30 1.34 -2.07 13.99
C LEU A 30 1.98 -0.84 13.39
N ALA A 31 1.64 -0.50 12.16
CA ALA A 31 1.85 0.85 11.63
C ALA A 31 0.50 1.45 11.24
N GLU A 32 0.41 2.76 11.17
CA GLU A 32 -0.65 3.49 10.52
C GLU A 32 -0.12 3.90 9.15
N VAL A 33 -0.99 4.05 8.15
CA VAL A 33 -0.66 4.48 6.80
C VAL A 33 -1.64 5.59 6.43
N HIS A 34 -1.14 6.61 5.77
CA HIS A 34 -1.82 7.85 5.43
C HIS A 34 -1.60 8.03 3.92
N TRP A 35 -2.62 8.39 3.18
CA TRP A 35 -2.54 8.67 1.75
C TRP A 35 -3.43 9.87 1.42
N ASP A 36 -3.61 10.15 0.13
CA ASP A 36 -4.20 11.38 -0.38
C ASP A 36 -5.47 11.08 -1.18
N PRO A 37 -6.56 11.83 -0.98
CA PRO A 37 -7.85 11.55 -1.57
C PRO A 37 -7.90 12.06 -3.01
N VAL A 38 -7.64 11.16 -3.94
CA VAL A 38 -7.61 11.47 -5.36
C VAL A 38 -9.01 11.92 -5.85
N PRO A 39 -9.10 12.68 -6.93
CA PRO A 39 -10.36 13.24 -7.40
C PRO A 39 -11.19 12.16 -8.07
N LEU A 40 -12.52 12.28 -7.99
CA LEU A 40 -13.46 11.35 -8.58
C LEU A 40 -13.21 11.21 -10.07
N LYS A 41 -12.88 12.32 -10.75
CA LYS A 41 -12.55 12.33 -12.16
C LYS A 41 -11.38 11.43 -12.51
N SER A 42 -10.41 11.24 -11.60
CA SER A 42 -9.33 10.29 -11.84
C SER A 42 -9.85 8.87 -11.76
N ILE A 43 -10.78 8.58 -10.83
CA ILE A 43 -11.37 7.26 -10.65
C ILE A 43 -12.14 6.87 -11.92
N ARG A 44 -12.66 7.84 -12.68
CA ARG A 44 -13.41 7.65 -13.93
C ARG A 44 -14.64 6.75 -13.76
N GLY A 45 -15.04 6.48 -12.53
CA GLY A 45 -15.92 5.36 -12.24
C GLY A 45 -16.20 5.28 -10.75
N HIS A 46 -16.96 4.26 -10.35
CA HIS A 46 -17.39 4.12 -8.98
C HIS A 46 -16.33 3.42 -8.14
N LEU A 47 -15.72 4.18 -7.22
CA LEU A 47 -14.86 3.73 -6.14
C LEU A 47 -15.47 2.50 -5.44
N GLN A 48 -14.67 1.45 -5.23
CA GLN A 48 -15.05 0.22 -4.53
C GLN A 48 -14.22 -0.01 -3.26
N GLY A 49 -13.14 0.75 -3.08
CA GLY A 49 -12.34 0.80 -1.87
C GLY A 49 -10.88 1.13 -2.20
N TYR A 50 -10.01 1.03 -1.20
CA TYR A 50 -8.57 1.17 -1.40
C TYR A 50 -7.86 -0.17 -1.08
N ARG A 51 -6.64 -0.37 -1.58
CA ARG A 51 -5.82 -1.56 -1.34
C ARG A 51 -4.47 -1.11 -0.83
N ILE A 52 -3.84 -1.91 0.04
CA ILE A 52 -2.43 -1.83 0.35
C ILE A 52 -1.84 -3.20 -0.02
N TYR A 53 -0.82 -3.23 -0.88
CA TYR A 53 0.09 -4.36 -1.03
C TYR A 53 1.31 -4.05 -0.20
N TYR A 54 1.95 -5.06 0.39
CA TYR A 54 3.16 -4.93 1.18
C TYR A 54 3.90 -6.25 1.20
N TRP A 55 5.19 -6.23 1.53
CA TRP A 55 6.01 -7.41 1.62
C TRP A 55 7.09 -7.21 2.68
N LYS A 56 7.62 -8.32 3.22
CA LYS A 56 8.76 -8.31 4.11
C LYS A 56 9.98 -7.91 3.26
N THR A 57 10.86 -7.08 3.80
CA THR A 57 12.00 -6.54 3.08
C THR A 57 13.23 -6.78 3.95
N GLN A 58 14.30 -7.31 3.36
CA GLN A 58 15.54 -7.57 4.09
C GLN A 58 16.75 -7.87 3.21
N SER A 59 16.59 -8.10 1.89
CA SER A 59 17.54 -8.78 1.01
C SER A 59 17.83 -10.23 1.42
N SER A 60 18.37 -10.48 2.63
CA SER A 60 18.81 -11.76 3.18
C SER A 60 19.61 -12.59 2.17
N SER A 61 20.58 -11.94 1.52
CA SER A 61 21.53 -12.61 0.64
C SER A 61 22.21 -13.74 1.42
N LYS A 62 22.26 -14.94 0.85
CA LYS A 62 22.95 -16.12 1.35
C LYS A 62 22.97 -17.12 0.20
N ARG A 63 23.76 -18.20 0.26
CA ARG A 63 23.90 -19.04 -0.95
C ARG A 63 22.58 -19.66 -1.41
N ASN A 64 21.62 -19.90 -0.51
CA ASN A 64 20.27 -20.36 -0.87
C ASN A 64 19.22 -19.56 -0.10
N ARG A 65 17.96 -19.60 -0.56
CA ARG A 65 16.69 -19.22 0.07
C ARG A 65 16.31 -17.81 -0.38
N ARG A 66 15.59 -17.71 -1.50
CA ARG A 66 15.24 -16.47 -2.18
C ARG A 66 13.77 -16.54 -2.55
N HIS A 67 12.90 -16.15 -1.63
CA HIS A 67 11.48 -15.97 -1.81
C HIS A 67 11.01 -14.88 -0.85
N ILE A 68 10.44 -13.80 -1.37
CA ILE A 68 9.78 -12.76 -0.60
C ILE A 68 8.28 -13.05 -0.67
N GLU A 69 7.63 -13.17 0.49
CA GLU A 69 6.19 -13.30 0.60
C GLU A 69 5.57 -11.91 0.51
N LYS A 70 4.76 -11.67 -0.53
CA LYS A 70 3.98 -10.44 -0.69
C LYS A 70 2.55 -10.70 -0.23
N LYS A 71 1.96 -9.69 0.40
CA LYS A 71 0.77 -9.74 1.19
C LYS A 71 -0.14 -8.54 0.90
N ILE A 72 -1.40 -8.59 1.34
CA ILE A 72 -2.43 -7.62 1.00
C ILE A 72 -3.16 -7.15 2.27
N LEU A 73 -3.79 -5.98 2.16
CA LEU A 73 -4.78 -5.43 3.07
C LEU A 73 -5.84 -4.71 2.23
N THR A 74 -7.10 -5.01 2.53
CA THR A 74 -8.27 -4.33 1.98
C THR A 74 -8.57 -3.11 2.87
N PHE A 75 -9.05 -2.02 2.28
CA PHE A 75 -9.64 -0.89 3.00
C PHE A 75 -10.86 -0.36 2.26
N GLN A 76 -11.70 0.39 2.97
CA GLN A 76 -12.87 1.00 2.38
C GLN A 76 -12.52 2.24 1.57
N GLY A 77 -13.53 2.74 0.87
CA GLY A 77 -13.40 3.85 -0.04
C GLY A 77 -13.37 5.18 0.69
N SER A 78 -12.70 6.16 0.09
CA SER A 78 -12.62 7.56 0.51
C SER A 78 -11.97 7.81 1.88
N LYS A 79 -11.63 6.78 2.67
CA LYS A 79 -10.75 6.93 3.81
C LYS A 79 -9.37 7.29 3.28
N THR A 80 -8.63 8.10 4.02
CA THR A 80 -7.28 8.52 3.71
C THR A 80 -6.26 7.92 4.68
N HIS A 81 -6.67 6.99 5.54
CA HIS A 81 -5.74 6.18 6.33
C HIS A 81 -6.29 4.78 6.60
N GLY A 82 -5.40 3.92 7.08
CA GLY A 82 -5.60 2.53 7.46
C GLY A 82 -4.37 2.09 8.25
N MET A 83 -4.23 0.81 8.57
CA MET A 83 -3.12 0.31 9.37
C MET A 83 -2.45 -0.90 8.72
N LEU A 84 -1.29 -1.30 9.24
CA LEU A 84 -0.68 -2.59 8.99
C LEU A 84 -0.58 -3.27 10.35
N PRO A 85 -1.64 -3.95 10.82
CA PRO A 85 -1.65 -4.69 12.07
C PRO A 85 -1.17 -6.13 11.85
N GLY A 86 -0.69 -6.78 12.92
CA GLY A 86 -0.24 -8.17 12.88
C GLY A 86 1.08 -8.35 12.13
N LEU A 87 1.81 -7.27 11.86
CA LEU A 87 3.13 -7.27 11.24
C LEU A 87 4.16 -7.76 12.27
N GLU A 88 5.44 -7.83 11.91
CA GLU A 88 6.49 -8.27 12.83
C GLU A 88 7.44 -7.12 13.19
N PRO A 89 7.98 -7.15 14.43
CA PRO A 89 8.96 -6.18 14.89
C PRO A 89 10.32 -6.32 14.19
N PHE A 90 11.22 -5.36 14.47
CA PHE A 90 12.62 -5.33 14.08
C PHE A 90 12.85 -5.62 12.58
N SER A 91 11.95 -5.16 11.71
CA SER A 91 11.92 -5.56 10.31
C SER A 91 11.67 -4.37 9.39
N HIS A 92 12.31 -4.34 8.22
CA HIS A 92 11.87 -3.48 7.13
C HIS A 92 10.69 -4.18 6.44
N TYR A 93 9.75 -3.39 5.94
CA TYR A 93 8.69 -3.81 5.03
C TYR A 93 8.55 -2.70 3.99
N THR A 94 8.18 -3.05 2.77
CA THR A 94 7.81 -2.08 1.72
C THR A 94 6.33 -2.33 1.42
N LEU A 95 5.62 -1.31 0.93
CA LEU A 95 4.19 -1.33 0.64
C LEU A 95 3.89 -0.34 -0.50
N ASN A 96 2.72 -0.48 -1.11
CA ASN A 96 2.12 0.55 -1.97
C ASN A 96 0.61 0.59 -1.70
N VAL A 97 -0.03 1.72 -2.01
CA VAL A 97 -1.47 1.93 -1.93
C VAL A 97 -1.99 1.98 -3.36
N ARG A 98 -3.19 1.45 -3.61
CA ARG A 98 -3.78 1.39 -4.95
C ARG A 98 -5.25 1.73 -4.84
N VAL A 99 -5.80 2.36 -5.88
CA VAL A 99 -7.23 2.63 -5.95
C VAL A 99 -7.90 1.47 -6.66
N VAL A 100 -9.14 1.20 -6.28
CA VAL A 100 -9.97 0.12 -6.79
C VAL A 100 -11.35 0.72 -7.09
N ASN A 101 -11.94 0.33 -8.22
CA ASN A 101 -13.24 0.79 -8.66
C ASN A 101 -13.99 -0.38 -9.31
N GLY A 102 -15.23 -0.14 -9.74
CA GLY A 102 -16.14 -1.18 -10.24
C GLY A 102 -15.70 -1.84 -11.55
N LYS A 103 -14.58 -1.41 -12.14
CA LYS A 103 -14.10 -1.83 -13.44
C LYS A 103 -12.69 -2.40 -13.34
N GLY A 104 -11.91 -2.00 -12.34
CA GLY A 104 -10.56 -2.49 -12.13
C GLY A 104 -9.78 -1.59 -11.19
N GLU A 105 -8.45 -1.70 -11.27
CA GLU A 105 -7.53 -1.26 -10.23
C GLU A 105 -6.43 -0.46 -10.92
N GLY A 106 -6.22 0.78 -10.47
CA GLY A 106 -5.43 1.76 -11.21
C GLY A 106 -3.93 1.50 -11.08
N PRO A 107 -3.08 2.49 -11.36
CA PRO A 107 -1.70 2.41 -10.92
C PRO A 107 -1.65 2.48 -9.39
N ALA A 108 -0.47 2.23 -8.85
CA ALA A 108 -0.24 2.26 -7.41
C ALA A 108 0.70 3.41 -7.08
N SER A 109 0.75 3.72 -5.78
CA SER A 109 1.29 4.95 -5.24
C SER A 109 2.81 5.03 -5.43
N PRO A 110 3.50 6.07 -4.94
CA PRO A 110 4.88 5.91 -4.52
C PRO A 110 4.94 4.71 -3.56
N ASP A 111 5.91 3.82 -3.74
CA ASP A 111 6.23 2.80 -2.75
C ASP A 111 6.62 3.57 -1.49
N ARG A 112 6.22 3.08 -0.33
CA ARG A 112 6.70 3.61 0.94
C ARG A 112 7.52 2.53 1.61
N VAL A 113 8.21 2.92 2.67
CA VAL A 113 9.09 2.06 3.43
C VAL A 113 8.80 2.32 4.90
N PHE A 114 8.97 1.32 5.75
CA PHE A 114 8.84 1.44 7.19
C PHE A 114 9.64 0.34 7.85
N ASN A 115 10.31 0.63 8.96
CA ASN A 115 11.05 -0.30 9.78
C ASN A 115 10.48 -0.30 11.19
N THR A 116 10.15 -1.48 11.70
CA THR A 116 9.55 -1.67 13.01
C THR A 116 10.64 -1.63 14.11
N PRO A 117 10.27 -1.35 15.37
CA PRO A 117 11.21 -1.03 16.44
C PRO A 117 12.08 -2.24 16.84
N GLU A 118 11.67 -3.08 17.80
CA GLU A 118 12.46 -4.26 18.19
C GLU A 118 11.60 -5.40 18.71
N GLY A 119 10.48 -5.06 19.33
CA GLY A 119 9.52 -5.99 19.91
C GLY A 119 9.79 -6.26 21.39
N SER A 120 9.22 -7.37 21.85
CA SER A 120 9.27 -7.89 23.21
C SER A 120 8.82 -6.85 24.23
N GLY A 121 7.51 -6.60 24.29
CA GLY A 121 6.90 -5.96 25.44
C GLY A 121 5.39 -6.05 25.40
N PRO A 122 4.70 -5.91 26.55
CA PRO A 122 3.26 -6.10 26.66
C PRO A 122 2.49 -4.94 26.06
N SER A 123 2.91 -3.71 26.34
CA SER A 123 2.24 -2.49 25.95
C SER A 123 3.34 -1.47 25.63
N SER A 124 3.69 -0.57 26.55
CA SER A 124 4.92 0.21 26.47
C SER A 124 6.13 -0.73 26.59
N GLY A 125 6.02 -1.73 27.46
CA GLY A 125 7.13 -2.11 28.31
C GLY A 125 6.75 -1.54 29.65
N GLY A 1 -10.37 17.14 -35.39
CA GLY A 1 -9.75 17.17 -36.72
C GLY A 1 -10.58 16.32 -37.67
N SER A 2 -10.26 16.30 -38.96
CA SER A 2 -10.76 15.26 -39.85
C SER A 2 -9.95 14.01 -39.49
N SER A 3 -10.46 13.21 -38.56
CA SER A 3 -9.71 12.14 -37.91
C SER A 3 -10.70 11.17 -37.23
N GLY A 4 -10.26 9.96 -36.91
CA GLY A 4 -10.93 9.03 -36.01
C GLY A 4 -9.88 8.08 -35.45
N SER A 5 -10.16 7.44 -34.31
CA SER A 5 -9.32 6.42 -33.67
C SER A 5 -10.13 5.91 -32.47
N SER A 6 -10.40 6.81 -31.52
CA SER A 6 -11.39 6.65 -30.48
C SER A 6 -12.80 6.68 -31.09
N GLY A 7 -13.82 6.38 -30.28
CA GLY A 7 -15.22 6.49 -30.66
C GLY A 7 -16.12 6.07 -29.52
N HIS A 8 -15.78 4.97 -28.82
CA HIS A 8 -16.39 4.68 -27.52
C HIS A 8 -15.88 5.68 -26.49
N SER A 9 -16.59 5.79 -25.37
CA SER A 9 -16.30 6.69 -24.27
C SER A 9 -16.74 5.99 -22.97
N GLY A 10 -16.19 6.38 -21.83
CA GLY A 10 -16.51 5.88 -20.49
C GLY A 10 -15.23 5.62 -19.74
N GLU A 11 -14.48 4.62 -20.21
CA GLU A 11 -13.13 4.28 -19.79
C GLU A 11 -12.99 4.18 -18.28
N ASP A 12 -13.73 3.24 -17.72
CA ASP A 12 -13.94 3.15 -16.28
C ASP A 12 -12.66 2.83 -15.52
N LEU A 13 -11.62 2.22 -16.13
CA LEU A 13 -10.46 1.81 -15.33
C LEU A 13 -9.69 3.03 -14.84
N PRO A 14 -9.29 3.07 -13.56
CA PRO A 14 -8.71 4.27 -12.95
C PRO A 14 -7.40 4.71 -13.61
N MET A 15 -7.24 6.02 -13.75
CA MET A 15 -6.08 6.66 -14.37
C MET A 15 -4.90 6.75 -13.42
N VAL A 16 -5.11 7.12 -12.15
CA VAL A 16 -4.03 7.41 -11.22
C VAL A 16 -4.31 6.82 -9.84
N ALA A 17 -3.27 6.79 -9.02
CA ALA A 17 -3.25 6.32 -7.64
C ALA A 17 -3.43 7.52 -6.68
N PRO A 18 -3.61 7.31 -5.36
CA PRO A 18 -3.67 8.40 -4.40
C PRO A 18 -2.34 9.18 -4.27
N GLY A 19 -2.42 10.31 -3.57
CA GLY A 19 -1.31 11.23 -3.38
C GLY A 19 -0.34 10.73 -2.29
N ASN A 20 0.79 11.44 -2.16
CA ASN A 20 2.04 10.94 -1.58
C ASN A 20 1.86 10.29 -0.21
N VAL A 21 1.98 8.96 -0.23
CA VAL A 21 1.72 8.05 0.87
C VAL A 21 2.71 8.32 2.00
N ARG A 22 2.32 8.03 3.24
CA ARG A 22 3.13 8.15 4.46
C ARG A 22 2.77 6.96 5.35
N VAL A 23 3.64 6.55 6.25
CA VAL A 23 3.33 5.56 7.28
C VAL A 23 4.11 5.86 8.56
N ASN A 24 3.50 5.62 9.71
CA ASN A 24 4.03 5.77 11.06
C ASN A 24 3.90 4.45 11.80
N VAL A 25 4.99 3.96 12.40
CA VAL A 25 4.96 2.73 13.19
C VAL A 25 4.45 3.07 14.59
N VAL A 26 3.38 2.40 15.00
CA VAL A 26 2.79 2.55 16.31
C VAL A 26 3.56 1.70 17.29
N ASN A 27 3.77 0.42 16.95
CA ASN A 27 4.48 -0.51 17.81
C ASN A 27 5.12 -1.61 16.97
N SER A 28 5.67 -2.61 17.63
CA SER A 28 6.48 -3.65 17.02
C SER A 28 5.73 -4.36 15.90
N THR A 29 4.42 -4.54 16.06
CA THR A 29 3.60 -5.41 15.22
C THR A 29 2.38 -4.65 14.69
N LEU A 30 2.43 -3.31 14.71
CA LEU A 30 1.41 -2.42 14.19
C LEU A 30 2.04 -1.15 13.61
N ALA A 31 1.51 -0.67 12.48
CA ALA A 31 1.82 0.63 11.90
C ALA A 31 0.52 1.24 11.36
N GLU A 32 0.51 2.52 11.00
CA GLU A 32 -0.59 3.21 10.37
C GLU A 32 -0.10 3.93 9.14
N VAL A 33 -0.95 4.00 8.12
CA VAL A 33 -0.57 4.38 6.77
C VAL A 33 -1.54 5.44 6.34
N HIS A 34 -1.04 6.52 5.77
CA HIS A 34 -1.85 7.63 5.32
C HIS A 34 -1.57 7.80 3.82
N TRP A 35 -2.55 8.27 3.06
CA TRP A 35 -2.39 8.63 1.67
C TRP A 35 -3.35 9.77 1.37
N ASP A 36 -3.01 10.58 0.36
CA ASP A 36 -3.81 11.77 0.09
C ASP A 36 -4.92 11.42 -0.91
N PRO A 37 -6.12 12.00 -0.74
CA PRO A 37 -7.30 11.62 -1.50
C PRO A 37 -7.13 11.99 -2.97
N VAL A 38 -7.27 10.98 -3.83
CA VAL A 38 -7.55 11.14 -5.25
C VAL A 38 -8.76 12.08 -5.47
N PRO A 39 -8.92 12.59 -6.70
CA PRO A 39 -10.01 13.44 -7.15
C PRO A 39 -11.23 12.55 -7.40
N LEU A 40 -11.94 12.70 -8.52
CA LEU A 40 -12.84 11.65 -9.00
C LEU A 40 -12.61 11.35 -10.48
N LYS A 41 -12.21 12.34 -11.32
CA LYS A 41 -11.95 12.11 -12.74
C LYS A 41 -11.03 10.92 -12.97
N SER A 42 -9.95 10.80 -12.21
CA SER A 42 -9.01 9.69 -12.35
C SER A 42 -9.55 8.40 -11.76
N ILE A 43 -10.43 8.45 -10.75
CA ILE A 43 -11.15 7.27 -10.28
C ILE A 43 -12.05 6.75 -11.41
N ARG A 44 -12.55 7.62 -12.32
CA ARG A 44 -13.27 7.32 -13.57
C ARG A 44 -14.66 6.72 -13.36
N GLY A 45 -14.90 6.05 -12.25
CA GLY A 45 -16.18 5.63 -11.70
C GLY A 45 -16.24 6.11 -10.25
N HIS A 46 -17.18 5.57 -9.47
CA HIS A 46 -17.21 5.79 -8.03
C HIS A 46 -16.13 4.92 -7.37
N LEU A 47 -15.59 5.40 -6.24
CA LEU A 47 -14.56 4.73 -5.46
C LEU A 47 -15.23 3.58 -4.71
N GLN A 48 -14.66 2.38 -4.79
CA GLN A 48 -15.09 1.23 -3.99
C GLN A 48 -14.20 1.05 -2.76
N GLY A 49 -12.93 1.45 -2.84
CA GLY A 49 -11.96 1.22 -1.78
C GLY A 49 -10.54 1.43 -2.28
N TYR A 50 -9.60 1.25 -1.36
CA TYR A 50 -8.18 1.26 -1.64
C TYR A 50 -7.62 -0.08 -1.19
N ARG A 51 -6.57 -0.55 -1.85
CA ARG A 51 -5.91 -1.81 -1.52
C ARG A 51 -4.46 -1.50 -1.23
N ILE A 52 -3.97 -1.92 -0.06
CA ILE A 52 -2.57 -1.73 0.31
C ILE A 52 -1.85 -3.02 -0.08
N TYR A 53 -0.82 -2.93 -0.91
CA TYR A 53 0.15 -4.01 -1.12
C TYR A 53 1.29 -3.79 -0.14
N TYR A 54 1.92 -4.85 0.38
CA TYR A 54 3.18 -4.79 1.10
C TYR A 54 3.91 -6.12 1.09
N TRP A 55 5.18 -6.10 1.51
CA TRP A 55 5.97 -7.28 1.80
C TRP A 55 6.99 -6.95 2.91
N LYS A 56 7.44 -8.00 3.61
CA LYS A 56 8.56 -7.98 4.54
C LYS A 56 9.85 -7.88 3.74
N THR A 57 10.79 -7.04 4.19
CA THR A 57 11.99 -6.71 3.46
C THR A 57 13.22 -6.87 4.38
N GLN A 58 14.37 -7.24 3.81
CA GLN A 58 15.57 -7.57 4.59
C GLN A 58 16.88 -7.19 3.91
N SER A 59 16.92 -7.15 2.57
CA SER A 59 18.07 -6.88 1.72
C SER A 59 19.40 -7.34 2.30
N SER A 60 19.60 -8.65 2.38
CA SER A 60 20.91 -9.26 2.50
C SER A 60 21.11 -10.17 1.28
N SER A 61 22.24 -10.85 1.19
CA SER A 61 22.66 -11.56 -0.01
C SER A 61 22.68 -13.06 0.25
N LYS A 62 21.57 -13.74 0.01
CA LYS A 62 21.55 -15.21 0.08
C LYS A 62 22.47 -15.80 -0.97
N ARG A 63 22.91 -17.04 -0.75
CA ARG A 63 23.75 -17.76 -1.71
C ARG A 63 22.86 -18.47 -2.72
N ASN A 64 21.73 -19.01 -2.27
CA ASN A 64 20.66 -19.51 -3.12
C ASN A 64 19.31 -19.29 -2.39
N ARG A 65 18.63 -18.16 -2.62
CA ARG A 65 17.23 -17.98 -2.23
C ARG A 65 16.61 -16.84 -3.04
N ARG A 66 15.38 -17.03 -3.54
CA ARG A 66 14.67 -16.06 -4.37
C ARG A 66 13.16 -16.28 -4.18
N HIS A 67 12.56 -15.75 -3.12
CA HIS A 67 11.10 -15.75 -2.93
C HIS A 67 10.72 -14.64 -1.95
N ILE A 68 10.23 -13.52 -2.45
CA ILE A 68 9.56 -12.48 -1.67
C ILE A 68 8.07 -12.86 -1.67
N GLU A 69 7.49 -13.04 -0.50
CA GLU A 69 6.05 -13.12 -0.31
C GLU A 69 5.51 -11.68 -0.32
N LYS A 70 4.37 -11.45 -0.98
CA LYS A 70 3.68 -10.16 -1.00
C LYS A 70 2.31 -10.38 -0.40
N LYS A 71 1.98 -9.60 0.62
CA LYS A 71 0.69 -9.58 1.28
C LYS A 71 -0.13 -8.43 0.71
N ILE A 72 -1.42 -8.49 0.98
CA ILE A 72 -2.46 -7.61 0.48
C ILE A 72 -3.37 -7.29 1.66
N LEU A 73 -3.96 -6.10 1.65
CA LEU A 73 -4.72 -5.52 2.76
C LEU A 73 -5.97 -4.83 2.22
N THR A 74 -7.12 -5.00 2.87
CA THR A 74 -8.39 -4.44 2.45
C THR A 74 -8.68 -3.16 3.24
N PHE A 75 -9.08 -2.10 2.53
CA PHE A 75 -9.61 -0.84 3.05
C PHE A 75 -10.68 -0.34 2.10
N GLN A 76 -11.77 -1.08 2.08
CA GLN A 76 -13.00 -0.74 1.37
C GLN A 76 -13.62 0.48 1.99
N GLY A 77 -14.03 1.41 1.12
CA GLY A 77 -14.57 2.72 1.47
C GLY A 77 -13.56 3.84 1.27
N SER A 78 -14.02 5.08 1.50
CA SER A 78 -13.34 6.31 1.13
C SER A 78 -12.14 6.69 2.00
N LYS A 79 -11.78 5.90 3.02
CA LYS A 79 -10.70 6.21 3.95
C LYS A 79 -9.45 6.69 3.22
N THR A 80 -8.74 7.58 3.89
CA THR A 80 -7.43 8.12 3.51
C THR A 80 -6.31 7.43 4.29
N HIS A 81 -6.64 6.52 5.21
CA HIS A 81 -5.64 5.90 6.05
C HIS A 81 -6.05 4.49 6.46
N GLY A 82 -5.14 3.68 7.02
CA GLY A 82 -5.40 2.30 7.41
C GLY A 82 -4.17 1.65 8.07
N MET A 83 -4.40 0.60 8.85
CA MET A 83 -3.39 -0.01 9.71
C MET A 83 -2.58 -1.08 8.98
N LEU A 84 -1.40 -1.42 9.51
CA LEU A 84 -0.61 -2.57 9.14
C LEU A 84 -0.49 -3.47 10.38
N PRO A 85 -1.43 -4.41 10.60
CA PRO A 85 -1.28 -5.48 11.60
C PRO A 85 -0.69 -6.76 10.98
N GLY A 86 -0.08 -7.61 11.79
CA GLY A 86 0.53 -8.88 11.35
C GLY A 86 1.98 -8.68 10.94
N LEU A 87 2.65 -7.70 11.54
CA LEU A 87 4.01 -7.27 11.26
C LEU A 87 4.92 -7.85 12.32
N GLU A 88 6.23 -7.65 12.20
CA GLU A 88 7.24 -8.09 13.14
C GLU A 88 8.21 -6.96 13.44
N PRO A 89 8.79 -6.95 14.65
CA PRO A 89 9.76 -5.95 15.05
C PRO A 89 11.11 -6.13 14.34
N PHE A 90 11.96 -5.12 14.44
CA PHE A 90 13.33 -5.04 13.93
C PHE A 90 13.46 -5.43 12.45
N SER A 91 12.45 -5.12 11.62
CA SER A 91 12.42 -5.46 10.20
C SER A 91 12.02 -4.24 9.37
N HIS A 92 12.52 -4.14 8.13
CA HIS A 92 12.06 -3.16 7.16
C HIS A 92 10.86 -3.77 6.43
N TYR A 93 9.96 -2.91 5.96
CA TYR A 93 8.81 -3.27 5.16
C TYR A 93 8.67 -2.27 4.03
N THR A 94 8.14 -2.76 2.92
CA THR A 94 7.85 -2.00 1.72
C THR A 94 6.38 -2.24 1.41
N LEU A 95 5.63 -1.19 1.10
CA LEU A 95 4.18 -1.17 0.93
C LEU A 95 3.82 -0.12 -0.12
N ASN A 96 2.62 -0.15 -0.68
CA ASN A 96 2.08 0.86 -1.60
C ASN A 96 0.55 0.93 -1.43
N VAL A 97 -0.12 1.92 -2.03
CA VAL A 97 -1.60 2.01 -2.06
C VAL A 97 -2.05 1.96 -3.52
N ARG A 98 -3.24 1.42 -3.80
CA ARG A 98 -3.84 1.35 -5.13
C ARG A 98 -5.33 1.65 -4.98
N VAL A 99 -5.98 2.28 -5.96
CA VAL A 99 -7.42 2.51 -5.95
C VAL A 99 -8.13 1.30 -6.57
N VAL A 100 -9.38 1.09 -6.17
CA VAL A 100 -10.29 0.08 -6.70
C VAL A 100 -11.62 0.79 -6.97
N ASN A 101 -12.27 0.47 -8.09
CA ASN A 101 -13.55 1.06 -8.47
C ASN A 101 -14.48 0.01 -9.05
N GLY A 102 -15.62 0.44 -9.62
CA GLY A 102 -16.65 -0.45 -10.18
C GLY A 102 -16.21 -1.31 -11.36
N LYS A 103 -15.01 -1.11 -11.90
CA LYS A 103 -14.47 -1.86 -13.02
C LYS A 103 -13.27 -2.68 -12.55
N GLY A 104 -12.24 -2.06 -11.98
CA GLY A 104 -11.01 -2.77 -11.65
C GLY A 104 -10.07 -1.90 -10.82
N GLU A 105 -8.80 -2.32 -10.76
CA GLU A 105 -7.72 -1.53 -10.20
C GLU A 105 -7.15 -0.63 -11.31
N GLY A 106 -6.45 0.42 -10.91
CA GLY A 106 -5.57 1.22 -11.76
C GLY A 106 -4.16 1.17 -11.18
N PRO A 107 -3.29 2.14 -11.49
CA PRO A 107 -1.94 2.17 -10.91
C PRO A 107 -2.00 2.30 -9.40
N ALA A 108 -0.91 1.85 -8.79
CA ALA A 108 -0.58 2.06 -7.41
C ALA A 108 0.30 3.31 -7.30
N SER A 109 0.26 3.92 -6.11
CA SER A 109 1.17 4.97 -5.69
C SER A 109 2.59 4.37 -5.56
N PRO A 110 3.65 5.19 -5.45
CA PRO A 110 5.00 4.69 -5.26
C PRO A 110 5.09 3.94 -3.94
N ASP A 111 6.14 3.12 -3.79
CA ASP A 111 6.42 2.49 -2.52
C ASP A 111 6.69 3.54 -1.46
N ARG A 112 6.14 3.30 -0.28
CA ARG A 112 6.59 3.91 0.97
C ARG A 112 7.50 2.89 1.66
N VAL A 113 8.11 3.30 2.76
CA VAL A 113 8.86 2.40 3.63
C VAL A 113 8.42 2.64 5.08
N PHE A 114 8.60 1.64 5.94
CA PHE A 114 8.68 1.79 7.38
C PHE A 114 9.49 0.60 7.91
N ASN A 115 10.30 0.78 8.96
CA ASN A 115 10.92 -0.30 9.68
C ASN A 115 10.53 -0.19 11.14
N THR A 116 10.40 -1.35 11.76
CA THR A 116 9.79 -1.49 13.07
C THR A 116 10.85 -1.35 14.17
N PRO A 117 10.48 -1.00 15.41
CA PRO A 117 11.43 -0.90 16.51
C PRO A 117 11.93 -2.30 16.87
N GLU A 118 13.03 -2.38 17.63
CA GLU A 118 13.72 -3.63 17.95
C GLU A 118 12.80 -4.66 18.64
N GLY A 119 11.78 -4.15 19.34
CA GLY A 119 10.55 -4.83 19.65
C GLY A 119 10.30 -4.92 21.13
N SER A 120 10.67 -6.07 21.70
CA SER A 120 10.66 -6.29 23.13
C SER A 120 11.73 -7.34 23.43
N GLY A 121 12.06 -7.46 24.70
CA GLY A 121 12.99 -8.39 25.27
C GLY A 121 13.07 -8.03 26.75
N PRO A 122 14.23 -7.55 27.26
CA PRO A 122 14.37 -7.19 28.65
C PRO A 122 13.44 -6.02 29.01
N SER A 123 12.88 -6.06 30.21
CA SER A 123 12.29 -4.93 30.91
C SER A 123 12.65 -5.11 32.39
N SER A 124 12.83 -4.02 33.12
CA SER A 124 12.90 -4.07 34.57
C SER A 124 11.52 -4.34 35.16
N GLY A 125 11.48 -4.54 36.48
CA GLY A 125 10.31 -4.60 37.33
C GLY A 125 10.82 -4.43 38.76
N GLY A 1 11.13 18.15 -20.41
CA GLY A 1 10.38 17.94 -21.66
C GLY A 1 10.08 16.46 -21.85
N SER A 2 9.07 16.15 -22.66
CA SER A 2 8.42 14.86 -22.73
C SER A 2 8.53 14.28 -24.14
N SER A 3 9.11 13.08 -24.27
CA SER A 3 9.26 12.35 -25.54
C SER A 3 8.90 10.87 -25.34
N GLY A 4 7.61 10.58 -25.21
CA GLY A 4 7.05 9.24 -25.12
C GLY A 4 5.62 9.23 -25.63
N SER A 5 4.97 8.07 -25.59
CA SER A 5 3.60 7.87 -25.99
C SER A 5 2.75 7.50 -24.78
N SER A 6 1.44 7.65 -24.92
CA SER A 6 0.46 7.28 -23.91
C SER A 6 -0.47 6.23 -24.53
N GLY A 7 -1.38 5.68 -23.73
CA GLY A 7 -2.33 4.68 -24.18
C GLY A 7 -3.22 4.31 -23.01
N HIS A 8 -4.52 4.19 -23.25
CA HIS A 8 -5.52 4.09 -22.19
C HIS A 8 -6.68 3.25 -22.69
N SER A 9 -7.33 2.52 -21.79
CA SER A 9 -8.44 1.63 -22.09
C SER A 9 -9.50 1.76 -20.99
N GLY A 10 -10.75 1.51 -21.35
CA GLY A 10 -11.90 1.49 -20.45
C GLY A 10 -12.45 2.89 -20.17
N GLU A 11 -13.55 2.93 -19.44
CA GLU A 11 -14.17 4.13 -18.91
C GLU A 11 -14.34 3.99 -17.41
N ASP A 12 -14.97 2.90 -16.97
CA ASP A 12 -15.31 2.73 -15.56
C ASP A 12 -14.08 2.33 -14.74
N LEU A 13 -12.92 2.08 -15.39
CA LEU A 13 -11.61 1.93 -14.77
C LEU A 13 -11.09 3.26 -14.26
N PRO A 14 -10.24 3.27 -13.21
CA PRO A 14 -9.57 4.48 -12.74
C PRO A 14 -8.45 4.89 -13.69
N MET A 15 -7.85 6.06 -13.45
CA MET A 15 -6.84 6.68 -14.30
C MET A 15 -5.52 6.96 -13.58
N VAL A 16 -5.52 7.21 -12.26
CA VAL A 16 -4.29 7.52 -11.53
C VAL A 16 -4.30 6.87 -10.14
N ALA A 17 -3.11 6.78 -9.54
CA ALA A 17 -2.84 6.30 -8.20
C ALA A 17 -3.08 7.45 -7.20
N PRO A 18 -3.12 7.18 -5.88
CA PRO A 18 -3.03 8.23 -4.90
C PRO A 18 -1.62 8.84 -4.88
N GLY A 19 -1.48 10.06 -4.33
CA GLY A 19 -0.25 10.84 -4.29
C GLY A 19 0.82 10.26 -3.36
N ASN A 20 1.70 11.13 -2.86
CA ASN A 20 2.71 10.81 -1.85
C ASN A 20 2.07 10.04 -0.70
N VAL A 21 2.69 8.94 -0.31
CA VAL A 21 2.25 8.08 0.78
C VAL A 21 3.19 8.38 1.94
N ARG A 22 2.66 8.28 3.14
CA ARG A 22 3.40 8.36 4.39
C ARG A 22 2.94 7.18 5.24
N VAL A 23 3.72 6.75 6.21
CA VAL A 23 3.32 5.73 7.17
C VAL A 23 3.99 6.11 8.47
N ASN A 24 3.36 5.75 9.58
CA ASN A 24 3.89 5.83 10.93
C ASN A 24 3.78 4.44 11.49
N VAL A 25 4.85 3.93 12.04
CA VAL A 25 4.73 2.81 12.96
C VAL A 25 4.01 3.34 14.20
N VAL A 26 3.15 2.50 14.78
CA VAL A 26 2.40 2.83 15.98
C VAL A 26 2.96 1.96 17.09
N ASN A 27 3.01 0.65 16.88
CA ASN A 27 3.41 -0.36 17.86
C ASN A 27 4.43 -1.30 17.21
N SER A 28 4.79 -2.39 17.88
CA SER A 28 5.75 -3.36 17.31
C SER A 28 5.22 -4.03 16.05
N THR A 29 3.92 -4.32 16.05
CA THR A 29 3.27 -5.21 15.10
C THR A 29 2.13 -4.47 14.39
N LEU A 30 2.08 -3.14 14.56
CA LEU A 30 1.08 -2.24 14.01
C LEU A 30 1.77 -1.02 13.42
N ALA A 31 1.32 -0.58 12.25
CA ALA A 31 1.68 0.69 11.64
C ALA A 31 0.41 1.27 11.02
N GLU A 32 0.42 2.55 10.67
CA GLU A 32 -0.69 3.26 10.08
C GLU A 32 -0.13 4.03 8.89
N VAL A 33 -0.63 3.71 7.69
CA VAL A 33 -0.29 4.34 6.44
C VAL A 33 -1.25 5.49 6.21
N HIS A 34 -0.79 6.55 5.56
CA HIS A 34 -1.63 7.65 5.11
C HIS A 34 -1.30 7.92 3.64
N TRP A 35 -2.33 8.05 2.82
CA TRP A 35 -2.28 8.43 1.42
C TRP A 35 -3.07 9.74 1.24
N ASP A 36 -3.52 10.06 0.04
CA ASP A 36 -4.20 11.30 -0.33
C ASP A 36 -5.48 10.98 -1.11
N PRO A 37 -6.59 11.68 -0.83
CA PRO A 37 -7.88 11.42 -1.44
C PRO A 37 -7.90 11.97 -2.84
N VAL A 38 -7.73 11.10 -3.83
CA VAL A 38 -7.83 11.47 -5.23
C VAL A 38 -9.28 11.86 -5.55
N PRO A 39 -9.51 12.65 -6.61
CA PRO A 39 -10.83 13.07 -7.00
C PRO A 39 -11.59 11.89 -7.57
N LEU A 40 -12.92 11.87 -7.37
CA LEU A 40 -13.81 10.90 -8.00
C LEU A 40 -13.63 10.90 -9.53
N LYS A 41 -13.12 12.01 -10.08
CA LYS A 41 -12.76 12.18 -11.48
C LYS A 41 -11.67 11.22 -11.98
N SER A 42 -10.54 11.05 -11.27
CA SER A 42 -9.52 10.09 -11.70
C SER A 42 -10.03 8.67 -11.49
N ILE A 43 -10.86 8.44 -10.47
CA ILE A 43 -11.47 7.15 -10.19
C ILE A 43 -12.49 6.79 -11.29
N ARG A 44 -13.06 7.81 -11.95
CA ARG A 44 -14.12 7.75 -12.96
C ARG A 44 -15.47 7.27 -12.42
N GLY A 45 -15.59 7.03 -11.11
CA GLY A 45 -16.77 6.43 -10.52
C GLY A 45 -16.50 6.17 -9.05
N HIS A 46 -17.29 5.29 -8.43
CA HIS A 46 -17.22 5.03 -7.00
C HIS A 46 -15.94 4.28 -6.67
N LEU A 47 -15.05 4.93 -5.92
CA LEU A 47 -13.96 4.28 -5.22
C LEU A 47 -14.56 3.20 -4.34
N GLN A 48 -14.15 1.96 -4.56
CA GLN A 48 -14.57 0.81 -3.78
C GLN A 48 -13.67 0.70 -2.55
N GLY A 49 -12.41 1.09 -2.67
CA GLY A 49 -11.46 1.06 -1.58
C GLY A 49 -10.05 1.24 -2.11
N TYR A 50 -9.13 1.46 -1.20
CA TYR A 50 -7.71 1.55 -1.46
C TYR A 50 -7.13 0.19 -1.09
N ARG A 51 -6.65 -0.57 -2.08
CA ARG A 51 -5.96 -1.82 -1.80
C ARG A 51 -4.54 -1.42 -1.45
N ILE A 52 -3.93 -2.11 -0.50
CA ILE A 52 -2.51 -1.99 -0.19
C ILE A 52 -1.88 -3.31 -0.60
N TYR A 53 -0.67 -3.22 -1.12
CA TYR A 53 0.26 -4.33 -1.35
C TYR A 53 1.40 -4.08 -0.38
N TYR A 54 1.96 -5.09 0.27
CA TYR A 54 3.15 -4.99 1.11
C TYR A 54 3.88 -6.33 1.15
N TRP A 55 5.14 -6.32 1.57
CA TRP A 55 5.92 -7.54 1.80
C TRP A 55 6.93 -7.30 2.92
N LYS A 56 7.39 -8.36 3.56
CA LYS A 56 8.45 -8.30 4.57
C LYS A 56 9.76 -7.95 3.86
N THR A 57 10.59 -7.11 4.47
CA THR A 57 11.94 -6.83 4.00
C THR A 57 12.93 -7.44 5.02
N GLN A 58 14.11 -7.83 4.55
CA GLN A 58 15.23 -8.13 5.43
C GLN A 58 16.06 -6.87 5.61
N SER A 59 16.83 -6.81 6.68
CA SER A 59 17.83 -5.79 6.89
C SER A 59 19.19 -6.37 6.47
N SER A 60 19.91 -7.03 7.38
CA SER A 60 21.30 -7.44 7.17
C SER A 60 21.40 -8.77 6.43
N SER A 61 20.72 -9.82 6.92
CA SER A 61 20.82 -11.16 6.35
C SER A 61 20.14 -11.14 4.98
N LYS A 62 20.91 -11.39 3.91
CA LYS A 62 20.42 -11.40 2.54
C LYS A 62 19.96 -12.80 2.19
N ARG A 63 18.67 -12.97 1.87
CA ARG A 63 18.19 -14.19 1.23
C ARG A 63 18.81 -14.31 -0.16
N ASN A 64 18.79 -15.52 -0.70
CA ASN A 64 19.04 -15.79 -2.11
C ASN A 64 18.08 -16.91 -2.54
N ARG A 65 17.77 -17.00 -3.84
CA ARG A 65 16.78 -17.88 -4.47
C ARG A 65 15.58 -18.21 -3.57
N ARG A 66 14.75 -17.20 -3.29
CA ARG A 66 13.37 -17.37 -2.83
C ARG A 66 12.53 -16.43 -3.68
N HIS A 67 11.26 -16.77 -3.91
CA HIS A 67 10.26 -15.79 -4.32
C HIS A 67 9.97 -14.87 -3.10
N ILE A 68 9.12 -13.86 -3.25
CA ILE A 68 8.73 -12.98 -2.16
C ILE A 68 7.22 -13.02 -2.09
N GLU A 69 6.72 -13.27 -0.88
CA GLU A 69 5.34 -13.19 -0.52
C GLU A 69 4.96 -11.71 -0.53
N LYS A 70 3.95 -11.34 -1.31
CA LYS A 70 3.47 -9.97 -1.44
C LYS A 70 2.02 -9.98 -0.99
N LYS A 71 1.87 -9.70 0.31
CA LYS A 71 0.63 -9.59 1.03
C LYS A 71 -0.12 -8.35 0.59
N ILE A 72 -1.36 -8.34 1.03
CA ILE A 72 -2.43 -7.52 0.49
C ILE A 72 -3.20 -7.04 1.71
N LEU A 73 -3.83 -5.89 1.59
CA LEU A 73 -4.78 -5.43 2.58
C LEU A 73 -5.87 -4.59 1.93
N THR A 74 -6.99 -4.45 2.62
CA THR A 74 -8.26 -4.04 2.06
C THR A 74 -8.85 -2.96 2.97
N PHE A 75 -8.65 -1.69 2.61
CA PHE A 75 -9.35 -0.57 3.24
C PHE A 75 -10.39 -0.12 2.26
N GLN A 76 -11.65 -0.33 2.62
CA GLN A 76 -12.77 0.01 1.78
C GLN A 76 -13.15 1.47 1.98
N GLY A 77 -13.99 1.99 1.08
CA GLY A 77 -14.47 3.36 1.13
C GLY A 77 -13.34 4.36 0.94
N SER A 78 -13.67 5.64 0.83
CA SER A 78 -12.71 6.70 0.54
C SER A 78 -12.05 7.21 1.82
N LYS A 79 -11.68 6.32 2.75
CA LYS A 79 -10.72 6.64 3.79
C LYS A 79 -9.37 6.97 3.18
N THR A 80 -8.60 7.73 3.93
CA THR A 80 -7.30 8.28 3.56
C THR A 80 -6.15 7.61 4.33
N HIS A 81 -6.47 6.70 5.25
CA HIS A 81 -5.46 5.99 6.04
C HIS A 81 -5.92 4.58 6.33
N GLY A 82 -5.01 3.72 6.76
CA GLY A 82 -5.30 2.33 7.04
C GLY A 82 -4.10 1.68 7.70
N MET A 83 -4.32 0.58 8.40
CA MET A 83 -3.36 -0.02 9.28
C MET A 83 -2.51 -1.07 8.54
N LEU A 84 -1.38 -1.43 9.13
CA LEU A 84 -0.63 -2.65 8.84
C LEU A 84 -0.56 -3.40 10.16
N PRO A 85 -1.54 -4.28 10.48
CA PRO A 85 -1.53 -5.12 11.66
C PRO A 85 -0.98 -6.52 11.39
N GLY A 86 -0.34 -7.14 12.38
CA GLY A 86 0.26 -8.46 12.26
C GLY A 86 1.55 -8.38 11.45
N LEU A 87 2.42 -7.45 11.85
CA LEU A 87 3.73 -7.16 11.28
C LEU A 87 4.78 -7.58 12.30
N GLU A 88 6.07 -7.42 12.00
CA GLU A 88 7.18 -7.80 12.86
C GLU A 88 7.90 -6.55 13.39
N PRO A 89 8.34 -6.60 14.65
CA PRO A 89 9.20 -5.57 15.21
C PRO A 89 10.60 -5.61 14.54
N PHE A 90 11.38 -4.55 14.76
CA PHE A 90 12.77 -4.29 14.35
C PHE A 90 13.10 -4.84 12.96
N SER A 91 12.23 -4.58 12.00
CA SER A 91 12.35 -5.01 10.62
C SER A 91 12.38 -3.79 9.70
N HIS A 92 12.40 -4.03 8.39
CA HIS A 92 11.80 -3.15 7.41
C HIS A 92 10.58 -3.89 6.87
N TYR A 93 9.64 -3.11 6.35
CA TYR A 93 8.57 -3.55 5.47
C TYR A 93 8.47 -2.51 4.38
N THR A 94 7.96 -2.94 3.22
CA THR A 94 7.63 -2.08 2.10
C THR A 94 6.16 -2.32 1.79
N LEU A 95 5.41 -1.27 1.43
CA LEU A 95 4.01 -1.28 1.06
C LEU A 95 3.79 -0.26 -0.06
N ASN A 96 2.75 -0.43 -0.88
CA ASN A 96 2.27 0.56 -1.85
C ASN A 96 0.75 0.66 -1.70
N VAL A 97 0.13 1.65 -2.34
CA VAL A 97 -1.33 1.82 -2.35
C VAL A 97 -1.80 1.79 -3.80
N ARG A 98 -3.05 1.38 -4.04
CA ARG A 98 -3.65 1.25 -5.38
C ARG A 98 -5.13 1.58 -5.25
N VAL A 99 -5.67 2.45 -6.11
CA VAL A 99 -7.10 2.73 -6.14
C VAL A 99 -7.81 1.57 -6.84
N VAL A 100 -9.06 1.31 -6.46
CA VAL A 100 -9.89 0.23 -6.97
C VAL A 100 -11.33 0.74 -6.98
N ASN A 101 -12.06 0.48 -8.06
CA ASN A 101 -13.44 0.90 -8.25
C ASN A 101 -14.20 -0.26 -8.89
N GLY A 102 -15.49 -0.10 -9.13
CA GLY A 102 -16.38 -1.18 -9.60
C GLY A 102 -16.18 -1.49 -11.08
N LYS A 103 -14.95 -1.84 -11.47
CA LYS A 103 -14.56 -2.30 -12.78
C LYS A 103 -13.23 -3.03 -12.69
N GLY A 104 -12.29 -2.51 -11.91
CA GLY A 104 -10.92 -3.00 -11.87
C GLY A 104 -10.06 -2.05 -11.04
N GLU A 105 -8.74 -2.25 -11.09
CA GLU A 105 -7.78 -1.50 -10.31
C GLU A 105 -7.15 -0.40 -11.15
N GLY A 106 -6.47 0.54 -10.50
CA GLY A 106 -5.64 1.56 -11.13
C GLY A 106 -4.15 1.33 -10.94
N PRO A 107 -3.35 2.29 -11.40
CA PRO A 107 -1.92 2.26 -11.20
C PRO A 107 -1.59 2.34 -9.70
N ALA A 108 -0.44 1.77 -9.37
CA ALA A 108 0.09 1.73 -8.02
C ALA A 108 0.89 3.00 -7.75
N SER A 109 1.18 3.23 -6.48
CA SER A 109 1.89 4.41 -6.00
C SER A 109 3.30 4.06 -5.48
N PRO A 110 4.04 4.99 -4.84
CA PRO A 110 5.41 4.72 -4.44
C PRO A 110 5.39 3.61 -3.39
N ASP A 111 6.35 2.71 -3.51
CA ASP A 111 6.65 1.66 -2.55
C ASP A 111 7.24 2.35 -1.33
N ARG A 112 6.37 2.74 -0.39
CA ARG A 112 6.78 3.27 0.89
C ARG A 112 7.49 2.22 1.70
N VAL A 113 8.27 2.67 2.68
CA VAL A 113 8.88 1.82 3.65
C VAL A 113 8.55 2.40 5.04
N PHE A 114 8.81 1.58 6.06
CA PHE A 114 8.83 1.95 7.47
C PHE A 114 9.74 0.95 8.20
N ASN A 115 10.28 1.33 9.36
CA ASN A 115 11.00 0.44 10.27
C ASN A 115 10.32 0.42 11.63
N THR A 116 10.39 -0.73 12.31
CA THR A 116 9.71 -0.97 13.57
C THR A 116 10.69 -0.93 14.77
N PRO A 117 10.20 -0.86 16.03
CA PRO A 117 11.01 -0.90 17.25
C PRO A 117 11.37 -2.34 17.64
N GLU A 118 12.31 -2.55 18.58
CA GLU A 118 12.75 -3.87 19.04
C GLU A 118 11.59 -4.69 19.57
N GLY A 119 10.66 -3.95 20.15
CA GLY A 119 9.29 -4.34 20.39
C GLY A 119 8.94 -4.12 21.84
N SER A 120 9.45 -5.03 22.68
CA SER A 120 9.52 -4.93 24.12
C SER A 120 10.71 -5.79 24.53
N GLY A 121 11.58 -5.30 25.42
CA GLY A 121 12.68 -6.08 25.96
C GLY A 121 12.14 -7.35 26.60
N PRO A 122 12.47 -8.56 26.12
CA PRO A 122 11.90 -9.80 26.63
C PRO A 122 12.45 -10.13 28.01
N SER A 123 11.84 -11.13 28.66
CA SER A 123 12.43 -11.83 29.78
C SER A 123 13.66 -12.62 29.33
N SER A 124 14.46 -13.09 30.27
CA SER A 124 15.58 -14.00 30.06
C SER A 124 15.80 -14.75 31.39
N GLY A 125 16.69 -15.74 31.39
CA GLY A 125 17.06 -16.59 32.50
C GLY A 125 18.11 -17.56 32.00
N GLY A 1 -1.01 24.90 -20.19
CA GLY A 1 0.28 24.97 -19.49
C GLY A 1 1.01 23.65 -19.54
N SER A 2 1.69 23.32 -18.43
CA SER A 2 2.19 22.01 -18.01
C SER A 2 2.68 21.13 -19.16
N SER A 3 3.93 21.29 -19.58
CA SER A 3 4.54 20.43 -20.58
C SER A 3 4.79 19.03 -20.01
N GLY A 4 4.91 18.09 -20.94
CA GLY A 4 4.97 16.65 -20.73
C GLY A 4 3.93 16.04 -21.67
N SER A 5 4.18 14.83 -22.17
CA SER A 5 3.13 14.03 -22.75
C SER A 5 2.32 13.39 -21.61
N SER A 6 1.09 12.98 -21.90
CA SER A 6 0.23 12.28 -20.96
C SER A 6 -0.48 11.13 -21.70
N GLY A 7 -1.12 10.23 -20.95
CA GLY A 7 -1.74 9.03 -21.48
C GLY A 7 -2.31 8.18 -20.36
N HIS A 8 -2.56 6.90 -20.64
CA HIS A 8 -3.22 5.90 -19.80
C HIS A 8 -4.70 6.24 -19.57
N SER A 9 -5.52 6.18 -20.62
CA SER A 9 -6.90 6.67 -20.62
C SER A 9 -7.88 5.64 -21.17
N GLY A 10 -8.95 5.36 -20.42
CA GLY A 10 -10.08 4.50 -20.77
C GLY A 10 -11.37 5.12 -20.21
N GLU A 11 -12.46 4.36 -20.20
CA GLU A 11 -13.80 4.83 -19.83
C GLU A 11 -14.05 4.73 -18.32
N ASP A 12 -14.19 3.53 -17.77
CA ASP A 12 -14.57 3.36 -16.37
C ASP A 12 -13.35 3.13 -15.50
N LEU A 13 -12.20 2.73 -16.04
CA LEU A 13 -11.00 2.45 -15.25
C LEU A 13 -10.43 3.72 -14.59
N PRO A 14 -9.89 3.61 -13.37
CA PRO A 14 -9.30 4.72 -12.65
C PRO A 14 -7.96 5.14 -13.24
N MET A 15 -7.63 6.41 -13.07
CA MET A 15 -6.56 7.08 -13.83
C MET A 15 -5.33 7.40 -12.99
N VAL A 16 -5.45 7.82 -11.72
CA VAL A 16 -4.29 8.33 -10.96
C VAL A 16 -4.21 7.76 -9.55
N ALA A 17 -2.97 7.61 -9.06
CA ALA A 17 -2.60 7.12 -7.74
C ALA A 17 -2.67 8.25 -6.72
N PRO A 18 -2.83 7.92 -5.42
CA PRO A 18 -2.88 8.92 -4.37
C PRO A 18 -1.55 9.63 -4.17
N GLY A 19 -1.66 10.76 -3.49
CA GLY A 19 -0.61 11.72 -3.21
C GLY A 19 0.50 11.22 -2.30
N ASN A 20 1.06 12.14 -1.54
CA ASN A 20 2.25 11.95 -0.72
C ASN A 20 2.01 10.98 0.45
N VAL A 21 2.02 9.68 0.17
CA VAL A 21 1.82 8.66 1.18
C VAL A 21 2.82 8.85 2.32
N ARG A 22 2.35 8.65 3.55
CA ARG A 22 3.17 8.62 4.77
C ARG A 22 2.92 7.26 5.43
N VAL A 23 3.82 6.79 6.28
CA VAL A 23 3.56 5.64 7.11
C VAL A 23 4.29 5.83 8.44
N ASN A 24 3.51 5.76 9.50
CA ASN A 24 3.85 6.10 10.87
C ASN A 24 3.57 4.91 11.76
N VAL A 25 4.62 4.19 12.14
CA VAL A 25 4.49 2.96 12.83
C VAL A 25 4.08 3.20 14.28
N VAL A 26 2.90 2.70 14.61
CA VAL A 26 2.28 2.96 15.89
C VAL A 26 3.09 2.22 16.96
N ASN A 27 3.36 0.93 16.71
CA ASN A 27 3.83 -0.06 17.68
C ASN A 27 4.90 -0.94 17.02
N SER A 28 5.25 -2.10 17.59
CA SER A 28 6.22 -3.00 16.97
C SER A 28 5.64 -3.80 15.80
N THR A 29 4.35 -4.08 15.83
CA THR A 29 3.67 -5.02 14.94
C THR A 29 2.49 -4.34 14.23
N LEU A 30 2.42 -3.02 14.34
CA LEU A 30 1.31 -2.20 13.90
C LEU A 30 1.88 -0.91 13.34
N ALA A 31 1.34 -0.47 12.20
CA ALA A 31 1.75 0.78 11.58
C ALA A 31 0.52 1.48 11.04
N GLU A 32 0.61 2.76 10.67
CA GLU A 32 -0.51 3.46 10.11
C GLU A 32 -0.01 4.13 8.86
N VAL A 33 -0.60 3.81 7.73
CA VAL A 33 -0.27 4.39 6.43
C VAL A 33 -1.29 5.50 6.21
N HIS A 34 -0.86 6.62 5.62
CA HIS A 34 -1.76 7.73 5.28
C HIS A 34 -1.60 8.10 3.82
N TRP A 35 -2.68 8.61 3.22
CA TRP A 35 -2.71 9.09 1.83
C TRP A 35 -3.77 10.20 1.70
N ASP A 36 -3.91 10.76 0.49
CA ASP A 36 -4.98 11.71 0.17
C ASP A 36 -6.07 10.99 -0.61
N PRO A 37 -7.35 11.32 -0.38
CA PRO A 37 -8.45 10.77 -1.13
C PRO A 37 -8.42 11.37 -2.53
N VAL A 38 -8.11 10.55 -3.52
CA VAL A 38 -8.09 11.00 -4.91
C VAL A 38 -9.53 11.36 -5.34
N PRO A 39 -9.68 12.22 -6.35
CA PRO A 39 -10.97 12.73 -6.74
C PRO A 39 -11.69 11.68 -7.56
N LEU A 40 -13.01 11.57 -7.40
CA LEU A 40 -13.81 10.57 -8.10
C LEU A 40 -13.68 10.72 -9.61
N LYS A 41 -13.40 11.93 -10.10
CA LYS A 41 -13.13 12.16 -11.50
C LYS A 41 -11.91 11.38 -12.01
N SER A 42 -10.85 11.25 -11.21
CA SER A 42 -9.74 10.38 -11.58
C SER A 42 -10.17 8.92 -11.56
N ILE A 43 -10.96 8.54 -10.55
CA ILE A 43 -11.37 7.17 -10.32
C ILE A 43 -12.32 6.72 -11.43
N ARG A 44 -13.00 7.64 -12.14
CA ARG A 44 -13.94 7.36 -13.24
C ARG A 44 -15.08 6.42 -12.86
N GLY A 45 -15.26 6.13 -11.58
CA GLY A 45 -16.25 5.23 -11.03
C GLY A 45 -16.28 5.41 -9.52
N HIS A 46 -17.15 4.67 -8.84
CA HIS A 46 -17.20 4.67 -7.39
C HIS A 46 -16.01 3.90 -6.86
N LEU A 47 -15.20 4.55 -6.03
CA LEU A 47 -14.06 3.95 -5.35
C LEU A 47 -14.56 2.76 -4.52
N GLN A 48 -14.17 1.55 -4.91
CA GLN A 48 -14.34 0.34 -4.13
C GLN A 48 -13.45 0.40 -2.90
N GLY A 49 -12.20 0.83 -3.05
CA GLY A 49 -11.31 1.01 -1.92
C GLY A 49 -9.90 1.36 -2.37
N TYR A 50 -9.04 1.48 -1.38
CA TYR A 50 -7.60 1.57 -1.49
C TYR A 50 -7.05 0.23 -1.06
N ARG A 51 -6.46 -0.52 -1.98
CA ARG A 51 -5.79 -1.76 -1.64
C ARG A 51 -4.39 -1.39 -1.18
N ILE A 52 -3.76 -2.19 -0.33
CA ILE A 52 -2.35 -1.98 0.02
C ILE A 52 -1.60 -3.27 -0.28
N TYR A 53 -0.64 -3.23 -1.21
CA TYR A 53 0.28 -4.32 -1.52
C TYR A 53 1.51 -4.13 -0.66
N TYR A 54 1.80 -5.04 0.25
CA TYR A 54 2.98 -4.97 1.12
C TYR A 54 3.68 -6.33 1.20
N TRP A 55 4.92 -6.32 1.68
CA TRP A 55 5.66 -7.52 2.00
C TRP A 55 6.65 -7.24 3.14
N LYS A 56 7.15 -8.32 3.78
CA LYS A 56 8.27 -8.29 4.71
C LYS A 56 9.54 -7.98 3.92
N THR A 57 10.38 -7.09 4.45
CA THR A 57 11.59 -6.66 3.79
C THR A 57 12.77 -6.86 4.76
N GLN A 58 13.90 -7.33 4.25
CA GLN A 58 15.07 -7.69 5.05
C GLN A 58 16.27 -7.85 4.13
N SER A 59 17.49 -7.95 4.68
CA SER A 59 18.72 -8.18 3.94
C SER A 59 19.50 -9.24 4.71
N SER A 60 19.56 -10.47 4.19
CA SER A 60 20.27 -11.60 4.78
C SER A 60 20.84 -12.50 3.67
N SER A 61 21.31 -11.88 2.59
CA SER A 61 21.77 -12.44 1.32
C SER A 61 23.01 -13.35 1.45
N LYS A 62 22.88 -14.47 2.16
CA LYS A 62 23.94 -15.41 2.50
C LYS A 62 23.39 -16.84 2.67
N ARG A 63 22.16 -17.11 2.25
CA ARG A 63 21.49 -18.40 2.43
C ARG A 63 20.98 -18.88 1.08
N ASN A 64 20.41 -20.09 1.04
CA ASN A 64 19.75 -20.60 -0.17
C ASN A 64 18.58 -19.69 -0.53
N ARG A 65 18.13 -19.80 -1.78
CA ARG A 65 16.92 -19.16 -2.30
C ARG A 65 15.75 -19.36 -1.34
N ARG A 66 15.05 -18.27 -1.02
CA ARG A 66 13.73 -18.25 -0.43
C ARG A 66 12.74 -17.84 -1.52
N HIS A 67 11.46 -17.70 -1.16
CA HIS A 67 10.52 -16.82 -1.82
C HIS A 67 10.17 -15.72 -0.83
N ILE A 68 9.71 -14.56 -1.32
CA ILE A 68 9.26 -13.44 -0.49
C ILE A 68 7.77 -13.67 -0.22
N GLU A 69 7.41 -13.73 1.04
CA GLU A 69 6.03 -13.68 1.47
C GLU A 69 5.49 -12.28 1.16
N LYS A 70 4.38 -12.21 0.44
CA LYS A 70 3.66 -10.97 0.14
C LYS A 70 2.27 -11.02 0.77
N LYS A 71 1.68 -9.84 0.93
CA LYS A 71 0.31 -9.69 1.42
C LYS A 71 -0.41 -8.56 0.73
N ILE A 72 -1.73 -8.58 0.93
CA ILE A 72 -2.70 -7.65 0.40
C ILE A 72 -3.59 -7.25 1.58
N LEU A 73 -3.93 -5.96 1.64
CA LEU A 73 -4.80 -5.32 2.61
C LEU A 73 -5.95 -4.68 1.85
N THR A 74 -7.11 -4.54 2.49
CA THR A 74 -8.36 -4.16 1.82
C THR A 74 -9.07 -3.06 2.62
N PHE A 75 -8.89 -1.80 2.21
CA PHE A 75 -9.50 -0.65 2.85
C PHE A 75 -10.57 -0.08 1.92
N GLN A 76 -11.80 -0.53 2.10
CA GLN A 76 -12.90 -0.08 1.26
C GLN A 76 -13.27 1.37 1.58
N GLY A 77 -14.00 2.01 0.67
CA GLY A 77 -14.50 3.36 0.85
C GLY A 77 -13.39 4.42 0.82
N SER A 78 -13.80 5.68 0.92
CA SER A 78 -13.02 6.90 0.72
C SER A 78 -12.09 7.25 1.89
N LYS A 79 -11.68 6.24 2.66
CA LYS A 79 -10.75 6.37 3.77
C LYS A 79 -9.41 6.92 3.29
N THR A 80 -8.65 7.45 4.25
CA THR A 80 -7.40 8.17 3.99
C THR A 80 -6.24 7.63 4.83
N HIS A 81 -6.50 6.64 5.70
CA HIS A 81 -5.47 5.91 6.40
C HIS A 81 -5.90 4.47 6.59
N GLY A 82 -4.97 3.59 6.91
CA GLY A 82 -5.20 2.19 7.17
C GLY A 82 -4.05 1.64 8.00
N MET A 83 -4.35 0.62 8.81
CA MET A 83 -3.35 -0.01 9.64
C MET A 83 -2.47 -0.93 8.78
N LEU A 84 -1.32 -1.34 9.31
CA LEU A 84 -0.61 -2.52 8.88
C LEU A 84 -0.51 -3.42 10.11
N PRO A 85 -1.45 -4.35 10.34
CA PRO A 85 -1.32 -5.33 11.42
C PRO A 85 -0.68 -6.63 10.91
N GLY A 86 -0.15 -7.44 11.84
CA GLY A 86 0.49 -8.71 11.49
C GLY A 86 1.86 -8.49 10.85
N LEU A 87 2.55 -7.42 11.26
CA LEU A 87 3.96 -7.14 11.01
C LEU A 87 4.75 -7.88 12.10
N GLU A 88 6.07 -7.90 11.97
CA GLU A 88 6.98 -8.24 13.05
C GLU A 88 7.82 -7.02 13.43
N PRO A 89 8.28 -6.96 14.69
CA PRO A 89 9.22 -5.95 15.13
C PRO A 89 10.61 -6.12 14.52
N PHE A 90 11.43 -5.09 14.72
CA PHE A 90 12.86 -5.05 14.43
C PHE A 90 13.15 -5.58 13.02
N SER A 91 12.45 -5.08 12.00
CA SER A 91 12.63 -5.45 10.60
C SER A 91 12.19 -4.30 9.70
N HIS A 92 12.28 -4.50 8.38
CA HIS A 92 11.83 -3.54 7.38
C HIS A 92 10.59 -4.10 6.70
N TYR A 93 9.79 -3.22 6.08
CA TYR A 93 8.61 -3.57 5.32
C TYR A 93 8.51 -2.58 4.17
N THR A 94 7.91 -3.03 3.07
CA THR A 94 7.55 -2.19 1.95
C THR A 94 6.04 -2.36 1.74
N LEU A 95 5.34 -1.28 1.37
CA LEU A 95 3.92 -1.26 1.02
C LEU A 95 3.70 -0.29 -0.15
N ASN A 96 2.58 -0.38 -0.85
CA ASN A 96 2.09 0.57 -1.86
C ASN A 96 0.57 0.63 -1.74
N VAL A 97 -0.03 1.80 -1.93
CA VAL A 97 -1.48 2.01 -1.94
C VAL A 97 -1.92 1.96 -3.40
N ARG A 98 -2.98 1.24 -3.76
CA ARG A 98 -3.52 1.21 -5.14
C ARG A 98 -5.03 1.44 -5.13
N VAL A 99 -5.52 2.32 -6.01
CA VAL A 99 -6.94 2.64 -6.09
C VAL A 99 -7.66 1.52 -6.82
N VAL A 100 -8.93 1.35 -6.52
CA VAL A 100 -9.77 0.31 -7.11
C VAL A 100 -11.19 0.88 -7.24
N ASN A 101 -11.87 0.54 -8.34
CA ASN A 101 -13.28 0.82 -8.55
C ASN A 101 -13.99 -0.44 -9.04
N GLY A 102 -15.18 -0.30 -9.63
CA GLY A 102 -15.94 -1.47 -10.08
C GLY A 102 -15.28 -2.12 -11.28
N LYS A 103 -14.82 -1.31 -12.24
CA LYS A 103 -14.14 -1.78 -13.43
C LYS A 103 -12.83 -2.46 -13.07
N GLY A 104 -11.95 -1.85 -12.26
CA GLY A 104 -10.65 -2.43 -11.99
C GLY A 104 -9.75 -1.53 -11.18
N GLU A 105 -8.48 -1.91 -11.12
CA GLU A 105 -7.43 -1.23 -10.39
C GLU A 105 -6.91 -0.03 -11.19
N GLY A 106 -6.37 0.97 -10.49
CA GLY A 106 -5.57 2.06 -11.06
C GLY A 106 -4.09 1.93 -10.70
N PRO A 107 -3.28 2.94 -11.03
CA PRO A 107 -1.86 2.92 -10.74
C PRO A 107 -1.61 2.98 -9.23
N ALA A 108 -0.45 2.48 -8.82
CA ALA A 108 -0.03 2.42 -7.44
C ALA A 108 0.67 3.72 -7.04
N SER A 109 0.60 4.04 -5.75
CA SER A 109 1.35 5.13 -5.10
C SER A 109 2.86 4.86 -5.15
N PRO A 110 3.72 5.65 -4.46
CA PRO A 110 5.09 5.22 -4.20
C PRO A 110 5.09 3.84 -3.51
N ASP A 111 6.19 3.11 -3.68
CA ASP A 111 6.49 1.92 -2.89
C ASP A 111 7.12 2.45 -1.61
N ARG A 112 6.29 2.82 -0.64
CA ARG A 112 6.77 3.33 0.64
C ARG A 112 7.50 2.22 1.38
N VAL A 113 8.39 2.62 2.27
CA VAL A 113 9.08 1.69 3.15
C VAL A 113 8.91 2.19 4.58
N PHE A 114 8.98 1.29 5.56
CA PHE A 114 9.03 1.64 6.96
C PHE A 114 9.78 0.53 7.69
N ASN A 115 10.44 0.85 8.79
CA ASN A 115 11.01 -0.12 9.71
C ASN A 115 10.09 -0.26 10.92
N THR A 116 10.23 -1.36 11.65
CA THR A 116 9.56 -1.57 12.92
C THR A 116 10.62 -1.48 14.03
N PRO A 117 10.28 -0.96 15.23
CA PRO A 117 11.25 -0.49 16.22
C PRO A 117 12.13 -1.61 16.79
N GLU A 118 11.71 -2.28 17.88
CA GLU A 118 12.44 -3.44 18.41
C GLU A 118 11.50 -4.52 18.95
N GLY A 119 10.38 -4.10 19.52
CA GLY A 119 9.46 -4.91 20.30
C GLY A 119 10.12 -5.38 21.61
N SER A 120 9.35 -5.47 22.69
CA SER A 120 9.94 -5.52 24.04
C SER A 120 10.90 -4.33 24.24
N GLY A 121 11.77 -4.40 25.24
CA GLY A 121 12.41 -3.24 25.86
C GLY A 121 11.59 -2.84 27.09
N PRO A 122 12.18 -2.08 28.02
CA PRO A 122 11.61 -1.89 29.35
C PRO A 122 10.40 -0.96 29.28
N SER A 123 9.21 -1.49 29.60
CA SER A 123 8.04 -0.67 29.85
C SER A 123 8.27 0.24 31.06
N SER A 124 8.85 -0.31 32.12
CA SER A 124 9.40 0.42 33.25
C SER A 124 10.72 -0.27 33.64
N GLY A 125 11.55 0.46 34.37
CA GLY A 125 12.78 0.00 35.01
C GLY A 125 13.00 0.87 36.24
N GLY A 1 9.25 10.76 -7.26
CA GLY A 1 8.40 10.08 -8.25
C GLY A 1 8.99 8.72 -8.52
N SER A 2 9.13 8.38 -9.80
CA SER A 2 9.87 7.29 -10.46
C SER A 2 8.94 6.66 -11.50
N SER A 3 9.51 5.80 -12.36
CA SER A 3 8.85 5.28 -13.56
C SER A 3 8.16 6.44 -14.33
N GLY A 4 7.10 6.17 -15.11
CA GLY A 4 6.29 7.23 -15.70
C GLY A 4 5.57 6.75 -16.96
N SER A 5 4.37 6.20 -16.83
CA SER A 5 3.58 5.78 -17.98
C SER A 5 2.97 6.98 -18.72
N SER A 6 2.77 6.83 -20.02
CA SER A 6 2.46 7.88 -20.98
C SER A 6 1.06 7.68 -21.54
N GLY A 7 0.29 8.77 -21.66
CA GLY A 7 -1.09 8.75 -22.12
C GLY A 7 -2.03 8.26 -21.02
N HIS A 8 -3.34 8.39 -21.25
CA HIS A 8 -4.38 7.93 -20.33
C HIS A 8 -5.73 7.87 -21.05
N SER A 9 -6.47 6.78 -20.87
CA SER A 9 -7.88 6.72 -21.19
C SER A 9 -8.58 5.70 -20.29
N GLY A 10 -9.90 5.81 -20.17
CA GLY A 10 -10.72 4.94 -19.36
C GLY A 10 -12.06 5.59 -19.16
N GLU A 11 -13.14 4.92 -19.56
CA GLU A 11 -14.48 5.34 -19.21
C GLU A 11 -14.61 5.30 -17.69
N ASP A 12 -14.54 4.10 -17.12
CA ASP A 12 -14.79 3.85 -15.70
C ASP A 12 -13.61 3.18 -15.00
N LEU A 13 -12.58 2.75 -15.76
CA LEU A 13 -11.28 2.34 -15.22
C LEU A 13 -10.53 3.56 -14.67
N PRO A 14 -9.78 3.41 -13.57
CA PRO A 14 -9.16 4.53 -12.89
C PRO A 14 -7.98 5.13 -13.66
N MET A 15 -7.61 6.37 -13.33
CA MET A 15 -6.65 7.16 -14.10
C MET A 15 -5.35 7.48 -13.36
N VAL A 16 -5.41 7.79 -12.05
CA VAL A 16 -4.22 8.15 -11.28
C VAL A 16 -4.31 7.52 -9.89
N ALA A 17 -3.15 7.33 -9.28
CA ALA A 17 -2.94 6.85 -7.94
C ALA A 17 -3.18 7.97 -6.91
N PRO A 18 -3.17 7.66 -5.59
CA PRO A 18 -3.11 8.70 -4.59
C PRO A 18 -1.87 9.57 -4.78
N GLY A 19 -1.92 10.76 -4.17
CA GLY A 19 -0.74 11.59 -3.99
C GLY A 19 0.22 10.92 -3.00
N ASN A 20 1.25 11.64 -2.57
CA ASN A 20 2.31 11.02 -1.77
C ASN A 20 1.76 10.38 -0.49
N VAL A 21 2.47 9.35 -0.03
CA VAL A 21 2.04 8.44 1.02
C VAL A 21 2.95 8.64 2.22
N ARG A 22 2.43 8.39 3.43
CA ARG A 22 3.14 8.38 4.69
C ARG A 22 2.80 7.06 5.37
N VAL A 23 3.63 6.61 6.30
CA VAL A 23 3.32 5.49 7.14
C VAL A 23 3.97 5.78 8.48
N ASN A 24 3.14 5.94 9.51
CA ASN A 24 3.59 6.18 10.87
C ASN A 24 3.57 4.88 11.63
N VAL A 25 4.67 4.55 12.29
CA VAL A 25 4.76 3.36 13.11
C VAL A 25 4.09 3.67 14.45
N VAL A 26 2.93 3.04 14.66
CA VAL A 26 2.06 3.14 15.82
C VAL A 26 2.65 2.28 16.94
N ASN A 27 2.77 0.99 16.65
CA ASN A 27 3.21 -0.05 17.58
C ASN A 27 4.40 -0.81 16.99
N SER A 28 4.90 -1.85 17.66
CA SER A 28 5.74 -2.85 17.02
C SER A 28 4.97 -3.53 15.87
N THR A 29 3.85 -4.12 16.23
CA THR A 29 3.09 -5.05 15.40
C THR A 29 2.05 -4.39 14.51
N LEU A 30 1.97 -3.07 14.55
CA LEU A 30 1.00 -2.25 13.85
C LEU A 30 1.75 -1.07 13.22
N ALA A 31 1.38 -0.67 12.00
CA ALA A 31 1.72 0.64 11.44
C ALA A 31 0.42 1.28 10.96
N GLU A 32 0.36 2.61 10.91
CA GLU A 32 -0.64 3.37 10.19
C GLU A 32 -0.03 3.70 8.84
N VAL A 33 -0.78 3.63 7.75
CA VAL A 33 -0.40 4.13 6.43
C VAL A 33 -1.40 5.23 6.11
N HIS A 34 -0.91 6.33 5.53
CA HIS A 34 -1.70 7.50 5.16
C HIS A 34 -1.41 7.77 3.69
N TRP A 35 -2.38 8.29 2.95
CA TRP A 35 -2.23 8.72 1.57
C TRP A 35 -3.03 10.02 1.38
N ASP A 36 -2.80 10.72 0.27
CA ASP A 36 -3.70 11.80 -0.14
C ASP A 36 -4.99 11.16 -0.65
N PRO A 37 -6.14 11.80 -0.49
CA PRO A 37 -7.33 11.44 -1.26
C PRO A 37 -7.05 11.69 -2.73
N VAL A 38 -7.51 10.82 -3.63
CA VAL A 38 -7.65 11.22 -5.02
C VAL A 38 -9.01 11.92 -5.24
N PRO A 39 -9.16 12.71 -6.31
CA PRO A 39 -10.44 13.23 -6.76
C PRO A 39 -11.30 12.08 -7.27
N LEU A 40 -12.62 12.15 -7.13
CA LEU A 40 -13.54 11.23 -7.80
C LEU A 40 -13.31 11.09 -9.30
N LYS A 41 -12.77 12.13 -9.93
CA LYS A 41 -12.50 12.15 -11.35
C LYS A 41 -11.44 11.12 -11.76
N SER A 42 -10.45 10.80 -10.93
CA SER A 42 -9.48 9.76 -11.25
C SER A 42 -10.12 8.38 -11.08
N ILE A 43 -10.98 8.23 -10.07
CA ILE A 43 -11.73 7.01 -9.77
C ILE A 43 -12.68 6.72 -10.94
N ARG A 44 -13.24 7.77 -11.54
CA ARG A 44 -14.27 7.80 -12.57
C ARG A 44 -15.63 7.59 -11.99
N GLY A 45 -15.82 6.44 -11.36
CA GLY A 45 -17.07 5.99 -10.77
C GLY A 45 -16.98 5.96 -9.26
N HIS A 46 -17.88 5.19 -8.65
CA HIS A 46 -18.07 5.13 -7.20
C HIS A 46 -16.91 4.38 -6.58
N LEU A 47 -16.19 5.02 -5.66
CA LEU A 47 -15.01 4.46 -5.02
C LEU A 47 -15.38 3.19 -4.27
N GLN A 48 -14.77 2.07 -4.66
CA GLN A 48 -14.93 0.80 -3.96
C GLN A 48 -14.06 0.82 -2.71
N GLY A 49 -12.87 1.43 -2.77
CA GLY A 49 -11.91 1.38 -1.71
C GLY A 49 -10.52 1.58 -2.29
N TYR A 50 -9.54 1.46 -1.40
CA TYR A 50 -8.14 1.42 -1.74
C TYR A 50 -7.62 0.01 -1.37
N ARG A 51 -6.44 -0.34 -1.85
CA ARG A 51 -5.75 -1.60 -1.59
C ARG A 51 -4.33 -1.28 -1.16
N ILE A 52 -3.71 -2.13 -0.33
CA ILE A 52 -2.29 -2.02 -0.02
C ILE A 52 -1.63 -3.35 -0.35
N TYR A 53 -0.61 -3.34 -1.19
CA TYR A 53 0.32 -4.45 -1.39
C TYR A 53 1.45 -4.19 -0.40
N TYR A 54 1.99 -5.18 0.31
CA TYR A 54 3.21 -5.05 1.09
C TYR A 54 4.01 -6.35 1.10
N TRP A 55 5.25 -6.31 1.55
CA TRP A 55 6.04 -7.48 1.86
C TRP A 55 7.03 -7.19 2.99
N LYS A 56 7.47 -8.25 3.66
CA LYS A 56 8.58 -8.22 4.62
C LYS A 56 9.88 -8.13 3.86
N THR A 57 10.80 -7.30 4.35
CA THR A 57 12.15 -7.19 3.82
C THR A 57 13.13 -7.83 4.85
N GLN A 58 14.37 -8.04 4.43
CA GLN A 58 15.47 -8.54 5.24
C GLN A 58 16.61 -7.54 5.09
N SER A 59 16.74 -6.62 6.04
CA SER A 59 17.78 -5.60 6.03
C SER A 59 19.16 -6.26 5.95
N SER A 60 19.53 -7.13 6.90
CA SER A 60 20.81 -7.84 6.88
C SER A 60 20.56 -9.32 7.13
N SER A 61 20.63 -10.13 6.07
CA SER A 61 20.40 -11.57 6.10
C SER A 61 21.39 -12.21 5.14
N LYS A 62 22.40 -12.93 5.64
CA LYS A 62 23.30 -13.65 4.73
C LYS A 62 22.57 -14.72 3.93
N ARG A 63 21.44 -15.25 4.42
CA ARG A 63 20.63 -16.15 3.61
C ARG A 63 19.81 -15.33 2.65
N ASN A 64 19.75 -15.80 1.41
CA ASN A 64 18.98 -15.20 0.33
C ASN A 64 17.50 -15.29 0.72
N ARG A 65 16.66 -14.39 0.21
CA ARG A 65 15.22 -14.56 0.35
C ARG A 65 14.76 -15.62 -0.65
N ARG A 66 14.13 -16.69 -0.16
CA ARG A 66 13.25 -17.55 -0.97
C ARG A 66 12.06 -16.71 -1.47
N HIS A 67 11.05 -17.32 -2.09
CA HIS A 67 9.88 -16.61 -2.61
C HIS A 67 9.34 -15.60 -1.60
N ILE A 68 9.25 -14.33 -2.02
CA ILE A 68 8.98 -13.21 -1.15
C ILE A 68 7.54 -13.30 -0.66
N GLU A 69 7.43 -13.26 0.66
CA GLU A 69 6.19 -13.23 1.41
C GLU A 69 5.56 -11.86 1.25
N LYS A 70 4.77 -11.77 0.18
CA LYS A 70 3.94 -10.62 -0.17
C LYS A 70 2.58 -10.80 0.49
N LYS A 71 2.11 -9.83 1.27
CA LYS A 71 0.74 -9.83 1.78
C LYS A 71 -0.03 -8.66 1.18
N ILE A 72 -1.34 -8.67 1.36
CA ILE A 72 -2.26 -7.65 0.91
C ILE A 72 -3.10 -7.21 2.11
N LEU A 73 -3.67 -6.01 2.00
CA LEU A 73 -4.70 -5.48 2.87
C LEU A 73 -5.76 -4.83 2.01
N THR A 74 -6.93 -4.69 2.61
CA THR A 74 -8.15 -4.18 2.01
C THR A 74 -8.60 -3.01 2.87
N PHE A 75 -9.11 -1.97 2.20
CA PHE A 75 -9.66 -0.78 2.84
C PHE A 75 -10.81 -0.30 1.97
N GLN A 76 -12.05 -0.52 2.37
CA GLN A 76 -13.17 0.10 1.68
C GLN A 76 -13.29 1.58 2.07
N GLY A 77 -14.22 2.29 1.45
CA GLY A 77 -14.53 3.67 1.74
C GLY A 77 -13.46 4.65 1.28
N SER A 78 -13.85 5.91 1.15
CA SER A 78 -13.00 7.01 0.73
C SER A 78 -12.07 7.52 1.85
N LYS A 79 -11.79 6.71 2.88
CA LYS A 79 -10.70 6.92 3.82
C LYS A 79 -9.40 7.23 3.10
N THR A 80 -8.51 7.94 3.80
CA THR A 80 -7.20 8.31 3.29
C THR A 80 -6.09 7.73 4.17
N HIS A 81 -6.43 6.84 5.11
CA HIS A 81 -5.47 6.09 5.89
C HIS A 81 -6.05 4.71 6.20
N GLY A 82 -5.19 3.83 6.69
CA GLY A 82 -5.46 2.43 7.02
C GLY A 82 -4.34 1.97 7.95
N MET A 83 -4.28 0.68 8.25
CA MET A 83 -3.30 0.13 9.18
C MET A 83 -2.72 -1.18 8.65
N LEU A 84 -1.55 -1.55 9.16
CA LEU A 84 -0.84 -2.79 8.87
C LEU A 84 -0.83 -3.62 10.16
N PRO A 85 -1.91 -4.36 10.47
CA PRO A 85 -1.93 -5.26 11.62
C PRO A 85 -1.34 -6.63 11.24
N GLY A 86 -0.84 -7.36 12.25
CA GLY A 86 -0.27 -8.69 12.07
C GLY A 86 1.20 -8.66 11.64
N LEU A 87 1.88 -7.53 11.81
CA LEU A 87 3.25 -7.32 11.36
C LEU A 87 4.24 -7.67 12.47
N GLU A 88 5.54 -7.66 12.17
CA GLU A 88 6.62 -8.04 13.07
C GLU A 88 7.53 -6.85 13.41
N PRO A 89 8.04 -6.78 14.64
CA PRO A 89 9.02 -5.78 15.05
C PRO A 89 10.40 -5.98 14.41
N PHE A 90 11.29 -5.03 14.70
CA PHE A 90 12.70 -4.90 14.37
C PHE A 90 13.05 -5.38 12.96
N SER A 91 12.25 -4.94 11.98
CA SER A 91 12.30 -5.33 10.58
C SER A 91 12.17 -4.12 9.67
N HIS A 92 12.32 -4.33 8.37
CA HIS A 92 12.11 -3.37 7.30
C HIS A 92 11.03 -3.96 6.37
N TYR A 93 10.26 -3.11 5.68
CA TYR A 93 9.12 -3.50 4.84
C TYR A 93 9.01 -2.61 3.62
N THR A 94 8.29 -3.05 2.60
CA THR A 94 7.77 -2.17 1.54
C THR A 94 6.25 -2.36 1.49
N LEU A 95 5.48 -1.29 1.27
CA LEU A 95 4.04 -1.31 1.02
C LEU A 95 3.67 -0.24 0.00
N ASN A 96 2.59 -0.45 -0.75
CA ASN A 96 2.21 0.37 -1.90
C ASN A 96 0.69 0.49 -1.90
N VAL A 97 0.14 1.70 -2.01
CA VAL A 97 -1.31 1.93 -2.04
C VAL A 97 -1.76 1.85 -3.50
N ARG A 98 -2.98 1.38 -3.74
CA ARG A 98 -3.54 1.22 -5.08
C ARG A 98 -5.04 1.49 -5.08
N VAL A 99 -5.54 2.42 -5.90
CA VAL A 99 -6.99 2.67 -5.99
C VAL A 99 -7.68 1.48 -6.67
N VAL A 100 -8.96 1.28 -6.35
CA VAL A 100 -9.84 0.29 -6.95
C VAL A 100 -11.22 0.94 -7.17
N ASN A 101 -11.96 0.47 -8.17
CA ASN A 101 -13.36 0.83 -8.41
C ASN A 101 -14.10 -0.41 -8.95
N GLY A 102 -15.33 -0.24 -9.40
CA GLY A 102 -16.19 -1.33 -9.81
C GLY A 102 -15.79 -1.94 -11.15
N LYS A 103 -14.94 -1.27 -11.92
CA LYS A 103 -14.51 -1.67 -13.26
C LYS A 103 -13.12 -2.31 -13.24
N GLY A 104 -12.29 -2.03 -12.23
CA GLY A 104 -10.93 -2.55 -12.14
C GLY A 104 -10.07 -1.67 -11.23
N GLU A 105 -8.76 -1.71 -11.46
CA GLU A 105 -7.75 -0.95 -10.73
C GLU A 105 -6.78 -0.27 -11.72
N GLY A 106 -5.88 0.56 -11.18
CA GLY A 106 -5.07 1.49 -11.96
C GLY A 106 -3.61 1.54 -11.49
N PRO A 107 -2.90 2.65 -11.73
CA PRO A 107 -1.53 2.81 -11.28
C PRO A 107 -1.46 2.86 -9.76
N ALA A 108 -0.28 2.62 -9.21
CA ALA A 108 0.02 2.59 -7.79
C ALA A 108 0.55 3.93 -7.30
N SER A 109 0.51 4.13 -5.99
CA SER A 109 1.12 5.27 -5.33
C SER A 109 2.65 5.20 -5.43
N PRO A 110 3.41 6.13 -4.82
CA PRO A 110 4.76 5.81 -4.40
C PRO A 110 4.72 4.57 -3.51
N ASP A 111 5.57 3.60 -3.84
CA ASP A 111 5.95 2.51 -2.95
C ASP A 111 6.62 3.16 -1.75
N ARG A 112 6.25 2.78 -0.54
CA ARG A 112 6.79 3.32 0.70
C ARG A 112 7.51 2.22 1.44
N VAL A 113 8.33 2.60 2.40
CA VAL A 113 8.99 1.69 3.31
C VAL A 113 8.79 2.20 4.73
N PHE A 114 8.93 1.30 5.71
CA PHE A 114 8.97 1.64 7.12
C PHE A 114 9.83 0.59 7.83
N ASN A 115 10.46 0.97 8.94
CA ASN A 115 11.18 0.09 9.83
C ASN A 115 10.42 0.02 11.14
N THR A 116 10.37 -1.16 11.76
CA THR A 116 9.64 -1.33 13.01
C THR A 116 10.56 -1.11 14.23
N PRO A 117 9.98 -0.78 15.39
CA PRO A 117 10.72 -0.68 16.64
C PRO A 117 11.01 -2.10 17.13
N GLU A 118 11.84 -2.22 18.16
CA GLU A 118 12.52 -3.45 18.55
C GLU A 118 11.60 -4.62 18.95
N GLY A 119 10.47 -4.31 19.59
CA GLY A 119 9.43 -5.27 19.94
C GLY A 119 9.18 -5.24 21.44
N SER A 120 9.56 -6.29 22.17
CA SER A 120 9.68 -6.25 23.62
C SER A 120 10.96 -7.02 23.95
N GLY A 121 11.74 -6.50 24.89
CA GLY A 121 13.09 -6.99 25.17
C GLY A 121 13.06 -8.30 25.96
N PRO A 122 14.23 -8.91 26.22
CA PRO A 122 14.33 -10.16 26.95
C PRO A 122 13.88 -9.98 28.40
N SER A 123 12.62 -10.34 28.67
CA SER A 123 12.05 -10.55 29.99
C SER A 123 11.09 -11.73 29.89
N SER A 124 10.69 -12.30 31.01
CA SER A 124 9.49 -13.13 31.13
C SER A 124 8.87 -12.80 32.50
N GLY A 125 7.64 -13.26 32.71
CA GLY A 125 6.67 -12.42 33.40
C GLY A 125 6.14 -11.50 32.33
N GLY A 1 4.16 0.99 -44.17
CA GLY A 1 3.45 0.01 -43.33
C GLY A 1 2.07 0.53 -43.01
N SER A 2 1.30 -0.23 -42.23
CA SER A 2 -0.05 0.14 -41.81
C SER A 2 -0.17 -0.13 -40.30
N SER A 3 -1.32 0.20 -39.72
CA SER A 3 -1.68 -0.02 -38.33
C SER A 3 -3.22 -0.17 -38.28
N GLY A 4 -3.80 -0.35 -37.09
CA GLY A 4 -5.23 -0.41 -36.86
C GLY A 4 -5.57 0.10 -35.46
N SER A 5 -6.86 0.22 -35.13
CA SER A 5 -7.37 0.63 -33.83
C SER A 5 -8.79 0.07 -33.67
N SER A 6 -9.38 0.17 -32.47
CA SER A 6 -10.71 -0.28 -32.12
C SER A 6 -11.13 0.44 -30.83
N GLY A 7 -12.16 -0.04 -30.13
CA GLY A 7 -12.63 0.48 -28.85
C GLY A 7 -14.07 0.02 -28.63
N HIS A 8 -14.63 0.31 -27.45
CA HIS A 8 -16.04 0.10 -27.16
C HIS A 8 -16.54 1.19 -26.19
N SER A 9 -17.72 1.03 -25.60
CA SER A 9 -18.46 2.07 -24.91
C SER A 9 -18.53 1.79 -23.40
N GLY A 10 -17.72 2.49 -22.62
CA GLY A 10 -17.79 2.48 -21.16
C GLY A 10 -16.40 2.42 -20.60
N GLU A 11 -16.00 1.24 -20.11
CA GLU A 11 -14.71 0.90 -19.53
C GLU A 11 -14.09 2.08 -18.78
N ASP A 12 -14.83 2.53 -17.78
CA ASP A 12 -14.59 3.78 -17.04
C ASP A 12 -13.17 3.77 -16.47
N LEU A 13 -12.81 2.69 -15.77
CA LEU A 13 -11.54 2.42 -15.08
C LEU A 13 -11.11 3.57 -14.15
N PRO A 14 -10.03 3.42 -13.35
CA PRO A 14 -9.43 4.57 -12.70
C PRO A 14 -8.30 5.14 -13.58
N MET A 15 -7.69 6.24 -13.14
CA MET A 15 -6.73 7.00 -13.93
C MET A 15 -5.45 7.39 -13.22
N VAL A 16 -5.45 7.56 -11.89
CA VAL A 16 -4.24 7.92 -11.15
C VAL A 16 -4.16 7.12 -9.85
N ALA A 17 -3.09 7.35 -9.11
CA ALA A 17 -2.73 6.78 -7.83
C ALA A 17 -2.89 7.87 -6.77
N PRO A 18 -2.96 7.51 -5.47
CA PRO A 18 -2.86 8.50 -4.41
C PRO A 18 -1.51 9.20 -4.49
N GLY A 19 -1.48 10.45 -4.04
CA GLY A 19 -0.42 11.42 -4.30
C GLY A 19 0.91 10.99 -3.73
N ASN A 20 1.18 11.48 -2.54
CA ASN A 20 2.27 10.99 -1.73
C ASN A 20 1.72 9.99 -0.71
N VAL A 21 2.61 9.18 -0.14
CA VAL A 21 2.29 8.16 0.84
C VAL A 21 3.26 8.40 1.99
N ARG A 22 2.83 8.10 3.20
CA ARG A 22 3.53 8.29 4.46
C ARG A 22 3.19 7.09 5.33
N VAL A 23 4.04 6.69 6.27
CA VAL A 23 3.68 5.66 7.23
C VAL A 23 4.37 5.92 8.57
N ASN A 24 3.63 5.70 9.65
CA ASN A 24 4.04 5.81 11.04
C ASN A 24 3.92 4.42 11.67
N VAL A 25 4.80 4.05 12.60
CA VAL A 25 4.66 2.81 13.35
C VAL A 25 4.12 3.18 14.73
N VAL A 26 2.87 2.79 14.97
CA VAL A 26 2.16 3.05 16.20
C VAL A 26 2.91 2.38 17.34
N ASN A 27 3.07 1.05 17.29
CA ASN A 27 3.81 0.31 18.32
C ASN A 27 4.97 -0.43 17.68
N SER A 28 4.90 -1.75 17.50
CA SER A 28 5.85 -2.59 16.82
C SER A 28 5.14 -3.34 15.69
N THR A 29 4.05 -4.01 16.03
CA THR A 29 3.31 -4.90 15.15
C THR A 29 2.06 -4.23 14.59
N LEU A 30 1.87 -2.94 14.89
CA LEU A 30 0.89 -2.06 14.30
C LEU A 30 1.60 -0.84 13.72
N ALA A 31 1.40 -0.61 12.43
CA ALA A 31 1.72 0.64 11.77
C ALA A 31 0.45 1.24 11.16
N GLU A 32 0.51 2.52 10.82
CA GLU A 32 -0.51 3.35 10.25
C GLU A 32 0.08 3.95 8.98
N VAL A 33 -0.49 3.61 7.82
CA VAL A 33 -0.10 4.21 6.56
C VAL A 33 -1.04 5.39 6.34
N HIS A 34 -0.54 6.44 5.71
CA HIS A 34 -1.30 7.61 5.31
C HIS A 34 -1.05 7.83 3.83
N TRP A 35 -2.05 8.31 3.09
CA TRP A 35 -1.90 8.66 1.68
C TRP A 35 -2.81 9.83 1.35
N ASP A 36 -2.46 10.58 0.32
CA ASP A 36 -3.30 11.68 -0.15
C ASP A 36 -4.52 11.10 -0.87
N PRO A 37 -5.73 11.67 -0.70
CA PRO A 37 -6.92 11.23 -1.41
C PRO A 37 -6.72 11.42 -2.91
N VAL A 38 -7.43 10.67 -3.75
CA VAL A 38 -7.50 10.99 -5.18
C VAL A 38 -8.85 11.65 -5.48
N PRO A 39 -8.96 12.42 -6.56
CA PRO A 39 -10.18 13.10 -6.92
C PRO A 39 -11.17 12.11 -7.51
N LEU A 40 -12.48 12.40 -7.39
CA LEU A 40 -13.55 11.58 -7.94
C LEU A 40 -13.46 11.51 -9.47
N LYS A 41 -12.88 12.54 -10.11
CA LYS A 41 -12.39 12.50 -11.49
C LYS A 41 -11.63 11.22 -11.76
N SER A 42 -10.55 10.97 -11.01
CA SER A 42 -9.63 9.87 -11.30
C SER A 42 -10.31 8.52 -11.24
N ILE A 43 -11.38 8.40 -10.45
CA ILE A 43 -12.10 7.16 -10.18
C ILE A 43 -13.18 6.93 -11.26
N ARG A 44 -13.57 7.96 -12.01
CA ARG A 44 -14.59 7.97 -13.07
C ARG A 44 -15.98 7.45 -12.65
N GLY A 45 -16.18 7.10 -11.38
CA GLY A 45 -17.36 6.45 -10.82
C GLY A 45 -17.03 6.11 -9.37
N HIS A 46 -17.69 5.11 -8.77
CA HIS A 46 -17.53 4.79 -7.35
C HIS A 46 -16.19 4.12 -7.05
N LEU A 47 -15.51 4.60 -6.02
CA LEU A 47 -14.38 3.95 -5.38
C LEU A 47 -14.92 2.71 -4.66
N GLN A 48 -14.37 1.55 -4.97
CA GLN A 48 -14.60 0.30 -4.24
C GLN A 48 -13.71 0.31 -3.01
N GLY A 49 -12.39 0.40 -3.20
CA GLY A 49 -11.47 0.44 -2.09
C GLY A 49 -10.07 0.87 -2.47
N TYR A 50 -9.22 0.89 -1.44
CA TYR A 50 -7.79 1.08 -1.51
C TYR A 50 -7.15 -0.28 -1.19
N ARG A 51 -6.42 -0.85 -2.16
CA ARG A 51 -5.81 -2.18 -2.04
C ARG A 51 -4.33 -2.01 -1.69
N ILE A 52 -3.99 -2.01 -0.40
CA ILE A 52 -2.60 -1.85 0.01
C ILE A 52 -1.92 -3.20 -0.20
N TYR A 53 -0.85 -3.18 -1.01
CA TYR A 53 0.12 -4.26 -1.10
C TYR A 53 1.23 -3.95 -0.13
N TYR A 54 1.83 -4.97 0.49
CA TYR A 54 3.03 -4.87 1.29
C TYR A 54 3.77 -6.19 1.35
N TRP A 55 5.03 -6.15 1.77
CA TRP A 55 5.81 -7.33 2.08
C TRP A 55 6.83 -7.02 3.18
N LYS A 56 7.30 -8.08 3.85
CA LYS A 56 8.46 -8.08 4.74
C LYS A 56 9.67 -7.85 3.84
N THR A 57 10.55 -6.94 4.21
CA THR A 57 11.81 -6.69 3.50
C THR A 57 12.93 -7.24 4.39
N GLN A 58 14.10 -7.52 3.77
CA GLN A 58 15.30 -8.05 4.42
C GLN A 58 14.99 -9.19 5.40
N SER A 59 14.62 -10.34 4.86
CA SER A 59 14.16 -11.49 5.62
C SER A 59 14.73 -12.73 4.93
N SER A 60 15.78 -13.30 5.51
CA SER A 60 16.57 -14.41 4.99
C SER A 60 17.40 -14.03 3.76
N SER A 61 18.58 -14.62 3.65
CA SER A 61 19.50 -14.44 2.53
C SER A 61 19.26 -15.53 1.50
N LYS A 62 18.21 -15.37 0.68
CA LYS A 62 17.96 -16.22 -0.47
C LYS A 62 17.46 -15.32 -1.60
N ARG A 63 17.75 -15.66 -2.85
CA ARG A 63 17.28 -14.96 -4.05
C ARG A 63 17.06 -16.02 -5.12
N ASN A 64 15.89 -16.02 -5.75
CA ASN A 64 15.56 -16.78 -6.96
C ASN A 64 14.15 -16.33 -7.40
N ARG A 65 13.53 -17.02 -8.35
CA ARG A 65 12.10 -16.84 -8.64
C ARG A 65 11.27 -17.23 -7.40
N ARG A 66 9.99 -16.84 -7.38
CA ARG A 66 9.02 -17.13 -6.31
C ARG A 66 9.67 -16.85 -4.95
N HIS A 67 10.07 -15.60 -4.75
CA HIS A 67 10.69 -15.10 -3.54
C HIS A 67 9.94 -13.89 -3.04
N ILE A 68 9.92 -13.73 -1.72
CA ILE A 68 9.11 -12.82 -0.92
C ILE A 68 7.62 -13.17 -1.10
N GLU A 69 6.83 -13.00 -0.04
CA GLU A 69 5.41 -13.22 0.01
C GLU A 69 4.78 -11.82 0.05
N LYS A 70 3.79 -11.59 -0.82
CA LYS A 70 3.30 -10.26 -1.16
C LYS A 70 1.84 -10.14 -0.76
N LYS A 71 1.64 -9.63 0.45
CA LYS A 71 0.38 -9.61 1.16
C LYS A 71 -0.45 -8.42 0.72
N ILE A 72 -1.77 -8.50 0.93
CA ILE A 72 -2.74 -7.56 0.38
C ILE A 72 -3.81 -7.29 1.42
N LEU A 73 -3.80 -6.07 1.94
CA LEU A 73 -4.79 -5.55 2.88
C LEU A 73 -6.09 -5.20 2.15
N THR A 74 -7.15 -4.97 2.92
CA THR A 74 -8.45 -4.56 2.40
C THR A 74 -8.85 -3.28 3.15
N PHE A 75 -9.17 -2.23 2.40
CA PHE A 75 -9.86 -1.04 2.88
C PHE A 75 -10.89 -0.73 1.81
N GLN A 76 -12.19 -0.79 2.11
CA GLN A 76 -13.17 -0.19 1.23
C GLN A 76 -13.20 1.32 1.46
N GLY A 77 -13.80 2.00 0.49
CA GLY A 77 -14.18 3.38 0.56
C GLY A 77 -12.98 4.33 0.64
N SER A 78 -13.29 5.62 0.54
CA SER A 78 -12.35 6.62 0.05
C SER A 78 -11.47 7.19 1.17
N LYS A 79 -11.02 6.34 2.10
CA LYS A 79 -10.14 6.68 3.20
C LYS A 79 -8.81 7.23 2.70
N THR A 80 -8.06 7.82 3.62
CA THR A 80 -6.79 8.51 3.38
C THR A 80 -5.71 8.00 4.35
N HIS A 81 -6.03 6.94 5.08
CA HIS A 81 -5.18 6.28 6.05
C HIS A 81 -5.69 4.85 6.19
N GLY A 82 -4.85 3.96 6.70
CA GLY A 82 -5.12 2.55 6.91
C GLY A 82 -4.06 2.02 7.86
N MET A 83 -4.14 0.75 8.28
CA MET A 83 -3.20 0.20 9.23
C MET A 83 -2.69 -1.14 8.78
N LEU A 84 -1.51 -1.50 9.28
CA LEU A 84 -0.86 -2.78 9.09
C LEU A 84 -0.84 -3.46 10.45
N PRO A 85 -1.93 -4.14 10.88
CA PRO A 85 -1.90 -5.05 12.00
C PRO A 85 -1.45 -6.45 11.55
N GLY A 86 -0.86 -7.21 12.48
CA GLY A 86 -0.44 -8.60 12.25
C GLY A 86 1.02 -8.69 11.83
N LEU A 87 1.81 -7.63 12.03
CA LEU A 87 3.18 -7.53 11.54
C LEU A 87 4.14 -8.11 12.58
N GLU A 88 5.44 -7.94 12.34
CA GLU A 88 6.55 -8.36 13.17
C GLU A 88 7.43 -7.10 13.36
N PRO A 89 8.02 -6.88 14.55
CA PRO A 89 9.01 -5.84 14.79
C PRO A 89 10.38 -6.17 14.16
N PHE A 90 11.37 -5.33 14.45
CA PHE A 90 12.79 -5.49 14.15
C PHE A 90 13.06 -5.85 12.68
N SER A 91 12.37 -5.19 11.75
CA SER A 91 12.59 -5.34 10.32
C SER A 91 12.10 -4.13 9.53
N HIS A 92 12.57 -4.05 8.29
CA HIS A 92 12.12 -3.11 7.28
C HIS A 92 10.94 -3.74 6.53
N TYR A 93 10.07 -2.92 5.95
CA TYR A 93 8.84 -3.33 5.26
C TYR A 93 8.62 -2.41 4.09
N THR A 94 8.04 -2.92 2.98
CA THR A 94 7.73 -2.13 1.79
C THR A 94 6.26 -2.31 1.44
N LEU A 95 5.48 -1.23 1.36
CA LEU A 95 4.05 -1.21 1.05
C LEU A 95 3.79 -0.21 -0.09
N ASN A 96 2.68 -0.38 -0.81
CA ASN A 96 2.18 0.56 -1.80
C ASN A 96 0.65 0.57 -1.78
N VAL A 97 0.06 1.59 -2.39
CA VAL A 97 -1.35 1.94 -2.26
C VAL A 97 -1.92 2.01 -3.69
N ARG A 98 -3.17 1.58 -3.92
CA ARG A 98 -3.75 1.42 -5.26
C ARG A 98 -5.24 1.66 -5.15
N VAL A 99 -5.82 2.48 -6.03
CA VAL A 99 -7.26 2.70 -6.06
C VAL A 99 -7.89 1.54 -6.84
N VAL A 100 -9.08 1.11 -6.44
CA VAL A 100 -9.89 0.06 -7.06
C VAL A 100 -11.31 0.60 -7.12
N ASN A 101 -12.04 0.34 -8.22
CA ASN A 101 -13.31 0.99 -8.51
C ASN A 101 -14.25 0.09 -9.32
N GLY A 102 -15.38 0.66 -9.76
CA GLY A 102 -16.47 -0.01 -10.47
C GLY A 102 -16.14 -0.61 -11.84
N LYS A 103 -14.86 -0.74 -12.23
CA LYS A 103 -14.45 -1.51 -13.39
C LYS A 103 -13.14 -2.25 -13.14
N GLY A 104 -12.20 -1.68 -12.39
CA GLY A 104 -10.86 -2.23 -12.32
C GLY A 104 -10.02 -1.58 -11.24
N GLU A 105 -8.71 -1.62 -11.44
CA GLU A 105 -7.72 -0.99 -10.60
C GLU A 105 -6.85 -0.05 -11.42
N GLY A 106 -6.11 0.79 -10.71
CA GLY A 106 -5.27 1.83 -11.27
C GLY A 106 -3.81 1.68 -10.90
N PRO A 107 -2.99 2.68 -11.26
CA PRO A 107 -1.57 2.68 -11.00
C PRO A 107 -1.33 2.67 -9.51
N ALA A 108 -0.39 1.85 -9.09
CA ALA A 108 0.08 1.88 -7.73
C ALA A 108 0.72 3.23 -7.46
N SER A 109 0.67 3.66 -6.20
CA SER A 109 1.39 4.81 -5.69
C SER A 109 2.90 4.60 -5.91
N PRO A 110 3.74 5.61 -5.64
CA PRO A 110 5.10 5.31 -5.25
C PRO A 110 5.02 4.38 -4.03
N ASP A 111 5.87 3.36 -3.99
CA ASP A 111 6.02 2.53 -2.80
C ASP A 111 6.59 3.41 -1.68
N ARG A 112 6.42 2.95 -0.45
CA ARG A 112 7.12 3.46 0.70
C ARG A 112 7.69 2.29 1.44
N VAL A 113 8.54 2.63 2.38
CA VAL A 113 9.06 1.69 3.34
C VAL A 113 8.77 2.17 4.74
N PHE A 114 8.86 1.28 5.72
CA PHE A 114 8.95 1.64 7.12
C PHE A 114 9.87 0.64 7.79
N ASN A 115 10.65 1.13 8.75
CA ASN A 115 11.34 0.32 9.74
C ASN A 115 10.37 0.09 10.90
N THR A 116 10.70 -0.83 11.78
CA THR A 116 9.98 -1.06 13.03
C THR A 116 10.97 -0.95 14.21
N PRO A 117 10.48 -0.71 15.45
CA PRO A 117 11.32 -0.86 16.62
C PRO A 117 11.66 -2.34 16.80
N GLU A 118 12.70 -2.63 17.57
CA GLU A 118 13.14 -3.99 17.90
C GLU A 118 12.04 -4.82 18.59
N GLY A 119 11.09 -4.14 19.22
CA GLY A 119 9.83 -4.73 19.63
C GLY A 119 9.89 -5.53 20.94
N SER A 120 11.03 -5.50 21.65
CA SER A 120 11.19 -6.33 22.84
C SER A 120 10.28 -5.84 23.98
N GLY A 121 10.01 -6.74 24.93
CA GLY A 121 9.14 -6.45 26.05
C GLY A 121 9.86 -5.55 27.08
N PRO A 122 9.11 -4.78 27.88
CA PRO A 122 9.64 -4.11 29.06
C PRO A 122 9.94 -5.20 30.10
N SER A 123 11.13 -5.78 30.03
CA SER A 123 11.49 -6.98 30.80
C SER A 123 12.97 -6.97 31.17
N SER A 124 13.56 -5.79 31.36
CA SER A 124 14.85 -5.60 32.01
C SER A 124 14.78 -4.25 32.72
N GLY A 125 15.47 -4.11 33.84
CA GLY A 125 15.35 -3.05 34.81
C GLY A 125 15.57 -3.68 36.18
N GLY A 1 7.19 -5.86 -26.18
CA GLY A 1 6.01 -6.15 -27.00
C GLY A 1 5.43 -4.83 -27.49
N SER A 2 4.39 -4.90 -28.32
CA SER A 2 3.55 -3.77 -28.66
C SER A 2 2.13 -4.32 -28.75
N SER A 3 1.15 -3.49 -28.43
CA SER A 3 -0.28 -3.80 -28.48
C SER A 3 -1.03 -2.54 -28.89
N GLY A 4 -2.29 -2.68 -29.29
CA GLY A 4 -3.15 -1.57 -29.67
C GLY A 4 -4.59 -1.93 -29.41
N SER A 5 -5.40 -0.94 -29.05
CA SER A 5 -6.86 -1.01 -28.89
C SER A 5 -7.39 0.42 -28.95
N SER A 6 -8.63 0.57 -29.39
CA SER A 6 -9.40 1.80 -29.34
C SER A 6 -10.87 1.40 -29.39
N GLY A 7 -11.77 2.38 -29.44
CA GLY A 7 -13.21 2.17 -29.36
C GLY A 7 -13.87 3.45 -28.86
N HIS A 8 -15.02 3.32 -28.20
CA HIS A 8 -15.52 4.43 -27.38
C HIS A 8 -14.54 4.65 -26.22
N SER A 9 -14.63 5.81 -25.57
CA SER A 9 -13.85 6.13 -24.38
C SER A 9 -14.17 5.10 -23.29
N GLY A 10 -15.43 5.08 -22.82
CA GLY A 10 -15.85 4.31 -21.66
C GLY A 10 -15.25 4.92 -20.38
N GLU A 11 -15.96 4.80 -19.27
CA GLU A 11 -15.58 5.42 -18.01
C GLU A 11 -16.07 4.53 -16.89
N ASP A 12 -15.18 3.63 -16.46
CA ASP A 12 -15.40 2.71 -15.37
C ASP A 12 -14.08 2.43 -14.65
N LEU A 13 -12.93 2.38 -15.35
CA LEU A 13 -11.57 2.22 -14.80
C LEU A 13 -10.99 3.54 -14.30
N PRO A 14 -10.07 3.50 -13.30
CA PRO A 14 -9.46 4.71 -12.75
C PRO A 14 -8.31 5.22 -13.63
N MET A 15 -7.78 6.40 -13.29
CA MET A 15 -6.77 7.09 -14.08
C MET A 15 -5.48 7.46 -13.33
N VAL A 16 -5.47 7.51 -12.00
CA VAL A 16 -4.28 7.88 -11.21
C VAL A 16 -4.19 7.06 -9.90
N ALA A 17 -3.14 7.32 -9.12
CA ALA A 17 -2.82 6.76 -7.81
C ALA A 17 -2.87 7.89 -6.77
N PRO A 18 -3.04 7.56 -5.47
CA PRO A 18 -3.07 8.55 -4.41
C PRO A 18 -1.69 9.20 -4.22
N GLY A 19 -1.69 10.49 -3.90
CA GLY A 19 -0.51 11.32 -3.67
C GLY A 19 0.05 11.20 -2.25
N ASN A 20 1.12 11.97 -1.99
CA ASN A 20 2.01 11.99 -0.82
C ASN A 20 1.70 10.95 0.25
N VAL A 21 2.19 9.73 0.02
CA VAL A 21 2.01 8.62 0.93
C VAL A 21 3.02 8.77 2.06
N ARG A 22 2.52 8.64 3.28
CA ARG A 22 3.28 8.62 4.53
C ARG A 22 2.92 7.35 5.29
N VAL A 23 3.80 6.83 6.13
CA VAL A 23 3.54 5.69 6.99
C VAL A 23 4.30 5.88 8.31
N ASN A 24 3.60 5.72 9.42
CA ASN A 24 4.16 5.72 10.77
C ASN A 24 3.80 4.48 11.53
N VAL A 25 4.75 3.89 12.22
CA VAL A 25 4.50 2.78 13.08
C VAL A 25 4.03 3.23 14.47
N VAL A 26 2.91 2.63 14.86
CA VAL A 26 2.13 2.90 16.07
C VAL A 26 2.62 2.01 17.19
N ASN A 27 2.90 0.78 16.82
CA ASN A 27 3.41 -0.27 17.69
C ASN A 27 4.50 -1.09 17.03
N SER A 28 5.00 -2.06 17.79
CA SER A 28 5.92 -3.07 17.30
C SER A 28 5.29 -3.87 16.15
N THR A 29 4.01 -4.22 16.27
CA THR A 29 3.30 -5.14 15.38
C THR A 29 2.18 -4.45 14.58
N LEU A 30 2.04 -3.13 14.73
CA LEU A 30 1.02 -2.30 14.11
C LEU A 30 1.71 -1.07 13.49
N ALA A 31 1.32 -0.68 12.28
CA ALA A 31 1.73 0.56 11.63
C ALA A 31 0.50 1.28 11.08
N GLU A 32 0.63 2.52 10.62
CA GLU A 32 -0.42 3.25 9.92
C GLU A 32 0.20 3.78 8.65
N VAL A 33 -0.55 3.71 7.56
CA VAL A 33 -0.20 4.31 6.29
C VAL A 33 -1.26 5.40 6.05
N HIS A 34 -0.85 6.51 5.46
CA HIS A 34 -1.71 7.62 5.06
C HIS A 34 -1.40 7.94 3.61
N TRP A 35 -2.40 8.32 2.83
CA TRP A 35 -2.28 8.60 1.40
C TRP A 35 -3.32 9.66 1.04
N ASP A 36 -3.04 10.47 0.02
CA ASP A 36 -3.97 11.53 -0.36
C ASP A 36 -5.25 10.94 -0.95
N PRO A 37 -6.43 11.57 -0.74
CA PRO A 37 -7.58 11.30 -1.56
C PRO A 37 -7.29 11.73 -3.00
N VAL A 38 -7.56 10.85 -3.96
CA VAL A 38 -7.47 11.19 -5.37
C VAL A 38 -8.68 12.05 -5.78
N PRO A 39 -8.59 12.78 -6.90
CA PRO A 39 -9.69 13.58 -7.40
C PRO A 39 -10.80 12.66 -7.88
N LEU A 40 -12.06 13.04 -7.70
CA LEU A 40 -13.19 12.23 -8.13
C LEU A 40 -13.20 12.06 -9.65
N LYS A 41 -12.63 13.02 -10.40
CA LYS A 41 -12.38 12.87 -11.84
C LYS A 41 -11.55 11.64 -12.18
N SER A 42 -10.62 11.22 -11.31
CA SER A 42 -9.72 10.11 -11.62
C SER A 42 -10.45 8.77 -11.60
N ILE A 43 -11.46 8.65 -10.74
CA ILE A 43 -12.06 7.37 -10.34
C ILE A 43 -12.94 6.84 -11.48
N ARG A 44 -13.56 7.74 -12.27
CA ARG A 44 -14.40 7.46 -13.43
C ARG A 44 -15.42 6.35 -13.18
N GLY A 45 -15.95 6.26 -11.96
CA GLY A 45 -16.78 5.15 -11.55
C GLY A 45 -17.27 5.37 -10.13
N HIS A 46 -17.17 4.36 -9.28
CA HIS A 46 -17.38 4.47 -7.85
C HIS A 46 -16.24 3.78 -7.12
N LEU A 47 -15.51 4.54 -6.29
CA LEU A 47 -14.50 4.04 -5.38
C LEU A 47 -15.12 2.92 -4.57
N GLN A 48 -14.56 1.71 -4.71
CA GLN A 48 -14.88 0.57 -3.89
C GLN A 48 -14.11 0.72 -2.59
N GLY A 49 -12.80 0.94 -2.70
CA GLY A 49 -11.90 1.09 -1.58
C GLY A 49 -10.51 1.37 -2.13
N TYR A 50 -9.54 1.34 -1.23
CA TYR A 50 -8.15 1.24 -1.59
C TYR A 50 -7.69 -0.19 -1.29
N ARG A 51 -6.62 -0.63 -1.93
CA ARG A 51 -5.93 -1.87 -1.63
C ARG A 51 -4.48 -1.47 -1.37
N ILE A 52 -3.81 -2.14 -0.44
CA ILE A 52 -2.38 -1.98 -0.20
C ILE A 52 -1.78 -3.35 -0.48
N TYR A 53 -0.77 -3.41 -1.35
CA TYR A 53 0.16 -4.53 -1.39
C TYR A 53 1.32 -4.16 -0.49
N TYR A 54 1.91 -5.13 0.20
CA TYR A 54 3.06 -4.92 1.06
C TYR A 54 3.85 -6.21 1.24
N TRP A 55 5.13 -6.10 1.63
CA TRP A 55 5.97 -7.26 1.91
C TRP A 55 7.03 -6.99 2.99
N LYS A 56 7.49 -8.06 3.64
CA LYS A 56 8.59 -8.07 4.62
C LYS A 56 9.87 -7.81 3.84
N THR A 57 10.69 -6.87 4.30
CA THR A 57 11.86 -6.43 3.55
C THR A 57 13.10 -6.80 4.35
N GLN A 58 13.99 -7.61 3.77
CA GLN A 58 15.11 -8.20 4.51
C GLN A 58 16.43 -8.11 3.74
N SER A 59 16.38 -8.18 2.39
CA SER A 59 17.54 -8.35 1.53
C SER A 59 18.37 -9.58 1.95
N SER A 60 19.58 -9.71 1.42
CA SER A 60 20.65 -10.56 1.89
C SER A 60 21.91 -9.97 1.27
N SER A 61 23.07 -10.14 1.90
CA SER A 61 24.36 -9.90 1.24
C SER A 61 24.68 -11.08 0.30
N LYS A 62 23.69 -11.61 -0.42
CA LYS A 62 23.69 -12.92 -1.05
C LYS A 62 24.42 -13.93 -0.16
N ARG A 63 23.86 -14.14 1.03
CA ARG A 63 24.51 -14.86 2.14
C ARG A 63 23.69 -16.05 2.61
N ASN A 64 22.43 -16.15 2.18
CA ASN A 64 21.49 -17.28 2.13
C ASN A 64 20.09 -16.74 2.34
N ARG A 65 19.43 -16.36 1.24
CA ARG A 65 18.02 -16.05 1.25
C ARG A 65 17.44 -16.39 -0.12
N ARG A 66 16.26 -16.99 -0.11
CA ARG A 66 15.24 -16.87 -1.13
C ARG A 66 13.89 -16.66 -0.40
N HIS A 67 12.87 -16.32 -1.17
CA HIS A 67 11.49 -16.01 -0.76
C HIS A 67 11.35 -14.73 0.04
N ILE A 68 10.29 -14.00 -0.29
CA ILE A 68 9.84 -12.76 0.34
C ILE A 68 8.34 -12.99 0.52
N GLU A 69 7.86 -12.79 1.73
CA GLU A 69 6.47 -12.91 2.07
C GLU A 69 5.74 -11.65 1.59
N LYS A 70 4.79 -11.86 0.69
CA LYS A 70 3.97 -10.81 0.11
C LYS A 70 2.54 -10.98 0.58
N LYS A 71 1.89 -9.87 0.87
CA LYS A 71 0.54 -9.78 1.40
C LYS A 71 -0.22 -8.69 0.68
N ILE A 72 -1.53 -8.73 0.88
CA ILE A 72 -2.48 -7.75 0.38
C ILE A 72 -3.35 -7.37 1.57
N LEU A 73 -3.82 -6.14 1.55
CA LEU A 73 -4.56 -5.48 2.61
C LEU A 73 -5.69 -4.70 1.97
N THR A 74 -6.82 -4.63 2.67
CA THR A 74 -8.10 -4.24 2.11
C THR A 74 -8.72 -3.15 2.99
N PHE A 75 -8.95 -1.97 2.41
CA PHE A 75 -9.60 -0.84 3.07
C PHE A 75 -10.73 -0.35 2.18
N GLN A 76 -11.91 -0.93 2.38
CA GLN A 76 -13.11 -0.47 1.72
C GLN A 76 -13.52 0.90 2.29
N GLY A 77 -14.54 1.52 1.70
CA GLY A 77 -14.94 2.88 2.05
C GLY A 77 -13.88 3.91 1.66
N SER A 78 -14.13 5.17 1.97
CA SER A 78 -13.44 6.31 1.36
C SER A 78 -12.11 6.68 2.02
N LYS A 79 -11.60 5.85 2.91
CA LYS A 79 -10.51 6.17 3.84
C LYS A 79 -9.26 6.65 3.13
N THR A 80 -8.51 7.52 3.80
CA THR A 80 -7.22 8.02 3.33
C THR A 80 -6.07 7.52 4.22
N HIS A 81 -6.35 6.58 5.12
CA HIS A 81 -5.36 5.91 5.97
C HIS A 81 -5.85 4.50 6.28
N GLY A 82 -4.94 3.62 6.68
CA GLY A 82 -5.21 2.22 6.99
C GLY A 82 -4.10 1.69 7.88
N MET A 83 -4.45 0.83 8.85
CA MET A 83 -3.47 0.24 9.74
C MET A 83 -2.88 -1.01 9.11
N LEU A 84 -1.61 -1.29 9.39
CA LEU A 84 -0.87 -2.49 9.00
C LEU A 84 -0.72 -3.32 10.27
N PRO A 85 -1.59 -4.29 10.58
CA PRO A 85 -1.42 -5.21 11.71
C PRO A 85 -0.68 -6.50 11.31
N GLY A 86 -0.23 -7.28 12.29
CA GLY A 86 0.44 -8.57 12.04
C GLY A 86 1.91 -8.39 11.63
N LEU A 87 2.50 -7.23 11.92
CA LEU A 87 3.86 -6.90 11.52
C LEU A 87 4.83 -7.45 12.54
N GLU A 88 6.11 -7.43 12.19
CA GLU A 88 7.21 -7.95 12.95
C GLU A 88 8.04 -6.75 13.43
N PRO A 89 8.39 -6.69 14.72
CA PRO A 89 9.19 -5.61 15.25
C PRO A 89 10.66 -5.74 14.83
N PHE A 90 11.41 -4.64 14.95
CA PHE A 90 12.82 -4.55 14.62
C PHE A 90 13.12 -5.09 13.20
N SER A 91 12.26 -4.80 12.23
CA SER A 91 12.35 -5.27 10.85
C SER A 91 12.06 -4.12 9.87
N HIS A 92 12.52 -4.25 8.60
CA HIS A 92 12.14 -3.33 7.53
C HIS A 92 10.95 -3.92 6.76
N TYR A 93 10.16 -3.05 6.14
CA TYR A 93 8.95 -3.40 5.41
C TYR A 93 8.75 -2.42 4.25
N THR A 94 8.05 -2.88 3.20
CA THR A 94 7.64 -2.10 2.04
C THR A 94 6.13 -2.27 1.88
N LEU A 95 5.40 -1.27 1.34
CA LEU A 95 3.99 -1.29 0.96
C LEU A 95 3.75 -0.31 -0.20
N ASN A 96 2.66 -0.50 -0.97
CA ASN A 96 2.16 0.48 -1.95
C ASN A 96 0.64 0.41 -2.05
N VAL A 97 0.01 1.56 -2.27
CA VAL A 97 -1.45 1.75 -2.33
C VAL A 97 -1.89 1.68 -3.79
N ARG A 98 -3.13 1.26 -4.06
CA ARG A 98 -3.73 1.21 -5.39
C ARG A 98 -5.22 1.53 -5.21
N VAL A 99 -5.79 2.43 -6.03
CA VAL A 99 -7.22 2.68 -5.96
C VAL A 99 -7.94 1.48 -6.57
N VAL A 100 -9.16 1.23 -6.11
CA VAL A 100 -10.02 0.18 -6.61
C VAL A 100 -11.42 0.77 -6.71
N ASN A 101 -12.08 0.48 -7.81
CA ASN A 101 -13.43 0.87 -8.15
C ASN A 101 -14.14 -0.36 -8.69
N GLY A 102 -15.36 -0.19 -9.20
CA GLY A 102 -16.21 -1.31 -9.58
C GLY A 102 -15.83 -1.93 -10.93
N LYS A 103 -14.67 -1.62 -11.50
CA LYS A 103 -14.19 -2.08 -12.80
C LYS A 103 -12.85 -2.80 -12.65
N GLY A 104 -11.84 -2.16 -12.04
CA GLY A 104 -10.49 -2.71 -11.98
C GLY A 104 -9.53 -1.78 -11.25
N GLU A 105 -8.26 -2.18 -11.16
CA GLU A 105 -7.24 -1.44 -10.42
C GLU A 105 -6.65 -0.32 -11.29
N GLY A 106 -6.12 0.73 -10.65
CA GLY A 106 -5.40 1.82 -11.29
C GLY A 106 -3.89 1.69 -11.16
N PRO A 107 -3.11 2.71 -11.53
CA PRO A 107 -1.68 2.74 -11.25
C PRO A 107 -1.48 2.81 -9.75
N ALA A 108 -0.53 2.05 -9.24
CA ALA A 108 -0.23 2.07 -7.82
C ALA A 108 0.52 3.36 -7.48
N SER A 109 0.54 3.72 -6.20
CA SER A 109 1.35 4.81 -5.65
C SER A 109 2.84 4.48 -5.86
N PRO A 110 3.81 5.34 -5.48
CA PRO A 110 5.14 4.80 -5.23
C PRO A 110 5.01 3.81 -4.06
N ASP A 111 5.95 2.86 -3.98
CA ASP A 111 6.16 2.12 -2.76
C ASP A 111 6.70 3.05 -1.70
N ARG A 112 6.40 2.71 -0.46
CA ARG A 112 6.95 3.35 0.72
C ARG A 112 7.56 2.25 1.54
N VAL A 113 8.41 2.67 2.45
CA VAL A 113 9.12 1.75 3.31
C VAL A 113 8.99 2.23 4.74
N PHE A 114 9.01 1.32 5.70
CA PHE A 114 8.97 1.65 7.11
C PHE A 114 9.79 0.62 7.88
N ASN A 115 10.10 0.96 9.12
CA ASN A 115 10.97 0.24 10.04
C ASN A 115 10.27 0.21 11.39
N THR A 116 10.41 -0.89 12.14
CA THR A 116 9.67 -1.12 13.38
C THR A 116 10.63 -1.04 14.59
N PRO A 117 10.13 -0.68 15.80
CA PRO A 117 10.94 -0.03 16.82
C PRO A 117 12.00 -0.95 17.43
N GLU A 118 11.58 -1.96 18.19
CA GLU A 118 12.41 -3.07 18.65
C GLU A 118 11.51 -4.21 19.14
N GLY A 119 10.45 -3.84 19.85
CA GLY A 119 9.40 -4.72 20.35
C GLY A 119 9.82 -5.54 21.56
N SER A 120 10.21 -4.90 22.66
CA SER A 120 10.52 -5.58 23.92
C SER A 120 9.28 -6.07 24.69
N GLY A 121 8.06 -5.79 24.23
CA GLY A 121 6.85 -6.09 24.96
C GLY A 121 6.68 -5.14 26.15
N PRO A 122 5.73 -5.41 27.08
CA PRO A 122 5.59 -4.60 28.29
C PRO A 122 6.88 -4.59 29.13
N SER A 123 6.96 -3.67 30.07
CA SER A 123 7.98 -3.62 31.10
C SER A 123 7.30 -3.17 32.40
N SER A 124 8.04 -2.54 33.34
CA SER A 124 7.53 -2.19 34.66
C SER A 124 6.23 -1.39 34.59
N GLY A 125 6.13 -0.39 33.71
CA GLY A 125 4.92 0.38 33.50
C GLY A 125 5.20 1.44 32.46
N GLY A 1 15.37 14.36 -24.26
CA GLY A 1 13.97 14.55 -24.63
C GLY A 1 13.27 13.22 -24.49
N SER A 2 12.59 12.98 -23.36
CA SER A 2 11.93 11.71 -23.08
C SER A 2 11.01 11.89 -21.88
N SER A 3 9.96 12.70 -22.03
CA SER A 3 8.95 12.96 -21.03
C SER A 3 7.69 13.44 -21.78
N GLY A 4 7.05 12.53 -22.51
CA GLY A 4 5.98 12.85 -23.45
C GLY A 4 4.95 11.73 -23.59
N SER A 5 4.75 10.90 -22.56
CA SER A 5 3.78 9.81 -22.60
C SER A 5 3.05 9.67 -21.26
N SER A 6 1.86 9.08 -21.32
CA SER A 6 1.11 8.58 -20.17
C SER A 6 0.24 7.41 -20.65
N GLY A 7 -0.45 7.62 -21.78
CA GLY A 7 -1.55 6.80 -22.27
C GLY A 7 -2.80 7.68 -22.32
N HIS A 8 -3.87 7.19 -22.92
CA HIS A 8 -5.20 7.79 -22.82
C HIS A 8 -6.22 6.71 -23.18
N SER A 9 -6.94 6.18 -22.17
CA SER A 9 -8.01 5.22 -22.36
C SER A 9 -8.93 5.24 -21.12
N GLY A 10 -10.12 4.66 -21.24
CA GLY A 10 -11.00 4.28 -20.14
C GLY A 10 -12.15 5.25 -19.95
N GLU A 11 -13.36 4.68 -19.82
CA GLU A 11 -14.58 5.41 -19.48
C GLU A 11 -14.83 5.37 -17.98
N ASP A 12 -14.42 4.29 -17.31
CA ASP A 12 -14.84 4.02 -15.94
C ASP A 12 -13.68 3.57 -15.05
N LEU A 13 -12.60 2.99 -15.59
CA LEU A 13 -11.44 2.59 -14.79
C LEU A 13 -10.72 3.79 -14.16
N PRO A 14 -10.09 3.65 -12.97
CA PRO A 14 -9.29 4.70 -12.37
C PRO A 14 -8.13 5.16 -13.26
N MET A 15 -7.64 6.37 -13.01
CA MET A 15 -6.66 7.05 -13.85
C MET A 15 -5.38 7.41 -13.10
N VAL A 16 -5.45 7.72 -11.80
CA VAL A 16 -4.29 8.13 -11.02
C VAL A 16 -4.31 7.52 -9.61
N ALA A 17 -3.13 7.46 -9.00
CA ALA A 17 -2.78 6.95 -7.70
C ALA A 17 -2.71 8.06 -6.65
N PRO A 18 -2.81 7.70 -5.36
CA PRO A 18 -2.87 8.67 -4.27
C PRO A 18 -1.52 9.34 -4.05
N GLY A 19 -1.57 10.64 -3.77
CA GLY A 19 -0.40 11.46 -3.52
C GLY A 19 0.13 11.25 -2.11
N ASN A 20 1.35 11.76 -1.90
CA ASN A 20 1.89 12.19 -0.62
C ASN A 20 1.70 11.14 0.48
N VAL A 21 2.18 9.94 0.20
CA VAL A 21 2.04 8.76 1.06
C VAL A 21 3.05 8.86 2.21
N ARG A 22 2.57 8.69 3.44
CA ARG A 22 3.31 8.87 4.70
C ARG A 22 2.87 7.83 5.73
N VAL A 23 3.77 6.93 6.14
CA VAL A 23 3.47 5.82 7.05
C VAL A 23 4.08 6.11 8.42
N ASN A 24 3.33 5.81 9.48
CA ASN A 24 3.66 6.07 10.89
C ASN A 24 3.60 4.78 11.69
N VAL A 25 4.67 4.44 12.39
CA VAL A 25 4.74 3.25 13.21
C VAL A 25 4.11 3.57 14.56
N VAL A 26 2.87 3.12 14.76
CA VAL A 26 2.15 3.33 16.01
C VAL A 26 2.76 2.43 17.08
N ASN A 27 2.94 1.14 16.78
CA ASN A 27 3.37 0.14 17.76
C ASN A 27 4.40 -0.76 17.09
N SER A 28 4.88 -1.75 17.85
CA SER A 28 5.84 -2.72 17.34
C SER A 28 5.21 -3.61 16.26
N THR A 29 3.93 -3.94 16.40
CA THR A 29 3.23 -4.88 15.52
C THR A 29 2.05 -4.19 14.81
N LEU A 30 2.04 -2.85 14.78
CA LEU A 30 1.07 -2.02 14.10
C LEU A 30 1.80 -0.86 13.44
N ALA A 31 1.42 -0.51 12.22
CA ALA A 31 1.82 0.72 11.55
C ALA A 31 0.56 1.27 10.90
N GLU A 32 0.48 2.58 10.75
CA GLU A 32 -0.57 3.31 10.08
C GLU A 32 0.02 3.85 8.78
N VAL A 33 -0.75 3.89 7.72
CA VAL A 33 -0.34 4.28 6.39
C VAL A 33 -1.29 5.39 6.01
N HIS A 34 -0.78 6.60 5.75
CA HIS A 34 -1.58 7.75 5.35
C HIS A 34 -1.33 8.05 3.88
N TRP A 35 -2.30 8.63 3.19
CA TRP A 35 -2.16 9.10 1.83
C TRP A 35 -3.13 10.25 1.59
N ASP A 36 -2.92 11.01 0.51
CA ASP A 36 -3.87 12.00 0.04
C ASP A 36 -4.94 11.26 -0.78
N PRO A 37 -6.22 11.65 -0.66
CA PRO A 37 -7.28 11.09 -1.48
C PRO A 37 -7.05 11.52 -2.93
N VAL A 38 -7.30 10.61 -3.87
CA VAL A 38 -7.43 11.02 -5.27
C VAL A 38 -8.83 11.64 -5.48
N PRO A 39 -8.98 12.49 -6.52
CA PRO A 39 -10.24 13.16 -6.81
C PRO A 39 -11.18 12.22 -7.55
N LEU A 40 -12.49 12.34 -7.34
CA LEU A 40 -13.50 11.48 -7.98
C LEU A 40 -13.43 11.52 -9.50
N LYS A 41 -13.01 12.64 -10.10
CA LYS A 41 -12.68 12.71 -11.52
C LYS A 41 -11.74 11.57 -11.93
N SER A 42 -10.63 11.38 -11.21
CA SER A 42 -9.67 10.32 -11.53
C SER A 42 -10.30 8.93 -11.50
N ILE A 43 -11.21 8.69 -10.55
CA ILE A 43 -11.73 7.35 -10.27
C ILE A 43 -12.64 6.90 -11.41
N ARG A 44 -13.20 7.83 -12.20
CA ARG A 44 -14.04 7.63 -13.38
C ARG A 44 -15.34 6.87 -13.14
N GLY A 45 -15.51 6.20 -12.01
CA GLY A 45 -16.69 5.55 -11.50
C GLY A 45 -16.59 5.47 -9.98
N HIS A 46 -17.41 4.63 -9.36
CA HIS A 46 -17.53 4.53 -7.91
C HIS A 46 -16.37 3.75 -7.30
N LEU A 47 -15.58 4.43 -6.45
CA LEU A 47 -14.48 3.89 -5.67
C LEU A 47 -14.99 2.74 -4.80
N GLN A 48 -14.27 1.63 -4.79
CA GLN A 48 -14.53 0.47 -3.95
C GLN A 48 -13.53 0.42 -2.78
N GLY A 49 -12.37 1.05 -2.91
CA GLY A 49 -11.48 1.29 -1.79
C GLY A 49 -10.03 1.36 -2.22
N TYR A 50 -9.14 1.26 -1.22
CA TYR A 50 -7.70 1.24 -1.39
C TYR A 50 -7.18 -0.15 -1.02
N ARG A 51 -6.20 -0.64 -1.78
CA ARG A 51 -5.62 -1.98 -1.69
C ARG A 51 -4.15 -1.75 -1.44
N ILE A 52 -3.74 -1.82 -0.16
CA ILE A 52 -2.34 -1.72 0.20
C ILE A 52 -1.75 -3.09 -0.11
N TYR A 53 -0.75 -3.12 -0.99
CA TYR A 53 0.15 -4.24 -1.17
C TYR A 53 1.32 -3.98 -0.25
N TYR A 54 1.88 -5.01 0.38
CA TYR A 54 3.11 -4.91 1.15
C TYR A 54 3.84 -6.25 1.15
N TRP A 55 5.10 -6.23 1.56
CA TRP A 55 5.87 -7.43 1.80
C TRP A 55 6.91 -7.21 2.90
N LYS A 56 7.38 -8.32 3.49
CA LYS A 56 8.47 -8.31 4.44
C LYS A 56 9.72 -7.97 3.66
N THR A 57 10.57 -7.10 4.19
CA THR A 57 11.76 -6.65 3.52
C THR A 57 12.95 -6.94 4.45
N GLN A 58 14.07 -7.35 3.89
CA GLN A 58 15.29 -7.68 4.63
C GLN A 58 16.54 -7.32 3.82
N SER A 59 16.37 -6.66 2.68
CA SER A 59 17.41 -6.00 1.91
C SER A 59 16.79 -4.77 1.25
N SER A 60 17.63 -3.77 1.01
CA SER A 60 17.36 -2.66 0.11
C SER A 60 18.59 -2.32 -0.74
N SER A 61 19.68 -3.09 -0.63
CA SER A 61 20.96 -2.84 -1.26
C SER A 61 21.44 -4.14 -1.90
N LYS A 62 21.12 -4.29 -3.19
CA LYS A 62 21.43 -5.37 -4.15
C LYS A 62 20.30 -6.40 -4.20
N ARG A 63 19.74 -6.58 -5.41
CA ARG A 63 18.61 -7.46 -5.69
C ARG A 63 19.08 -8.91 -5.70
N ASN A 64 19.21 -9.50 -4.52
CA ASN A 64 19.61 -10.90 -4.37
C ASN A 64 18.43 -11.81 -4.75
N ARG A 65 18.62 -13.13 -4.73
CA ARG A 65 17.51 -14.08 -4.60
C ARG A 65 17.01 -14.01 -3.16
N ARG A 66 15.70 -14.19 -2.93
CA ARG A 66 15.16 -14.77 -1.71
C ARG A 66 13.68 -15.09 -1.88
N HIS A 67 13.13 -15.90 -0.97
CA HIS A 67 11.69 -15.97 -0.75
C HIS A 67 11.24 -14.64 -0.13
N ILE A 68 10.04 -14.18 -0.45
CA ILE A 68 9.44 -12.99 0.13
C ILE A 68 8.01 -13.37 0.51
N GLU A 69 7.66 -13.17 1.77
CA GLU A 69 6.30 -13.21 2.25
C GLU A 69 5.64 -11.91 1.81
N LYS A 70 4.83 -12.03 0.77
CA LYS A 70 3.99 -10.97 0.24
C LYS A 70 2.58 -11.07 0.80
N LYS A 71 1.84 -9.97 0.69
CA LYS A 71 0.46 -9.83 1.13
C LYS A 71 -0.29 -8.87 0.26
N ILE A 72 -1.61 -8.83 0.51
CA ILE A 72 -2.58 -7.85 0.05
C ILE A 72 -3.38 -7.48 1.32
N LEU A 73 -3.90 -6.25 1.42
CA LEU A 73 -4.60 -5.70 2.59
C LEU A 73 -5.89 -5.00 2.12
N THR A 74 -6.87 -4.76 3.00
CA THR A 74 -8.19 -4.27 2.62
C THR A 74 -8.63 -3.07 3.48
N PHE A 75 -8.92 -1.91 2.84
CA PHE A 75 -9.66 -0.79 3.42
C PHE A 75 -10.63 -0.33 2.33
N GLN A 76 -11.92 -0.47 2.57
CA GLN A 76 -12.94 -0.09 1.61
C GLN A 76 -13.18 1.41 1.67
N GLY A 77 -13.81 1.92 0.61
CA GLY A 77 -14.27 3.29 0.51
C GLY A 77 -13.15 4.33 0.50
N SER A 78 -13.57 5.58 0.55
CA SER A 78 -12.76 6.78 0.32
C SER A 78 -11.80 7.14 1.47
N LYS A 79 -11.55 6.23 2.43
CA LYS A 79 -10.61 6.42 3.52
C LYS A 79 -9.23 6.85 3.01
N THR A 80 -8.55 7.65 3.82
CA THR A 80 -7.24 8.24 3.53
C THR A 80 -6.13 7.61 4.38
N HIS A 81 -6.46 6.58 5.17
CA HIS A 81 -5.49 5.83 5.94
C HIS A 81 -5.92 4.37 6.02
N GLY A 82 -4.96 3.49 6.31
CA GLY A 82 -5.13 2.07 6.55
C GLY A 82 -4.03 1.61 7.50
N MET A 83 -4.11 0.38 8.01
CA MET A 83 -3.30 -0.05 9.15
C MET A 83 -2.77 -1.45 8.93
N LEU A 84 -1.55 -1.72 9.39
CA LEU A 84 -0.77 -2.95 9.19
C LEU A 84 -0.67 -3.67 10.55
N PRO A 85 -1.64 -4.50 10.96
CA PRO A 85 -1.60 -5.21 12.23
C PRO A 85 -0.97 -6.61 12.11
N GLY A 86 -0.47 -7.13 13.22
CA GLY A 86 0.15 -8.46 13.29
C GLY A 86 1.41 -8.53 12.43
N LEU A 87 2.20 -7.47 12.46
CA LEU A 87 3.52 -7.37 11.84
C LEU A 87 4.58 -7.68 12.89
N GLU A 88 5.81 -7.93 12.44
CA GLU A 88 6.92 -8.14 13.38
C GLU A 88 7.60 -6.80 13.68
N PRO A 89 8.08 -6.61 14.93
CA PRO A 89 9.01 -5.55 15.27
C PRO A 89 10.41 -5.79 14.66
N PHE A 90 11.29 -4.78 14.78
CA PHE A 90 12.71 -4.78 14.44
C PHE A 90 13.04 -5.40 13.07
N SER A 91 12.13 -5.21 12.11
CA SER A 91 12.20 -5.65 10.73
C SER A 91 12.17 -4.42 9.81
N HIS A 92 12.16 -4.65 8.49
CA HIS A 92 11.93 -3.65 7.46
C HIS A 92 10.75 -4.13 6.62
N TYR A 93 10.04 -3.21 5.99
CA TYR A 93 8.92 -3.53 5.13
C TYR A 93 8.85 -2.55 3.98
N THR A 94 8.18 -2.97 2.91
CA THR A 94 7.78 -2.10 1.81
C THR A 94 6.27 -2.27 1.61
N LEU A 95 5.53 -1.20 1.33
CA LEU A 95 4.09 -1.18 1.02
C LEU A 95 3.85 -0.18 -0.12
N ASN A 96 2.77 -0.37 -0.89
CA ASN A 96 2.21 0.61 -1.82
C ASN A 96 0.70 0.53 -1.74
N VAL A 97 -0.02 1.52 -2.27
CA VAL A 97 -1.46 1.66 -2.21
C VAL A 97 -1.97 1.52 -3.66
N ARG A 98 -3.17 0.97 -3.88
CA ARG A 98 -3.85 0.97 -5.18
C ARG A 98 -5.35 1.25 -5.03
N VAL A 99 -5.85 2.31 -5.67
CA VAL A 99 -7.26 2.64 -5.78
C VAL A 99 -7.90 1.59 -6.70
N VAL A 100 -9.07 1.10 -6.31
CA VAL A 100 -9.87 0.16 -7.06
C VAL A 100 -11.31 0.63 -6.95
N ASN A 101 -12.04 0.47 -8.03
CA ASN A 101 -13.40 0.93 -8.24
C ASN A 101 -14.20 -0.26 -8.79
N GLY A 102 -15.46 -0.04 -9.19
CA GLY A 102 -16.31 -1.13 -9.65
C GLY A 102 -15.82 -1.73 -10.97
N LYS A 103 -15.33 -0.89 -11.88
CA LYS A 103 -14.76 -1.34 -13.14
C LYS A 103 -13.46 -2.14 -12.93
N GLY A 104 -12.63 -1.76 -11.96
CA GLY A 104 -11.33 -2.37 -11.75
C GLY A 104 -10.33 -1.38 -11.16
N GLU A 105 -9.06 -1.46 -11.57
CA GLU A 105 -7.95 -0.80 -10.90
C GLU A 105 -7.21 0.19 -11.81
N GLY A 106 -6.26 0.92 -11.24
CA GLY A 106 -5.35 1.83 -11.95
C GLY A 106 -3.92 1.74 -11.39
N PRO A 107 -3.05 2.75 -11.68
CA PRO A 107 -1.65 2.74 -11.26
C PRO A 107 -1.51 2.79 -9.76
N ALA A 108 -0.48 2.11 -9.26
CA ALA A 108 -0.10 2.12 -7.86
C ALA A 108 0.43 3.50 -7.45
N SER A 109 0.37 3.78 -6.15
CA SER A 109 1.16 4.85 -5.57
C SER A 109 2.66 4.58 -5.76
N PRO A 110 3.53 5.53 -5.37
CA PRO A 110 4.89 5.17 -5.00
C PRO A 110 4.89 4.04 -3.97
N ASP A 111 5.93 3.21 -4.05
CA ASP A 111 6.29 2.29 -2.98
C ASP A 111 6.80 3.17 -1.83
N ARG A 112 6.52 2.78 -0.59
CA ARG A 112 7.05 3.37 0.64
C ARG A 112 7.60 2.25 1.52
N VAL A 113 8.26 2.65 2.58
CA VAL A 113 8.90 1.77 3.53
C VAL A 113 8.54 2.24 4.93
N PHE A 114 8.78 1.33 5.87
CA PHE A 114 8.94 1.60 7.29
C PHE A 114 9.82 0.48 7.86
N ASN A 115 10.61 0.79 8.89
CA ASN A 115 11.16 -0.18 9.84
C ASN A 115 10.13 -0.37 10.94
N THR A 116 10.30 -1.38 11.77
CA THR A 116 9.60 -1.46 13.05
C THR A 116 10.65 -1.44 14.19
N PRO A 117 10.25 -1.14 15.45
CA PRO A 117 11.17 -0.59 16.44
C PRO A 117 12.12 -1.64 17.05
N GLU A 118 11.69 -2.40 18.06
CA GLU A 118 12.49 -3.43 18.72
C GLU A 118 11.61 -4.62 19.09
N GLY A 119 10.51 -4.36 19.80
CA GLY A 119 9.58 -5.40 20.23
C GLY A 119 8.99 -5.12 21.60
N SER A 120 8.53 -6.19 22.22
CA SER A 120 8.15 -6.33 23.62
C SER A 120 8.42 -7.81 23.97
N GLY A 121 8.20 -8.22 25.22
CA GLY A 121 8.25 -9.63 25.59
C GLY A 121 8.68 -9.78 27.05
N PRO A 122 9.90 -10.25 27.34
CA PRO A 122 10.33 -10.56 28.71
C PRO A 122 10.56 -9.27 29.50
N SER A 123 9.50 -8.76 30.12
CA SER A 123 9.48 -7.53 30.91
C SER A 123 8.29 -7.60 31.87
N SER A 124 8.04 -6.53 32.62
CA SER A 124 6.80 -6.25 33.33
C SER A 124 6.60 -4.74 33.38
N GLY A 125 5.41 -4.30 33.84
CA GLY A 125 5.21 -2.93 34.27
C GLY A 125 6.04 -2.70 35.51
N GLY A 1 2.35 23.78 -24.20
CA GLY A 1 1.80 22.44 -24.02
C GLY A 1 2.62 21.41 -24.77
N SER A 2 2.75 20.23 -24.20
CA SER A 2 3.22 19.00 -24.82
C SER A 2 2.07 18.32 -25.58
N SER A 3 2.23 17.08 -26.02
CA SER A 3 1.12 16.15 -26.10
C SER A 3 1.65 14.72 -25.90
N GLY A 4 0.75 13.73 -25.81
CA GLY A 4 1.11 12.33 -25.70
C GLY A 4 0.21 11.53 -26.65
N SER A 5 0.73 11.19 -27.82
CA SER A 5 0.03 10.49 -28.90
C SER A 5 -0.25 9.01 -28.58
N SER A 6 -0.02 8.58 -27.33
CA SER A 6 -0.48 7.31 -26.77
C SER A 6 -2.01 7.23 -26.95
N GLY A 7 -2.73 7.98 -26.13
CA GLY A 7 -4.17 7.86 -25.95
C GLY A 7 -4.45 6.83 -24.87
N HIS A 8 -5.43 7.09 -24.02
CA HIS A 8 -6.04 6.13 -23.10
C HIS A 8 -7.56 6.22 -23.28
N SER A 9 -8.31 5.52 -22.45
CA SER A 9 -9.74 5.70 -22.29
C SER A 9 -10.04 5.60 -20.79
N GLY A 10 -11.32 5.62 -20.40
CA GLY A 10 -11.72 5.53 -19.01
C GLY A 10 -13.19 5.82 -18.89
N GLU A 11 -13.97 4.88 -18.34
CA GLU A 11 -15.39 5.07 -18.06
C GLU A 11 -15.79 4.49 -16.70
N ASP A 12 -14.97 3.61 -16.09
CA ASP A 12 -15.13 3.19 -14.70
C ASP A 12 -13.80 2.81 -14.06
N LEU A 13 -12.74 2.54 -14.85
CA LEU A 13 -11.40 2.27 -14.32
C LEU A 13 -10.73 3.58 -13.87
N PRO A 14 -9.84 3.54 -12.86
CA PRO A 14 -9.12 4.72 -12.40
C PRO A 14 -8.13 5.30 -13.41
N MET A 15 -7.61 6.49 -13.09
CA MET A 15 -6.66 7.27 -13.86
C MET A 15 -5.40 7.56 -13.04
N VAL A 16 -5.52 7.86 -11.75
CA VAL A 16 -4.37 8.25 -10.92
C VAL A 16 -4.39 7.57 -9.55
N ALA A 17 -3.18 7.36 -9.03
CA ALA A 17 -2.85 6.85 -7.73
C ALA A 17 -2.89 7.98 -6.69
N PRO A 18 -2.84 7.66 -5.38
CA PRO A 18 -2.74 8.70 -4.35
C PRO A 18 -1.43 9.50 -4.39
N GLY A 19 -1.43 10.61 -3.65
CA GLY A 19 -0.29 11.49 -3.41
C GLY A 19 0.82 10.83 -2.58
N ASN A 20 1.72 11.63 -2.01
CA ASN A 20 2.82 11.17 -1.16
C ASN A 20 2.24 10.41 0.03
N VAL A 21 2.41 9.10 -0.03
CA VAL A 21 2.05 8.18 1.03
C VAL A 21 3.01 8.43 2.20
N ARG A 22 2.46 8.35 3.42
CA ARG A 22 3.17 8.44 4.69
C ARG A 22 2.83 7.17 5.43
N VAL A 23 3.68 6.68 6.32
CA VAL A 23 3.34 5.60 7.21
C VAL A 23 4.08 5.87 8.51
N ASN A 24 3.37 5.75 9.63
CA ASN A 24 3.91 5.89 10.98
C ASN A 24 3.60 4.65 11.78
N VAL A 25 4.61 4.07 12.41
CA VAL A 25 4.47 2.85 13.12
C VAL A 25 4.06 3.12 14.56
N VAL A 26 2.86 2.65 14.87
CA VAL A 26 2.16 2.97 16.09
C VAL A 26 2.72 2.13 17.23
N ASN A 27 3.11 0.90 16.94
CA ASN A 27 3.68 -0.03 17.90
C ASN A 27 4.52 -1.06 17.18
N SER A 28 5.01 -2.07 17.89
CA SER A 28 5.98 -3.03 17.37
C SER A 28 5.41 -3.94 16.28
N THR A 29 4.10 -4.04 16.18
CA THR A 29 3.38 -4.98 15.32
C THR A 29 2.35 -4.27 14.45
N LEU A 30 2.33 -2.93 14.49
CA LEU A 30 1.29 -2.10 13.90
C LEU A 30 1.90 -0.84 13.30
N ALA A 31 1.36 -0.41 12.17
CA ALA A 31 1.65 0.90 11.61
C ALA A 31 0.36 1.49 11.10
N GLU A 32 0.33 2.81 10.88
CA GLU A 32 -0.76 3.52 10.27
C GLU A 32 -0.17 4.11 9.00
N VAL A 33 -0.75 3.76 7.87
CA VAL A 33 -0.39 4.26 6.55
C VAL A 33 -1.38 5.36 6.23
N HIS A 34 -0.92 6.41 5.54
CA HIS A 34 -1.68 7.60 5.19
C HIS A 34 -1.43 7.89 3.71
N TRP A 35 -2.45 8.40 3.02
CA TRP A 35 -2.38 8.79 1.63
C TRP A 35 -3.33 9.96 1.40
N ASP A 36 -3.31 10.57 0.22
CA ASP A 36 -4.18 11.70 -0.10
C ASP A 36 -5.50 11.20 -0.68
N PRO A 37 -6.63 11.86 -0.37
CA PRO A 37 -7.91 11.60 -1.01
C PRO A 37 -7.85 12.07 -2.47
N VAL A 38 -7.88 11.14 -3.42
CA VAL A 38 -7.90 11.48 -4.83
C VAL A 38 -9.34 11.80 -5.29
N PRO A 39 -9.51 12.53 -6.40
CA PRO A 39 -10.81 13.01 -6.87
C PRO A 39 -11.59 11.93 -7.62
N LEU A 40 -12.92 11.98 -7.56
CA LEU A 40 -13.81 11.11 -8.26
C LEU A 40 -13.55 11.19 -9.76
N LYS A 41 -13.22 12.37 -10.29
CA LYS A 41 -12.88 12.51 -11.70
C LYS A 41 -11.68 11.67 -12.15
N SER A 42 -10.74 11.31 -11.28
CA SER A 42 -9.69 10.36 -11.64
C SER A 42 -10.07 8.92 -11.27
N ILE A 43 -11.01 8.70 -10.35
CA ILE A 43 -11.62 7.38 -10.15
C ILE A 43 -12.37 7.02 -11.45
N ARG A 44 -13.06 7.98 -12.10
CA ARG A 44 -13.98 7.83 -13.25
C ARG A 44 -15.14 6.87 -13.04
N GLY A 45 -15.22 6.19 -11.90
CA GLY A 45 -16.20 5.19 -11.58
C GLY A 45 -16.50 5.22 -10.09
N HIS A 46 -17.18 4.19 -9.59
CA HIS A 46 -17.46 4.08 -8.17
C HIS A 46 -16.31 3.38 -7.47
N LEU A 47 -15.54 4.16 -6.69
CA LEU A 47 -14.48 3.68 -5.80
C LEU A 47 -15.05 2.54 -4.98
N GLN A 48 -14.32 1.45 -4.94
CA GLN A 48 -14.51 0.36 -4.00
C GLN A 48 -13.75 0.76 -2.74
N GLY A 49 -12.42 0.92 -2.88
CA GLY A 49 -11.54 1.26 -1.80
C GLY A 49 -10.15 1.49 -2.33
N TYR A 50 -9.20 1.51 -1.40
CA TYR A 50 -7.78 1.50 -1.72
C TYR A 50 -7.30 0.06 -1.55
N ARG A 51 -6.16 -0.28 -2.16
CA ARG A 51 -5.57 -1.61 -2.03
C ARG A 51 -4.07 -1.47 -1.77
N ILE A 52 -3.68 -1.58 -0.51
CA ILE A 52 -2.31 -1.68 -0.06
C ILE A 52 -1.84 -3.11 -0.32
N TYR A 53 -0.81 -3.26 -1.15
CA TYR A 53 0.06 -4.45 -1.25
C TYR A 53 1.22 -4.18 -0.28
N TYR A 54 1.84 -5.18 0.34
CA TYR A 54 3.07 -5.06 1.10
C TYR A 54 3.86 -6.38 1.15
N TRP A 55 5.13 -6.38 1.52
CA TRP A 55 5.94 -7.58 1.78
C TRP A 55 6.98 -7.32 2.88
N LYS A 56 7.47 -8.40 3.50
CA LYS A 56 8.59 -8.37 4.43
C LYS A 56 9.83 -8.03 3.62
N THR A 57 10.71 -7.18 4.14
CA THR A 57 11.95 -6.80 3.51
C THR A 57 13.07 -7.23 4.45
N GLN A 58 14.19 -7.75 3.92
CA GLN A 58 15.33 -8.17 4.73
C GLN A 58 16.61 -7.90 3.92
N SER A 59 17.22 -6.75 4.15
CA SER A 59 18.48 -6.29 3.54
C SER A 59 19.69 -7.19 3.84
N SER A 60 19.55 -8.09 4.80
CA SER A 60 20.60 -8.90 5.38
C SER A 60 21.14 -9.96 4.40
N SER A 61 22.10 -10.76 4.86
CA SER A 61 22.70 -11.87 4.13
C SER A 61 21.62 -12.78 3.57
N LYS A 62 21.68 -13.07 2.27
CA LYS A 62 20.62 -13.76 1.53
C LYS A 62 20.63 -15.26 1.80
N ARG A 63 20.26 -15.69 3.00
CA ARG A 63 20.14 -17.09 3.43
C ARG A 63 18.73 -17.31 4.01
N ASN A 64 18.44 -18.54 4.43
CA ASN A 64 17.22 -19.04 5.11
C ASN A 64 15.97 -18.19 4.83
N ARG A 65 15.39 -18.34 3.64
CA ARG A 65 14.28 -17.51 3.16
C ARG A 65 13.56 -18.29 2.06
N ARG A 66 12.23 -18.45 2.12
CA ARG A 66 11.48 -19.18 1.09
C ARG A 66 10.69 -18.19 0.27
N HIS A 67 11.24 -17.79 -0.89
CA HIS A 67 10.70 -16.78 -1.79
C HIS A 67 10.33 -15.52 -0.98
N ILE A 68 9.39 -14.72 -1.49
CA ILE A 68 8.89 -13.53 -0.84
C ILE A 68 7.37 -13.67 -0.87
N GLU A 69 6.75 -13.60 0.30
CA GLU A 69 5.32 -13.44 0.42
C GLU A 69 5.00 -11.97 0.14
N LYS A 70 4.15 -11.72 -0.85
CA LYS A 70 3.57 -10.41 -1.12
C LYS A 70 2.16 -10.46 -0.56
N LYS A 71 1.95 -9.81 0.58
CA LYS A 71 0.71 -9.73 1.34
C LYS A 71 -0.13 -8.56 0.82
N ILE A 72 -1.36 -8.45 1.30
CA ILE A 72 -2.33 -7.37 0.99
C ILE A 72 -3.08 -7.06 2.30
N LEU A 73 -3.73 -5.89 2.38
CA LEU A 73 -4.53 -5.46 3.55
C LEU A 73 -5.58 -4.45 3.11
N THR A 74 -6.84 -4.86 3.11
CA THR A 74 -7.94 -4.19 2.41
C THR A 74 -8.49 -3.01 3.25
N PHE A 75 -8.73 -1.86 2.60
CA PHE A 75 -9.35 -0.69 3.21
C PHE A 75 -10.37 -0.13 2.22
N GLN A 76 -11.63 -0.48 2.40
CA GLN A 76 -12.74 0.03 1.61
C GLN A 76 -13.11 1.46 2.05
N GLY A 77 -14.00 2.09 1.31
CA GLY A 77 -14.47 3.45 1.58
C GLY A 77 -13.47 4.50 1.11
N SER A 78 -13.85 5.77 1.23
CA SER A 78 -13.09 6.93 0.80
C SER A 78 -12.03 7.37 1.82
N LYS A 79 -11.55 6.44 2.63
CA LYS A 79 -10.54 6.70 3.65
C LYS A 79 -9.25 7.23 3.06
N THR A 80 -8.44 7.77 3.96
CA THR A 80 -7.20 8.46 3.69
C THR A 80 -6.05 7.88 4.53
N HIS A 81 -6.35 6.88 5.36
CA HIS A 81 -5.38 6.12 6.13
C HIS A 81 -5.94 4.72 6.37
N GLY A 82 -5.06 3.80 6.75
CA GLY A 82 -5.30 2.38 6.97
C GLY A 82 -4.21 1.86 7.89
N MET A 83 -4.31 0.61 8.35
CA MET A 83 -3.41 0.06 9.35
C MET A 83 -2.59 -1.07 8.75
N LEU A 84 -1.45 -1.41 9.36
CA LEU A 84 -0.68 -2.59 9.05
C LEU A 84 -0.55 -3.43 10.32
N PRO A 85 -1.59 -4.18 10.74
CA PRO A 85 -1.50 -5.19 11.80
C PRO A 85 -1.04 -6.53 11.23
N GLY A 86 -0.32 -7.32 12.03
CA GLY A 86 0.17 -8.63 11.65
C GLY A 86 1.63 -8.59 11.20
N LEU A 87 2.40 -7.62 11.68
CA LEU A 87 3.76 -7.32 11.29
C LEU A 87 4.69 -7.72 12.44
N GLU A 88 5.99 -7.68 12.19
CA GLU A 88 7.02 -8.07 13.16
C GLU A 88 7.88 -6.86 13.54
N PRO A 89 8.33 -6.76 14.80
CA PRO A 89 9.23 -5.72 15.26
C PRO A 89 10.65 -5.85 14.70
N PHE A 90 11.45 -4.80 14.90
CA PHE A 90 12.83 -4.61 14.44
C PHE A 90 13.04 -5.23 13.04
N SER A 91 12.17 -4.88 12.11
CA SER A 91 12.15 -5.37 10.74
C SER A 91 12.06 -4.17 9.80
N HIS A 92 12.03 -4.46 8.50
CA HIS A 92 11.82 -3.52 7.41
C HIS A 92 10.73 -4.16 6.56
N TYR A 93 9.83 -3.36 5.99
CA TYR A 93 8.79 -3.84 5.08
C TYR A 93 8.71 -2.89 3.89
N THR A 94 7.98 -3.28 2.84
CA THR A 94 7.62 -2.38 1.76
C THR A 94 6.11 -2.48 1.61
N LEU A 95 5.40 -1.38 1.32
CA LEU A 95 3.99 -1.35 0.95
C LEU A 95 3.77 -0.38 -0.22
N ASN A 96 2.72 -0.61 -1.00
CA ASN A 96 2.29 0.27 -2.09
C ASN A 96 0.78 0.30 -2.15
N VAL A 97 0.21 1.51 -2.18
CA VAL A 97 -1.23 1.77 -2.19
C VAL A 97 -1.66 1.76 -3.66
N ARG A 98 -2.95 1.63 -3.90
CA ARG A 98 -3.59 1.63 -5.21
C ARG A 98 -5.01 2.13 -4.97
N VAL A 99 -5.69 2.59 -6.01
CA VAL A 99 -7.13 2.84 -5.93
C VAL A 99 -7.81 1.72 -6.73
N VAL A 100 -9.00 1.30 -6.31
CA VAL A 100 -9.75 0.18 -6.87
C VAL A 100 -11.20 0.61 -6.97
N ASN A 101 -11.88 0.23 -8.07
CA ASN A 101 -13.26 0.59 -8.32
C ASN A 101 -14.04 -0.61 -8.79
N GLY A 102 -15.34 -0.38 -9.03
CA GLY A 102 -16.31 -1.42 -9.40
C GLY A 102 -15.83 -2.25 -10.59
N LYS A 103 -15.21 -1.61 -11.60
CA LYS A 103 -14.65 -2.34 -12.72
C LYS A 103 -13.36 -3.09 -12.33
N GLY A 104 -12.40 -2.41 -11.71
CA GLY A 104 -11.04 -2.90 -11.61
C GLY A 104 -10.12 -1.86 -11.00
N GLU A 105 -8.82 -2.11 -11.10
CA GLU A 105 -7.76 -1.31 -10.51
C GLU A 105 -7.22 -0.28 -11.51
N GLY A 106 -6.39 0.63 -11.02
CA GLY A 106 -5.57 1.53 -11.82
C GLY A 106 -4.16 1.58 -11.22
N PRO A 107 -3.41 2.66 -11.44
CA PRO A 107 -2.01 2.75 -11.04
C PRO A 107 -1.82 2.67 -9.53
N ALA A 108 -0.64 2.16 -9.17
CA ALA A 108 -0.14 2.13 -7.81
C ALA A 108 0.48 3.48 -7.46
N SER A 109 0.51 3.78 -6.16
CA SER A 109 1.25 4.90 -5.58
C SER A 109 2.76 4.66 -5.74
N PRO A 110 3.60 5.62 -5.35
CA PRO A 110 4.96 5.29 -4.95
C PRO A 110 4.95 4.20 -3.87
N ASP A 111 5.92 3.30 -3.92
CA ASP A 111 6.19 2.33 -2.86
C ASP A 111 6.69 3.14 -1.65
N ARG A 112 6.54 2.61 -0.44
CA ARG A 112 7.03 3.22 0.78
C ARG A 112 7.68 2.16 1.63
N VAL A 113 8.42 2.65 2.62
CA VAL A 113 9.16 1.85 3.58
C VAL A 113 8.76 2.34 4.97
N PHE A 114 8.81 1.48 5.98
CA PHE A 114 8.66 1.80 7.39
C PHE A 114 9.36 0.70 8.19
N ASN A 115 10.29 1.06 9.08
CA ASN A 115 10.91 0.12 10.00
C ASN A 115 10.06 0.05 11.26
N THR A 116 10.01 -1.12 11.89
CA THR A 116 9.38 -1.27 13.20
C THR A 116 10.41 -0.99 14.32
N PRO A 117 9.96 -0.60 15.53
CA PRO A 117 10.81 -0.03 16.58
C PRO A 117 11.87 -1.02 17.06
N GLU A 118 11.51 -1.94 17.96
CA GLU A 118 12.40 -2.99 18.44
C GLU A 118 11.65 -4.22 18.98
N GLY A 119 10.44 -3.99 19.48
CA GLY A 119 9.60 -4.99 20.11
C GLY A 119 10.01 -5.25 21.55
N SER A 120 9.18 -6.01 22.25
CA SER A 120 9.39 -6.49 23.60
C SER A 120 8.40 -7.62 23.90
N GLY A 121 8.44 -8.15 25.12
CA GLY A 121 7.45 -9.06 25.65
C GLY A 121 7.84 -9.41 27.08
N PRO A 122 8.47 -10.56 27.34
CA PRO A 122 8.90 -10.98 28.66
C PRO A 122 9.99 -10.06 29.22
N SER A 123 9.59 -9.03 29.96
CA SER A 123 10.46 -8.28 30.87
C SER A 123 10.13 -8.71 32.30
N SER A 124 10.95 -8.31 33.27
CA SER A 124 10.62 -8.42 34.68
C SER A 124 11.24 -7.22 35.39
N GLY A 125 10.76 -6.93 36.59
CA GLY A 125 10.64 -5.54 37.03
C GLY A 125 9.40 -4.95 36.36
N GLY A 1 10.11 15.59 -12.99
CA GLY A 1 11.28 15.52 -13.89
C GLY A 1 10.83 15.84 -15.30
N SER A 2 11.18 14.99 -16.28
CA SER A 2 10.90 15.20 -17.70
C SER A 2 10.43 13.91 -18.38
N SER A 3 9.13 13.61 -18.32
CA SER A 3 8.47 12.60 -19.13
C SER A 3 7.47 13.29 -20.06
N GLY A 4 7.29 12.73 -21.26
CA GLY A 4 6.11 12.98 -22.08
C GLY A 4 5.31 11.69 -22.10
N SER A 5 5.49 10.88 -23.14
CA SER A 5 4.93 9.55 -23.34
C SER A 5 3.40 9.53 -23.51
N SER A 6 2.63 10.12 -22.60
CA SER A 6 1.18 10.19 -22.63
C SER A 6 0.49 8.82 -22.70
N GLY A 7 -0.83 8.83 -22.83
CA GLY A 7 -1.74 7.71 -22.71
C GLY A 7 -3.00 8.26 -22.07
N HIS A 8 -3.14 8.07 -20.75
CA HIS A 8 -4.21 8.62 -19.91
C HIS A 8 -5.59 8.42 -20.58
N SER A 9 -6.00 7.15 -20.66
CA SER A 9 -7.26 6.70 -21.24
C SER A 9 -7.99 5.82 -20.22
N GLY A 10 -9.24 5.48 -20.48
CA GLY A 10 -10.10 4.72 -19.59
C GLY A 10 -11.53 5.21 -19.73
N GLU A 11 -12.50 4.33 -19.52
CA GLU A 11 -13.93 4.60 -19.54
C GLU A 11 -14.45 4.53 -18.12
N ASP A 12 -14.14 3.45 -17.40
CA ASP A 12 -14.61 3.28 -16.02
C ASP A 12 -13.53 2.63 -15.13
N LEU A 13 -12.30 2.42 -15.61
CA LEU A 13 -11.14 2.13 -14.76
C LEU A 13 -10.55 3.40 -14.14
N PRO A 14 -9.83 3.28 -13.01
CA PRO A 14 -9.12 4.42 -12.42
C PRO A 14 -7.87 4.77 -13.22
N MET A 15 -7.62 6.07 -13.38
CA MET A 15 -6.58 6.63 -14.23
C MET A 15 -5.27 6.87 -13.49
N VAL A 16 -5.31 7.32 -12.23
CA VAL A 16 -4.10 7.61 -11.46
C VAL A 16 -4.22 7.01 -10.05
N ALA A 17 -3.16 7.12 -9.27
CA ALA A 17 -2.97 6.61 -7.93
C ALA A 17 -2.73 7.80 -6.99
N PRO A 18 -2.88 7.60 -5.67
CA PRO A 18 -2.71 8.65 -4.69
C PRO A 18 -1.26 9.12 -4.63
N GLY A 19 -1.11 10.31 -4.06
CA GLY A 19 0.09 11.12 -4.03
C GLY A 19 1.19 10.58 -3.13
N ASN A 20 1.97 11.46 -2.53
CA ASN A 20 3.10 11.16 -1.67
C ASN A 20 2.57 10.55 -0.37
N VAL A 21 2.49 9.22 -0.33
CA VAL A 21 2.05 8.44 0.83
C VAL A 21 3.05 8.68 1.97
N ARG A 22 2.61 8.49 3.21
CA ARG A 22 3.45 8.46 4.42
C ARG A 22 3.01 7.24 5.21
N VAL A 23 3.82 6.81 6.17
CA VAL A 23 3.50 5.73 7.08
C VAL A 23 4.15 6.07 8.42
N ASN A 24 3.45 5.71 9.49
CA ASN A 24 3.76 5.95 10.89
C ASN A 24 3.80 4.60 11.60
N VAL A 25 4.79 4.38 12.45
CA VAL A 25 4.91 3.15 13.23
C VAL A 25 4.23 3.39 14.56
N VAL A 26 3.02 2.86 14.66
CA VAL A 26 2.14 2.96 15.81
C VAL A 26 2.69 2.10 16.94
N ASN A 27 2.83 0.80 16.68
CA ASN A 27 3.24 -0.21 17.64
C ASN A 27 4.37 -1.10 17.08
N SER A 28 4.77 -2.16 17.79
CA SER A 28 5.73 -3.12 17.24
C SER A 28 5.21 -3.85 16.00
N THR A 29 3.94 -4.22 16.00
CA THR A 29 3.35 -5.11 14.99
C THR A 29 2.08 -4.51 14.40
N LEU A 30 1.86 -3.22 14.68
CA LEU A 30 0.86 -2.41 14.06
C LEU A 30 1.65 -1.29 13.45
N ALA A 31 1.39 -0.97 12.20
CA ALA A 31 1.87 0.21 11.51
C ALA A 31 0.63 0.92 10.96
N GLU A 32 0.74 2.17 10.54
CA GLU A 32 -0.35 2.93 9.97
C GLU A 32 0.19 3.64 8.73
N VAL A 33 -0.59 3.70 7.65
CA VAL A 33 -0.21 4.24 6.36
C VAL A 33 -1.24 5.31 6.02
N HIS A 34 -0.80 6.40 5.40
CA HIS A 34 -1.60 7.58 5.15
C HIS A 34 -1.35 8.05 3.72
N TRP A 35 -2.39 8.14 2.91
CA TRP A 35 -2.36 8.53 1.52
C TRP A 35 -3.29 9.70 1.27
N ASP A 36 -3.38 10.14 0.02
CA ASP A 36 -4.09 11.35 -0.38
C ASP A 36 -5.40 10.95 -1.11
N PRO A 37 -6.53 11.59 -0.80
CA PRO A 37 -7.81 11.30 -1.43
C PRO A 37 -7.85 11.87 -2.84
N VAL A 38 -7.63 11.00 -3.83
CA VAL A 38 -7.56 11.41 -5.22
C VAL A 38 -8.91 11.93 -5.74
N PRO A 39 -8.92 12.66 -6.87
CA PRO A 39 -10.13 13.20 -7.46
C PRO A 39 -11.09 12.07 -7.85
N LEU A 40 -12.40 12.34 -7.81
CA LEU A 40 -13.38 11.44 -8.40
C LEU A 40 -13.16 11.37 -9.91
N LYS A 41 -12.56 12.40 -10.52
CA LYS A 41 -12.17 12.38 -11.92
C LYS A 41 -11.24 11.24 -12.25
N SER A 42 -10.15 11.06 -11.51
CA SER A 42 -9.22 9.97 -11.79
C SER A 42 -9.89 8.63 -11.54
N ILE A 43 -10.77 8.54 -10.54
CA ILE A 43 -11.54 7.34 -10.23
C ILE A 43 -12.53 7.03 -11.37
N ARG A 44 -12.92 8.02 -12.16
CA ARG A 44 -13.93 8.03 -13.22
C ARG A 44 -15.35 7.67 -12.81
N GLY A 45 -15.59 7.14 -11.63
CA GLY A 45 -16.93 6.83 -11.15
C GLY A 45 -16.97 6.80 -9.62
N HIS A 46 -16.81 5.61 -9.04
CA HIS A 46 -16.98 5.36 -7.60
C HIS A 46 -15.71 4.70 -7.05
N LEU A 47 -15.21 5.16 -5.92
CA LEU A 47 -14.16 4.48 -5.17
C LEU A 47 -14.79 3.23 -4.56
N GLN A 48 -14.30 2.04 -4.93
CA GLN A 48 -14.59 0.83 -4.18
C GLN A 48 -13.87 0.89 -2.84
N GLY A 49 -12.57 1.18 -2.87
CA GLY A 49 -11.74 1.25 -1.69
C GLY A 49 -10.28 1.29 -2.11
N TYR A 50 -9.40 1.23 -1.14
CA TYR A 50 -7.95 1.27 -1.35
C TYR A 50 -7.35 -0.09 -0.97
N ARG A 51 -6.57 -0.71 -1.87
CA ARG A 51 -5.91 -2.00 -1.62
C ARG A 51 -4.46 -1.65 -1.34
N ILE A 52 -3.95 -1.97 -0.16
CA ILE A 52 -2.53 -1.82 0.11
C ILE A 52 -1.90 -3.17 -0.20
N TYR A 53 -0.87 -3.19 -1.03
CA TYR A 53 0.08 -4.30 -1.09
C TYR A 53 1.23 -3.98 -0.13
N TYR A 54 1.92 -4.99 0.38
CA TYR A 54 3.15 -4.84 1.15
C TYR A 54 3.95 -6.14 1.15
N TRP A 55 5.22 -6.08 1.53
CA TRP A 55 6.04 -7.25 1.81
C TRP A 55 7.08 -6.96 2.90
N LYS A 56 7.59 -8.03 3.51
CA LYS A 56 8.72 -8.01 4.46
C LYS A 56 9.97 -7.67 3.68
N THR A 57 10.84 -6.83 4.22
CA THR A 57 12.11 -6.42 3.64
C THR A 57 13.15 -6.52 4.78
N GLN A 58 14.46 -6.44 4.49
CA GLN A 58 15.54 -6.63 5.46
C GLN A 58 15.30 -7.90 6.30
N SER A 59 15.47 -9.06 5.65
CA SER A 59 15.26 -10.35 6.28
C SER A 59 16.23 -10.61 7.44
N SER A 60 16.00 -11.70 8.17
CA SER A 60 17.05 -12.38 8.91
C SER A 60 18.24 -12.62 7.95
N SER A 61 19.46 -12.63 8.47
CA SER A 61 20.66 -12.83 7.68
C SER A 61 20.73 -14.25 7.12
N LYS A 62 21.59 -14.49 6.13
CA LYS A 62 21.76 -15.76 5.44
C LYS A 62 20.43 -16.37 5.00
N ARG A 63 19.52 -15.53 4.51
CA ARG A 63 18.25 -15.98 3.94
C ARG A 63 18.28 -15.96 2.42
N ASN A 64 17.38 -16.72 1.84
CA ASN A 64 17.07 -16.78 0.43
C ASN A 64 15.58 -17.06 0.28
N ARG A 65 14.99 -16.59 -0.81
CA ARG A 65 13.71 -17.04 -1.31
C ARG A 65 13.76 -16.99 -2.83
N ARG A 66 12.65 -17.33 -3.48
CA ARG A 66 12.53 -17.38 -4.93
C ARG A 66 11.40 -16.45 -5.34
N HIS A 67 10.18 -16.69 -4.89
CA HIS A 67 9.07 -15.74 -5.01
C HIS A 67 9.00 -14.87 -3.73
N ILE A 68 8.05 -13.94 -3.68
CA ILE A 68 7.77 -13.08 -2.52
C ILE A 68 6.27 -13.18 -2.23
N GLU A 69 5.95 -13.44 -0.97
CA GLU A 69 4.64 -13.34 -0.33
C GLU A 69 4.21 -11.87 -0.19
N LYS A 70 4.10 -11.22 -1.33
CA LYS A 70 3.51 -9.89 -1.50
C LYS A 70 2.07 -9.93 -0.97
N LYS A 71 1.93 -9.45 0.25
CA LYS A 71 0.76 -9.48 1.10
C LYS A 71 -0.16 -8.33 0.73
N ILE A 72 -1.41 -8.37 1.19
CA ILE A 72 -2.45 -7.42 0.81
C ILE A 72 -3.21 -7.01 2.07
N LEU A 73 -3.79 -5.82 2.07
CA LEU A 73 -4.78 -5.31 3.00
C LEU A 73 -5.89 -4.63 2.23
N THR A 74 -7.08 -4.61 2.81
CA THR A 74 -8.32 -4.18 2.19
C THR A 74 -8.98 -3.13 3.06
N PHE A 75 -8.88 -1.87 2.63
CA PHE A 75 -9.55 -0.73 3.25
C PHE A 75 -10.70 -0.38 2.34
N GLN A 76 -11.91 -0.84 2.67
CA GLN A 76 -13.09 -0.32 2.01
C GLN A 76 -13.37 1.08 2.54
N GLY A 77 -14.28 1.77 1.88
CA GLY A 77 -14.73 3.10 2.23
C GLY A 77 -13.75 4.15 1.76
N SER A 78 -14.06 5.41 2.04
CA SER A 78 -13.35 6.57 1.51
C SER A 78 -12.05 6.91 2.24
N LYS A 79 -11.71 6.16 3.31
CA LYS A 79 -10.64 6.54 4.22
C LYS A 79 -9.31 6.72 3.51
N THR A 80 -8.52 7.63 4.07
CA THR A 80 -7.24 8.07 3.56
C THR A 80 -6.07 7.54 4.41
N HIS A 81 -6.34 6.74 5.44
CA HIS A 81 -5.32 5.98 6.14
C HIS A 81 -5.86 4.59 6.47
N GLY A 82 -4.96 3.66 6.82
CA GLY A 82 -5.24 2.25 7.06
C GLY A 82 -4.07 1.64 7.83
N MET A 83 -4.26 0.48 8.48
CA MET A 83 -3.28 -0.05 9.41
C MET A 83 -2.74 -1.40 8.94
N LEU A 84 -1.51 -1.71 9.34
CA LEU A 84 -0.74 -2.91 9.02
C LEU A 84 -0.65 -3.74 10.30
N PRO A 85 -1.64 -4.58 10.63
CA PRO A 85 -1.54 -5.57 11.70
C PRO A 85 -0.86 -6.85 11.20
N GLY A 86 -0.35 -7.66 12.13
CA GLY A 86 0.25 -8.95 11.79
C GLY A 86 1.72 -8.84 11.38
N LEU A 87 2.32 -7.67 11.54
CA LEU A 87 3.70 -7.36 11.17
C LEU A 87 4.65 -7.90 12.25
N GLU A 88 5.95 -7.70 12.10
CA GLU A 88 6.93 -8.01 13.14
C GLU A 88 7.74 -6.76 13.50
N PRO A 89 8.21 -6.69 14.74
CA PRO A 89 9.12 -5.65 15.18
C PRO A 89 10.50 -5.77 14.49
N PHE A 90 11.35 -4.76 14.69
CA PHE A 90 12.75 -4.68 14.34
C PHE A 90 13.05 -5.15 12.90
N SER A 91 12.15 -4.88 11.96
CA SER A 91 12.20 -5.32 10.57
C SER A 91 11.91 -4.16 9.63
N HIS A 92 12.21 -4.30 8.34
CA HIS A 92 11.81 -3.32 7.32
C HIS A 92 10.58 -3.86 6.60
N TYR A 93 9.75 -2.97 6.08
CA TYR A 93 8.61 -3.33 5.26
C TYR A 93 8.51 -2.34 4.11
N THR A 94 7.96 -2.78 3.00
CA THR A 94 7.67 -1.97 1.83
C THR A 94 6.19 -2.17 1.49
N LEU A 95 5.43 -1.12 1.21
CA LEU A 95 3.97 -1.11 1.07
C LEU A 95 3.53 -0.05 0.05
N ASN A 96 2.37 -0.26 -0.60
CA ASN A 96 1.97 0.44 -1.82
C ASN A 96 0.45 0.48 -1.94
N VAL A 97 -0.14 1.67 -2.08
CA VAL A 97 -1.59 1.88 -2.13
C VAL A 97 -2.04 1.82 -3.60
N ARG A 98 -3.09 1.06 -3.93
CA ARG A 98 -3.73 1.03 -5.25
C ARG A 98 -5.23 1.31 -5.11
N VAL A 99 -5.77 2.22 -5.93
CA VAL A 99 -7.19 2.53 -5.90
C VAL A 99 -7.88 1.41 -6.67
N VAL A 100 -9.14 1.18 -6.34
CA VAL A 100 -10.01 0.25 -7.04
C VAL A 100 -11.34 0.95 -7.22
N ASN A 101 -12.02 0.65 -8.32
CA ASN A 101 -13.39 1.08 -8.58
C ASN A 101 -14.19 -0.11 -9.11
N GLY A 102 -15.43 0.13 -9.50
CA GLY A 102 -16.36 -0.92 -9.93
C GLY A 102 -15.94 -1.70 -11.16
N LYS A 103 -14.82 -1.36 -11.84
CA LYS A 103 -14.34 -2.03 -13.03
C LYS A 103 -12.98 -2.67 -12.81
N GLY A 104 -12.13 -2.10 -11.94
CA GLY A 104 -10.84 -2.72 -11.67
C GLY A 104 -9.91 -1.86 -10.84
N GLU A 105 -8.67 -2.33 -10.68
CA GLU A 105 -7.61 -1.64 -9.95
C GLU A 105 -6.88 -0.69 -10.91
N GLY A 106 -6.45 0.47 -10.38
CA GLY A 106 -5.66 1.46 -11.12
C GLY A 106 -4.15 1.19 -10.98
N PRO A 107 -3.29 2.13 -11.41
CA PRO A 107 -1.85 2.07 -11.15
C PRO A 107 -1.57 2.17 -9.65
N ALA A 108 -0.45 1.58 -9.24
CA ALA A 108 0.01 1.66 -7.88
C ALA A 108 0.61 3.04 -7.62
N SER A 109 0.34 3.60 -6.44
CA SER A 109 1.11 4.67 -5.82
C SER A 109 2.54 4.13 -5.52
N PRO A 110 3.50 4.96 -5.10
CA PRO A 110 4.91 4.58 -5.00
C PRO A 110 5.13 3.72 -3.77
N ASP A 111 6.18 2.90 -3.79
CA ASP A 111 6.44 1.97 -2.70
C ASP A 111 7.00 2.78 -1.54
N ARG A 112 6.24 2.94 -0.47
CA ARG A 112 6.72 3.52 0.77
C ARG A 112 7.44 2.44 1.57
N VAL A 113 8.10 2.85 2.65
CA VAL A 113 8.78 1.95 3.55
C VAL A 113 8.58 2.39 5.00
N PHE A 114 8.82 1.47 5.94
CA PHE A 114 8.94 1.73 7.37
C PHE A 114 9.84 0.67 7.99
N ASN A 115 10.37 0.95 9.18
CA ASN A 115 11.17 0.07 10.01
C ASN A 115 10.56 0.06 11.40
N THR A 116 10.32 -1.13 11.93
CA THR A 116 9.56 -1.31 13.16
C THR A 116 10.50 -1.21 14.39
N PRO A 117 9.95 -0.95 15.60
CA PRO A 117 10.73 -0.77 16.82
C PRO A 117 11.14 -2.14 17.36
N GLU A 118 12.00 -2.22 18.38
CA GLU A 118 12.64 -3.48 18.78
C GLU A 118 11.66 -4.60 19.16
N GLY A 119 10.50 -4.24 19.70
CA GLY A 119 9.45 -5.19 20.08
C GLY A 119 9.07 -5.03 21.54
N SER A 120 8.47 -6.06 22.11
CA SER A 120 8.39 -6.28 23.55
C SER A 120 8.16 -7.78 23.73
N GLY A 121 9.21 -8.53 24.09
CA GLY A 121 9.18 -9.99 24.13
C GLY A 121 9.05 -10.49 25.57
N PRO A 122 7.87 -10.91 26.03
CA PRO A 122 7.71 -11.56 27.33
C PRO A 122 8.34 -12.96 27.32
N SER A 123 7.97 -13.79 26.32
CA SER A 123 8.17 -15.24 26.33
C SER A 123 7.51 -15.92 27.55
N SER A 124 7.56 -17.24 27.56
CA SER A 124 7.18 -18.13 28.66
C SER A 124 7.99 -19.41 28.45
N GLY A 125 7.84 -19.99 27.26
CA GLY A 125 8.93 -20.58 26.52
C GLY A 125 9.00 -19.79 25.23
N GLY A 1 11.31 -1.29 -23.74
CA GLY A 1 9.86 -1.12 -23.96
C GLY A 1 9.44 -1.84 -25.25
N SER A 2 8.18 -2.27 -25.30
CA SER A 2 7.45 -2.89 -26.41
C SER A 2 6.15 -3.44 -25.85
N SER A 3 5.32 -3.99 -26.74
CA SER A 3 4.00 -4.57 -26.49
C SER A 3 2.98 -3.46 -26.19
N GLY A 4 1.73 -3.70 -26.57
CA GLY A 4 0.77 -2.64 -26.85
C GLY A 4 -0.31 -3.18 -27.78
N SER A 5 -1.04 -2.28 -28.44
CA SER A 5 -2.42 -2.46 -28.94
C SER A 5 -3.40 -2.54 -27.75
N SER A 6 -4.69 -2.36 -28.00
CA SER A 6 -5.83 -2.39 -27.07
C SER A 6 -7.09 -1.83 -27.78
N GLY A 7 -8.16 -1.59 -27.04
CA GLY A 7 -9.53 -1.43 -27.51
C GLY A 7 -10.40 -2.41 -26.73
N HIS A 8 -11.72 -2.32 -26.91
CA HIS A 8 -12.88 -2.83 -26.17
C HIS A 8 -13.80 -1.60 -26.05
N SER A 9 -14.89 -1.65 -25.31
CA SER A 9 -15.68 -0.48 -24.97
C SER A 9 -16.34 -0.69 -23.60
N GLY A 10 -16.98 0.35 -23.07
CA GLY A 10 -17.72 0.25 -21.80
C GLY A 10 -16.79 -0.15 -20.65
N GLU A 11 -15.71 0.60 -20.47
CA GLU A 11 -14.64 0.33 -19.52
C GLU A 11 -14.26 1.68 -18.89
N ASP A 12 -14.81 1.95 -17.72
CA ASP A 12 -14.73 3.28 -17.10
C ASP A 12 -13.33 3.54 -16.50
N LEU A 13 -12.84 2.57 -15.72
CA LEU A 13 -11.49 2.30 -15.15
C LEU A 13 -10.71 3.46 -14.50
N PRO A 14 -10.12 3.24 -13.30
CA PRO A 14 -9.41 4.29 -12.58
C PRO A 14 -8.09 4.63 -13.24
N MET A 15 -7.62 5.86 -12.99
CA MET A 15 -6.63 6.53 -13.81
C MET A 15 -5.29 6.75 -13.12
N VAL A 16 -5.26 6.98 -11.81
CA VAL A 16 -4.07 7.48 -11.11
C VAL A 16 -3.92 6.80 -9.74
N ALA A 17 -2.85 7.16 -9.02
CA ALA A 17 -2.40 6.59 -7.77
C ALA A 17 -2.39 7.67 -6.68
N PRO A 18 -2.68 7.31 -5.42
CA PRO A 18 -2.58 8.24 -4.31
C PRO A 18 -1.11 8.50 -4.01
N GLY A 19 -0.73 9.78 -4.00
CA GLY A 19 0.61 10.23 -3.70
C GLY A 19 0.80 10.51 -2.23
N ASN A 20 1.97 11.08 -1.94
CA ASN A 20 2.40 11.62 -0.66
C ASN A 20 1.95 10.70 0.48
N VAL A 21 2.41 9.45 0.39
CA VAL A 21 2.13 8.41 1.36
C VAL A 21 2.98 8.70 2.58
N ARG A 22 2.45 8.44 3.76
CA ARG A 22 3.14 8.72 5.03
C ARG A 22 2.69 7.74 6.09
N VAL A 23 3.51 6.74 6.33
CA VAL A 23 3.21 5.59 7.19
C VAL A 23 4.01 5.78 8.45
N ASN A 24 3.38 5.57 9.60
CA ASN A 24 3.95 5.74 10.93
C ASN A 24 3.80 4.44 11.73
N VAL A 25 4.85 4.00 12.43
CA VAL A 25 4.80 2.77 13.21
C VAL A 25 4.35 3.07 14.63
N VAL A 26 3.09 2.76 14.88
CA VAL A 26 2.36 2.98 16.13
C VAL A 26 2.89 2.09 17.24
N ASN A 27 2.88 0.77 17.00
CA ASN A 27 3.39 -0.26 17.89
C ASN A 27 4.37 -1.11 17.09
N SER A 28 5.06 -2.05 17.74
CA SER A 28 6.04 -2.88 17.05
C SER A 28 5.41 -3.72 15.94
N THR A 29 4.14 -4.11 16.07
CA THR A 29 3.44 -4.97 15.13
C THR A 29 2.19 -4.31 14.51
N LEU A 30 2.02 -3.00 14.71
CA LEU A 30 0.99 -2.19 14.14
C LEU A 30 1.59 -0.89 13.59
N ALA A 31 1.49 -0.67 12.29
CA ALA A 31 1.76 0.64 11.70
C ALA A 31 0.44 1.24 11.20
N GLU A 32 0.44 2.53 10.90
CA GLU A 32 -0.59 3.28 10.21
C GLU A 32 -0.02 3.73 8.88
N VAL A 33 -0.84 3.83 7.83
CA VAL A 33 -0.44 4.30 6.53
C VAL A 33 -1.39 5.41 6.13
N HIS A 34 -0.89 6.63 6.00
CA HIS A 34 -1.63 7.72 5.35
C HIS A 34 -1.27 7.77 3.86
N TRP A 35 -2.14 8.35 3.05
CA TRP A 35 -1.94 8.72 1.65
C TRP A 35 -2.80 9.96 1.32
N ASP A 36 -2.68 10.46 0.08
CA ASP A 36 -3.39 11.66 -0.36
C ASP A 36 -4.57 11.27 -1.27
N PRO A 37 -5.77 11.87 -1.07
CA PRO A 37 -6.99 11.55 -1.78
C PRO A 37 -6.91 12.04 -3.22
N VAL A 38 -6.78 11.11 -4.17
CA VAL A 38 -6.73 11.45 -5.59
C VAL A 38 -7.99 12.22 -6.01
N PRO A 39 -7.92 13.03 -7.08
CA PRO A 39 -9.06 13.79 -7.57
C PRO A 39 -10.18 12.81 -7.92
N LEU A 40 -11.41 13.04 -7.47
CA LEU A 40 -12.51 12.10 -7.64
C LEU A 40 -12.72 11.72 -9.11
N LYS A 41 -12.47 12.64 -10.05
CA LYS A 41 -12.49 12.41 -11.49
C LYS A 41 -11.67 11.17 -11.88
N SER A 42 -10.50 10.99 -11.27
CA SER A 42 -9.56 9.93 -11.62
C SER A 42 -10.10 8.53 -11.30
N ILE A 43 -11.13 8.41 -10.44
CA ILE A 43 -11.73 7.12 -10.11
C ILE A 43 -12.46 6.59 -11.35
N ARG A 44 -13.04 7.48 -12.18
CA ARG A 44 -13.89 7.11 -13.30
C ARG A 44 -14.86 5.98 -12.93
N GLY A 45 -15.69 6.18 -11.91
CA GLY A 45 -16.60 5.14 -11.46
C GLY A 45 -16.83 5.25 -9.96
N HIS A 46 -17.44 4.23 -9.37
CA HIS A 46 -17.61 4.13 -7.93
C HIS A 46 -16.29 3.67 -7.32
N LEU A 47 -15.83 4.41 -6.31
CA LEU A 47 -14.69 4.06 -5.48
C LEU A 47 -15.01 2.74 -4.78
N GLN A 48 -14.36 1.64 -5.18
CA GLN A 48 -14.63 0.34 -4.54
C GLN A 48 -13.78 0.15 -3.29
N GLY A 49 -12.68 0.87 -3.13
CA GLY A 49 -11.90 0.93 -1.90
C GLY A 49 -10.43 1.18 -2.20
N TYR A 50 -9.56 1.04 -1.20
CA TYR A 50 -8.13 1.25 -1.33
C TYR A 50 -7.41 -0.02 -0.87
N ARG A 51 -6.67 -0.66 -1.77
CA ARG A 51 -5.94 -1.90 -1.53
C ARG A 51 -4.51 -1.51 -1.18
N ILE A 52 -3.97 -2.06 -0.09
CA ILE A 52 -2.56 -1.91 0.25
C ILE A 52 -1.92 -3.26 -0.10
N TYR A 53 -0.95 -3.25 -1.01
CA TYR A 53 -0.04 -4.36 -1.27
C TYR A 53 1.16 -4.10 -0.36
N TYR A 54 1.82 -5.11 0.20
CA TYR A 54 3.04 -4.96 0.96
C TYR A 54 3.84 -6.27 0.96
N TRP A 55 5.10 -6.21 1.37
CA TRP A 55 5.95 -7.37 1.51
C TRP A 55 6.96 -7.17 2.64
N LYS A 56 7.39 -8.31 3.22
CA LYS A 56 8.46 -8.33 4.21
C LYS A 56 9.73 -7.98 3.44
N THR A 57 10.48 -7.00 3.95
CA THR A 57 11.68 -6.52 3.30
C THR A 57 12.84 -7.00 4.17
N GLN A 58 13.83 -7.64 3.57
CA GLN A 58 14.92 -8.32 4.28
C GLN A 58 16.24 -7.81 3.68
N SER A 59 17.05 -7.12 4.48
CA SER A 59 18.38 -6.66 4.10
C SER A 59 19.23 -7.89 3.84
N SER A 60 20.01 -7.84 2.77
CA SER A 60 20.43 -8.99 1.99
C SER A 60 19.22 -9.59 1.27
N SER A 61 19.19 -9.46 -0.06
CA SER A 61 18.33 -10.21 -0.97
C SER A 61 19.08 -10.28 -2.31
N LYS A 62 20.19 -11.02 -2.32
CA LYS A 62 20.96 -11.21 -3.55
C LYS A 62 20.08 -11.99 -4.54
N ARG A 63 20.16 -11.66 -5.83
CA ARG A 63 19.41 -12.38 -6.85
C ARG A 63 20.04 -13.75 -7.07
N ASN A 64 19.74 -14.69 -6.19
CA ASN A 64 20.07 -16.10 -6.32
C ASN A 64 19.20 -16.86 -5.32
N ARG A 65 18.35 -17.75 -5.83
CA ARG A 65 17.60 -18.75 -5.08
C ARG A 65 16.77 -18.12 -3.95
N ARG A 66 15.91 -17.14 -4.27
CA ARG A 66 15.28 -16.22 -3.31
C ARG A 66 13.80 -15.98 -3.68
N HIS A 67 12.85 -16.19 -2.76
CA HIS A 67 11.39 -16.03 -2.96
C HIS A 67 10.78 -15.05 -1.95
N ILE A 68 10.46 -13.84 -2.41
CA ILE A 68 9.88 -12.74 -1.63
C ILE A 68 8.44 -13.11 -1.22
N GLU A 69 7.87 -12.37 -0.26
CA GLU A 69 6.60 -12.64 0.39
C GLU A 69 5.74 -11.40 0.35
N LYS A 70 4.89 -11.35 -0.66
CA LYS A 70 3.92 -10.28 -0.87
C LYS A 70 2.57 -10.64 -0.25
N LYS A 71 2.13 -9.88 0.75
CA LYS A 71 0.77 -9.92 1.28
C LYS A 71 -0.04 -8.79 0.65
N ILE A 72 -1.31 -8.70 1.03
CA ILE A 72 -2.21 -7.58 0.74
C ILE A 72 -2.94 -7.27 2.04
N LEU A 73 -3.54 -6.09 2.14
CA LEU A 73 -4.48 -5.70 3.17
C LEU A 73 -5.60 -4.88 2.52
N THR A 74 -6.76 -4.87 3.17
CA THR A 74 -8.03 -4.43 2.61
C THR A 74 -8.49 -3.22 3.41
N PHE A 75 -8.66 -2.07 2.76
CA PHE A 75 -9.27 -0.90 3.36
C PHE A 75 -10.36 -0.38 2.43
N GLN A 76 -11.37 0.23 3.03
CA GLN A 76 -12.55 0.69 2.32
C GLN A 76 -12.28 1.97 1.54
N GLY A 77 -13.32 2.50 0.93
CA GLY A 77 -13.24 3.70 0.13
C GLY A 77 -13.06 4.94 0.98
N SER A 78 -12.74 6.02 0.30
CA SER A 78 -12.61 7.41 0.72
C SER A 78 -11.61 7.75 1.81
N LYS A 79 -11.22 6.79 2.66
CA LYS A 79 -10.17 7.00 3.63
C LYS A 79 -8.91 7.45 2.91
N THR A 80 -8.14 8.22 3.64
CA THR A 80 -6.81 8.67 3.28
C THR A 80 -5.80 7.99 4.21
N HIS A 81 -6.22 6.95 4.93
CA HIS A 81 -5.38 6.20 5.83
C HIS A 81 -5.89 4.78 6.05
N GLY A 82 -5.01 3.92 6.56
CA GLY A 82 -5.18 2.50 6.82
C GLY A 82 -4.18 2.09 7.89
N MET A 83 -4.09 0.79 8.22
CA MET A 83 -3.11 0.28 9.17
C MET A 83 -2.42 -0.93 8.60
N LEU A 84 -1.31 -1.34 9.21
CA LEU A 84 -0.64 -2.60 8.97
C LEU A 84 -0.59 -3.35 10.29
N PRO A 85 -1.64 -4.11 10.65
CA PRO A 85 -1.64 -5.06 11.76
C PRO A 85 -1.16 -6.45 11.31
N GLY A 86 -0.46 -7.18 12.18
CA GLY A 86 0.03 -8.53 11.89
C GLY A 86 1.55 -8.58 11.64
N LEU A 87 2.26 -7.52 12.02
CA LEU A 87 3.64 -7.27 11.58
C LEU A 87 4.60 -7.88 12.60
N GLU A 88 5.90 -7.80 12.36
CA GLU A 88 6.96 -8.15 13.31
C GLU A 88 7.80 -6.90 13.57
N PRO A 89 8.34 -6.75 14.79
CA PRO A 89 9.28 -5.70 15.10
C PRO A 89 10.66 -5.94 14.49
N PHE A 90 11.44 -4.87 14.46
CA PHE A 90 12.86 -4.83 14.13
C PHE A 90 13.15 -5.32 12.69
N SER A 91 12.16 -5.25 11.79
CA SER A 91 12.31 -5.41 10.35
C SER A 91 11.84 -4.16 9.59
N HIS A 92 12.29 -4.08 8.34
CA HIS A 92 11.85 -3.16 7.31
C HIS A 92 10.65 -3.81 6.60
N TYR A 93 9.73 -3.02 6.07
CA TYR A 93 8.64 -3.48 5.21
C TYR A 93 8.47 -2.51 4.04
N THR A 94 7.91 -2.98 2.93
CA THR A 94 7.60 -2.14 1.79
C THR A 94 6.12 -2.34 1.49
N LEU A 95 5.36 -1.28 1.23
CA LEU A 95 3.94 -1.30 0.91
C LEU A 95 3.65 -0.30 -0.19
N ASN A 96 2.59 -0.51 -0.96
CA ASN A 96 2.06 0.47 -1.91
C ASN A 96 0.56 0.45 -1.81
N VAL A 97 -0.07 1.54 -2.23
CA VAL A 97 -1.50 1.75 -2.18
C VAL A 97 -1.98 1.74 -3.64
N ARG A 98 -3.23 1.38 -3.88
CA ARG A 98 -3.83 1.30 -5.22
C ARG A 98 -5.30 1.64 -5.10
N VAL A 99 -5.86 2.31 -6.10
CA VAL A 99 -7.28 2.61 -6.18
C VAL A 99 -7.91 1.50 -7.02
N VAL A 100 -9.16 1.16 -6.71
CA VAL A 100 -9.98 0.19 -7.43
C VAL A 100 -11.37 0.80 -7.52
N ASN A 101 -12.07 0.54 -8.62
CA ASN A 101 -13.40 1.06 -8.88
C ASN A 101 -14.34 -0.04 -9.34
N GLY A 102 -15.59 0.32 -9.65
CA GLY A 102 -16.60 -0.57 -10.20
C GLY A 102 -16.35 -0.89 -11.67
N LYS A 103 -15.13 -1.31 -12.01
CA LYS A 103 -14.72 -1.94 -13.25
C LYS A 103 -13.44 -2.71 -12.98
N GLY A 104 -12.40 -2.07 -12.41
CA GLY A 104 -11.08 -2.65 -12.26
C GLY A 104 -10.14 -1.81 -11.40
N GLU A 105 -8.86 -2.20 -11.35
CA GLU A 105 -7.82 -1.53 -10.56
C GLU A 105 -6.99 -0.54 -11.39
N GLY A 106 -6.29 0.38 -10.71
CA GLY A 106 -5.46 1.42 -11.32
C GLY A 106 -3.98 1.33 -10.94
N PRO A 107 -3.19 2.34 -11.29
CA PRO A 107 -1.74 2.37 -11.07
C PRO A 107 -1.41 2.50 -9.59
N ALA A 108 -0.37 1.79 -9.16
CA ALA A 108 0.05 1.82 -7.77
C ALA A 108 0.72 3.14 -7.42
N SER A 109 0.68 3.52 -6.14
CA SER A 109 1.52 4.57 -5.58
C SER A 109 3.01 4.18 -5.75
N PRO A 110 3.95 5.08 -5.49
CA PRO A 110 5.30 4.65 -5.14
C PRO A 110 5.21 3.70 -3.95
N ASP A 111 6.10 2.71 -3.93
CA ASP A 111 6.21 1.73 -2.85
C ASP A 111 6.97 2.39 -1.71
N ARG A 112 6.21 2.76 -0.67
CA ARG A 112 6.66 3.43 0.54
C ARG A 112 7.25 2.39 1.48
N VAL A 113 7.94 2.84 2.53
CA VAL A 113 8.65 1.93 3.44
C VAL A 113 8.46 2.39 4.89
N PHE A 114 8.70 1.50 5.86
CA PHE A 114 8.69 1.79 7.29
C PHE A 114 9.48 0.74 8.08
N ASN A 115 10.40 1.20 8.93
CA ASN A 115 11.11 0.36 9.88
C ASN A 115 10.27 0.23 11.14
N THR A 116 10.24 -0.98 11.69
CA THR A 116 9.57 -1.24 12.95
C THR A 116 10.61 -1.13 14.08
N PRO A 117 10.24 -0.64 15.28
CA PRO A 117 11.17 -0.09 16.24
C PRO A 117 12.18 -1.12 16.74
N GLU A 118 11.77 -2.02 17.64
CA GLU A 118 12.63 -3.11 18.12
C GLU A 118 11.80 -4.24 18.73
N GLY A 119 10.65 -3.89 19.29
CA GLY A 119 9.72 -4.80 19.96
C GLY A 119 10.10 -4.92 21.43
N SER A 120 9.30 -4.33 22.30
CA SER A 120 9.38 -4.50 23.74
C SER A 120 7.97 -4.42 24.29
N GLY A 121 7.39 -5.57 24.60
CA GLY A 121 6.13 -5.67 25.34
C GLY A 121 6.27 -4.99 26.70
N PRO A 122 5.53 -3.92 27.00
CA PRO A 122 5.50 -3.34 28.34
C PRO A 122 4.92 -4.38 29.33
N SER A 123 5.14 -4.20 30.64
CA SER A 123 4.68 -5.14 31.65
C SER A 123 4.31 -4.37 32.92
N SER A 124 3.01 -4.18 33.13
CA SER A 124 2.48 -3.42 34.25
C SER A 124 1.30 -4.18 34.87
N GLY A 125 0.70 -3.67 35.94
CA GLY A 125 -0.43 -4.27 36.64
C GLY A 125 -0.68 -3.53 37.97
N GLY A 1 -5.59 5.12 -46.93
CA GLY A 1 -4.50 4.47 -46.15
C GLY A 1 -4.51 5.04 -44.74
N SER A 2 -3.39 4.90 -44.02
CA SER A 2 -3.18 5.46 -42.68
C SER A 2 -4.13 4.84 -41.66
N SER A 3 -3.71 3.75 -41.02
CA SER A 3 -4.52 3.00 -40.06
C SER A 3 -3.62 2.33 -39.03
N GLY A 4 -4.20 1.81 -37.95
CA GLY A 4 -3.48 1.16 -36.86
C GLY A 4 -4.39 1.09 -35.64
N SER A 5 -3.90 0.45 -34.57
CA SER A 5 -4.60 0.38 -33.30
C SER A 5 -4.23 1.62 -32.47
N SER A 6 -5.05 2.66 -32.53
CA SER A 6 -5.11 3.71 -31.53
C SER A 6 -6.60 3.92 -31.22
N GLY A 7 -6.90 4.35 -29.99
CA GLY A 7 -8.26 4.48 -29.48
C GLY A 7 -8.41 3.63 -28.21
N HIS A 8 -8.21 2.33 -28.33
CA HIS A 8 -8.31 1.36 -27.23
C HIS A 8 -9.65 1.48 -26.48
N SER A 9 -9.74 0.94 -25.26
CA SER A 9 -10.92 0.99 -24.41
C SER A 9 -10.47 0.99 -22.94
N GLY A 10 -11.42 0.85 -22.02
CA GLY A 10 -11.22 0.88 -20.58
C GLY A 10 -11.39 2.30 -20.07
N GLU A 11 -12.64 2.78 -20.06
CA GLU A 11 -12.97 4.16 -19.70
C GLU A 11 -13.70 4.28 -18.36
N ASP A 12 -14.13 3.14 -17.82
CA ASP A 12 -14.49 3.01 -16.41
C ASP A 12 -13.23 2.82 -15.56
N LEU A 13 -12.15 2.28 -16.15
CA LEU A 13 -10.89 2.04 -15.45
C LEU A 13 -10.27 3.35 -14.95
N PRO A 14 -9.54 3.29 -13.81
CA PRO A 14 -8.96 4.46 -13.15
C PRO A 14 -7.65 4.92 -13.81
N MET A 15 -7.14 6.09 -13.41
CA MET A 15 -6.14 6.87 -14.16
C MET A 15 -4.94 7.40 -13.38
N VAL A 16 -5.05 7.74 -12.09
CA VAL A 16 -3.90 8.15 -11.27
C VAL A 16 -4.01 7.54 -9.87
N ALA A 17 -2.87 7.22 -9.25
CA ALA A 17 -2.78 6.73 -7.89
C ALA A 17 -2.70 7.91 -6.91
N PRO A 18 -2.83 7.67 -5.60
CA PRO A 18 -3.00 8.72 -4.62
C PRO A 18 -1.69 9.47 -4.36
N GLY A 19 -1.83 10.67 -3.78
CA GLY A 19 -0.72 11.55 -3.50
C GLY A 19 0.06 11.13 -2.26
N ASN A 20 1.24 11.73 -2.10
CA ASN A 20 2.37 11.29 -1.28
C ASN A 20 1.96 10.52 -0.02
N VAL A 21 2.15 9.21 -0.08
CA VAL A 21 1.82 8.32 1.00
C VAL A 21 2.81 8.56 2.14
N ARG A 22 2.32 8.48 3.37
CA ARG A 22 3.07 8.54 4.62
C ARG A 22 2.78 7.26 5.37
N VAL A 23 3.63 6.90 6.32
CA VAL A 23 3.34 5.85 7.27
C VAL A 23 4.01 6.20 8.60
N ASN A 24 3.37 5.83 9.70
CA ASN A 24 3.89 5.91 11.06
C ASN A 24 3.84 4.52 11.69
N VAL A 25 4.95 4.06 12.25
CA VAL A 25 4.96 2.84 13.04
C VAL A 25 4.41 3.19 14.42
N VAL A 26 3.16 2.81 14.66
CA VAL A 26 2.47 3.05 15.92
C VAL A 26 3.12 2.23 17.02
N ASN A 27 3.33 0.94 16.75
CA ASN A 27 3.83 -0.04 17.70
C ASN A 27 4.75 -0.99 16.95
N SER A 28 5.27 -1.99 17.64
CA SER A 28 6.17 -2.97 17.04
C SER A 28 5.46 -3.79 15.95
N THR A 29 4.19 -4.14 16.17
CA THR A 29 3.40 -5.05 15.34
C THR A 29 2.26 -4.33 14.61
N LEU A 30 2.21 -3.00 14.73
CA LEU A 30 1.19 -2.14 14.18
C LEU A 30 1.86 -0.94 13.52
N ALA A 31 1.39 -0.55 12.34
CA ALA A 31 1.74 0.70 11.69
C ALA A 31 0.45 1.31 11.15
N GLU A 32 0.46 2.60 10.86
CA GLU A 32 -0.59 3.36 10.25
C GLU A 32 -0.03 3.93 8.96
N VAL A 33 -0.71 3.75 7.84
CA VAL A 33 -0.36 4.34 6.56
C VAL A 33 -1.37 5.46 6.32
N HIS A 34 -0.92 6.58 5.74
CA HIS A 34 -1.77 7.72 5.39
C HIS A 34 -1.54 8.05 3.92
N TRP A 35 -2.56 8.48 3.17
CA TRP A 35 -2.42 8.87 1.77
C TRP A 35 -3.41 9.98 1.45
N ASP A 36 -3.15 10.72 0.38
CA ASP A 36 -4.09 11.75 -0.05
C ASP A 36 -5.34 11.06 -0.63
N PRO A 37 -6.55 11.60 -0.40
CA PRO A 37 -7.76 11.11 -1.02
C PRO A 37 -7.68 11.35 -2.52
N VAL A 38 -7.61 10.29 -3.32
CA VAL A 38 -7.47 10.51 -4.75
C VAL A 38 -8.80 11.04 -5.31
N PRO A 39 -8.75 11.85 -6.34
CA PRO A 39 -9.85 12.61 -6.89
C PRO A 39 -10.83 11.65 -7.56
N LEU A 40 -12.14 11.82 -7.38
CA LEU A 40 -13.15 10.95 -7.99
C LEU A 40 -13.01 10.91 -9.52
N LYS A 41 -12.50 11.98 -10.12
CA LYS A 41 -12.21 12.02 -11.54
C LYS A 41 -11.23 10.91 -11.93
N SER A 42 -10.19 10.67 -11.14
CA SER A 42 -9.20 9.65 -11.43
C SER A 42 -9.79 8.25 -11.31
N ILE A 43 -10.80 8.05 -10.46
CA ILE A 43 -11.47 6.79 -10.25
C ILE A 43 -12.22 6.42 -11.52
N ARG A 44 -12.86 7.39 -12.19
CA ARG A 44 -13.79 7.21 -13.31
C ARG A 44 -15.05 6.47 -12.91
N GLY A 45 -14.90 5.18 -12.63
CA GLY A 45 -15.90 4.31 -12.05
C GLY A 45 -16.27 4.74 -10.62
N HIS A 46 -17.02 3.88 -9.92
CA HIS A 46 -17.37 4.08 -8.53
C HIS A 46 -16.20 3.64 -7.63
N LEU A 47 -15.93 4.41 -6.59
CA LEU A 47 -14.92 4.11 -5.57
C LEU A 47 -15.32 2.79 -4.88
N GLN A 48 -14.38 1.84 -4.83
CA GLN A 48 -14.55 0.59 -4.08
C GLN A 48 -13.85 0.66 -2.71
N GLY A 49 -12.85 1.52 -2.58
CA GLY A 49 -11.93 1.57 -1.46
C GLY A 49 -10.53 1.67 -2.03
N TYR A 50 -9.54 1.23 -1.25
CA TYR A 50 -8.14 1.19 -1.64
C TYR A 50 -7.61 -0.23 -1.35
N ARG A 51 -6.56 -0.66 -2.03
CA ARG A 51 -5.90 -1.95 -1.84
C ARG A 51 -4.43 -1.65 -1.59
N ILE A 52 -3.95 -1.84 -0.36
CA ILE A 52 -2.53 -1.66 -0.06
C ILE A 52 -1.85 -3.00 -0.40
N TYR A 53 -0.64 -2.93 -0.96
CA TYR A 53 0.22 -4.06 -1.28
C TYR A 53 1.51 -3.93 -0.49
N TYR A 54 1.84 -4.86 0.40
CA TYR A 54 3.06 -4.85 1.20
C TYR A 54 3.76 -6.21 1.22
N TRP A 55 5.05 -6.23 1.56
CA TRP A 55 5.84 -7.44 1.81
C TRP A 55 6.94 -7.16 2.84
N LYS A 56 7.47 -8.23 3.45
CA LYS A 56 8.64 -8.23 4.33
C LYS A 56 9.88 -7.92 3.51
N THR A 57 10.78 -7.07 4.00
CA THR A 57 12.01 -6.69 3.32
C THR A 57 13.16 -6.94 4.30
N GLN A 58 14.20 -7.64 3.84
CA GLN A 58 15.25 -8.14 4.70
C GLN A 58 16.45 -8.49 3.82
N SER A 59 17.44 -7.61 3.81
CA SER A 59 18.74 -7.83 3.21
C SER A 59 19.42 -8.97 3.99
N SER A 60 19.57 -10.12 3.35
CA SER A 60 20.43 -11.22 3.76
C SER A 60 20.89 -11.91 2.49
N SER A 61 22.20 -12.12 2.34
CA SER A 61 22.75 -12.98 1.31
C SER A 61 22.29 -14.41 1.61
N LYS A 62 21.31 -14.94 0.86
CA LYS A 62 20.66 -16.20 1.15
C LYS A 62 20.48 -16.94 -0.18
N ARG A 63 21.35 -17.92 -0.46
CA ARG A 63 21.45 -18.55 -1.77
C ARG A 63 20.28 -19.49 -2.06
N ASN A 64 20.22 -20.62 -1.36
CA ASN A 64 19.30 -21.71 -1.71
C ASN A 64 17.84 -21.34 -1.36
N ARG A 65 16.99 -21.16 -2.38
CA ARG A 65 15.55 -20.85 -2.27
C ARG A 65 15.29 -19.46 -1.68
N ARG A 66 14.78 -18.54 -2.50
CA ARG A 66 14.56 -17.12 -2.14
C ARG A 66 13.30 -16.64 -2.85
N HIS A 67 12.17 -16.57 -2.14
CA HIS A 67 10.91 -16.06 -2.67
C HIS A 67 10.33 -15.00 -1.72
N ILE A 68 9.21 -14.39 -2.09
CA ILE A 68 8.58 -13.28 -1.38
C ILE A 68 7.10 -13.55 -1.38
N GLU A 69 6.48 -13.50 -0.21
CA GLU A 69 5.05 -13.39 -0.07
C GLU A 69 4.69 -11.92 -0.21
N LYS A 70 4.04 -11.57 -1.31
CA LYS A 70 3.37 -10.28 -1.48
C LYS A 70 1.97 -10.43 -0.92
N LYS A 71 1.69 -9.75 0.19
CA LYS A 71 0.43 -9.71 0.88
C LYS A 71 -0.45 -8.63 0.30
N ILE A 72 -1.73 -8.65 0.65
CA ILE A 72 -2.74 -7.68 0.20
C ILE A 72 -3.58 -7.26 1.42
N LEU A 73 -3.93 -5.98 1.49
CA LEU A 73 -4.68 -5.32 2.54
C LEU A 73 -5.79 -4.52 1.85
N THR A 74 -6.93 -4.35 2.52
CA THR A 74 -8.15 -3.79 1.92
C THR A 74 -8.72 -2.74 2.88
N PHE A 75 -9.16 -1.60 2.33
CA PHE A 75 -9.77 -0.50 3.08
C PHE A 75 -10.91 0.11 2.28
N GLN A 76 -12.13 -0.39 2.50
CA GLN A 76 -13.32 0.20 1.90
C GLN A 76 -13.70 1.49 2.64
N GLY A 77 -14.67 2.22 2.08
CA GLY A 77 -15.21 3.42 2.73
C GLY A 77 -14.40 4.68 2.44
N SER A 78 -13.50 4.63 1.45
CA SER A 78 -12.66 5.74 1.01
C SER A 78 -11.77 6.32 2.11
N LYS A 79 -11.52 5.55 3.18
CA LYS A 79 -10.60 5.98 4.22
C LYS A 79 -9.26 6.28 3.59
N THR A 80 -8.71 7.41 3.97
CA THR A 80 -7.41 7.90 3.56
C THR A 80 -6.30 7.40 4.48
N HIS A 81 -6.63 6.67 5.55
CA HIS A 81 -5.58 6.12 6.41
C HIS A 81 -6.05 4.79 6.95
N GLY A 82 -5.13 3.84 7.11
CA GLY A 82 -5.45 2.45 7.46
C GLY A 82 -4.22 1.78 8.05
N MET A 83 -4.41 0.66 8.74
CA MET A 83 -3.42 0.12 9.64
C MET A 83 -2.94 -1.25 9.19
N LEU A 84 -1.68 -1.55 9.49
CA LEU A 84 -0.96 -2.79 9.19
C LEU A 84 -0.82 -3.57 10.51
N PRO A 85 -1.76 -4.47 10.86
CA PRO A 85 -1.65 -5.29 12.05
C PRO A 85 -1.00 -6.65 11.78
N GLY A 86 -0.54 -7.29 12.85
CA GLY A 86 0.06 -8.62 12.78
C GLY A 86 1.36 -8.61 11.99
N LEU A 87 2.11 -7.50 12.08
CA LEU A 87 3.44 -7.36 11.49
C LEU A 87 4.45 -7.86 12.50
N GLU A 88 5.66 -8.14 12.04
CA GLU A 88 6.75 -8.61 12.89
C GLU A 88 7.72 -7.46 13.15
N PRO A 89 8.14 -7.27 14.40
CA PRO A 89 9.06 -6.21 14.77
C PRO A 89 10.51 -6.54 14.36
N PHE A 90 11.39 -5.54 14.45
CA PHE A 90 12.81 -5.60 14.11
C PHE A 90 13.05 -6.10 12.68
N SER A 91 12.25 -5.62 11.73
CA SER A 91 12.41 -5.87 10.30
C SER A 91 11.90 -4.68 9.48
N HIS A 92 12.32 -4.64 8.21
CA HIS A 92 11.93 -3.63 7.24
C HIS A 92 10.73 -4.18 6.47
N TYR A 93 9.92 -3.30 5.89
CA TYR A 93 8.84 -3.68 5.01
C TYR A 93 8.72 -2.63 3.90
N THR A 94 8.09 -3.02 2.79
CA THR A 94 7.70 -2.13 1.71
C THR A 94 6.18 -2.24 1.59
N LEU A 95 5.43 -1.14 1.56
CA LEU A 95 4.01 -1.09 1.20
C LEU A 95 3.78 -0.07 0.08
N ASN A 96 2.63 -0.13 -0.58
CA ASN A 96 2.11 0.93 -1.46
C ASN A 96 0.58 0.93 -1.38
N VAL A 97 -0.07 1.96 -1.93
CA VAL A 97 -1.51 2.12 -1.98
C VAL A 97 -1.92 2.05 -3.45
N ARG A 98 -2.94 1.25 -3.76
CA ARG A 98 -3.47 1.14 -5.10
C ARG A 98 -4.97 1.44 -5.04
N VAL A 99 -5.48 2.09 -6.08
CA VAL A 99 -6.90 2.45 -6.17
C VAL A 99 -7.65 1.26 -6.77
N VAL A 100 -8.93 1.14 -6.45
CA VAL A 100 -9.83 0.07 -6.91
C VAL A 100 -11.17 0.73 -7.21
N ASN A 101 -11.84 0.26 -8.25
CA ASN A 101 -13.14 0.77 -8.64
C ASN A 101 -14.03 -0.34 -9.19
N GLY A 102 -15.21 0.02 -9.67
CA GLY A 102 -16.22 -0.89 -10.21
C GLY A 102 -15.81 -1.67 -11.46
N LYS A 103 -14.60 -1.49 -12.01
CA LYS A 103 -14.11 -2.17 -13.21
C LYS A 103 -12.80 -2.90 -12.93
N GLY A 104 -11.93 -2.33 -12.10
CA GLY A 104 -10.61 -2.90 -11.89
C GLY A 104 -9.76 -2.02 -10.98
N GLU A 105 -8.45 -2.09 -11.19
CA GLU A 105 -7.43 -1.42 -10.41
C GLU A 105 -6.72 -0.42 -11.33
N GLY A 106 -6.06 0.59 -10.75
CA GLY A 106 -5.18 1.51 -11.46
C GLY A 106 -3.70 1.22 -11.27
N PRO A 107 -2.84 2.20 -11.56
CA PRO A 107 -1.49 2.21 -11.01
C PRO A 107 -1.58 2.33 -9.50
N ALA A 108 -0.47 1.98 -8.85
CA ALA A 108 -0.28 2.16 -7.44
C ALA A 108 0.56 3.43 -7.23
N SER A 109 0.59 3.89 -5.98
CA SER A 109 1.43 4.98 -5.54
C SER A 109 2.91 4.55 -5.62
N PRO A 110 3.89 5.41 -5.27
CA PRO A 110 5.27 4.96 -5.17
C PRO A 110 5.38 3.85 -4.10
N ASP A 111 6.52 3.17 -4.05
CA ASP A 111 6.87 2.40 -2.86
C ASP A 111 6.98 3.36 -1.68
N ARG A 112 6.46 2.93 -0.54
CA ARG A 112 6.77 3.47 0.78
C ARG A 112 7.44 2.36 1.56
N VAL A 113 8.19 2.74 2.57
CA VAL A 113 8.83 1.80 3.48
C VAL A 113 8.60 2.30 4.90
N PHE A 114 8.76 1.40 5.87
CA PHE A 114 8.86 1.77 7.27
C PHE A 114 9.72 0.72 7.97
N ASN A 115 10.64 1.16 8.83
CA ASN A 115 11.41 0.30 9.71
C ASN A 115 10.68 0.17 11.04
N THR A 116 10.48 -1.06 11.50
CA THR A 116 9.89 -1.32 12.80
C THR A 116 10.96 -1.10 13.91
N PRO A 117 10.57 -0.94 15.19
CA PRO A 117 11.50 -0.81 16.30
C PRO A 117 12.16 -2.16 16.62
N GLU A 118 11.92 -2.77 17.79
CA GLU A 118 12.53 -4.06 18.14
C GLU A 118 11.51 -5.13 18.50
N GLY A 119 10.39 -4.73 19.06
CA GLY A 119 9.47 -5.62 19.75
C GLY A 119 9.65 -5.49 21.26
N SER A 120 8.98 -6.37 22.00
CA SER A 120 9.21 -6.72 23.39
C SER A 120 8.19 -7.84 23.65
N GLY A 121 6.91 -7.49 23.80
CA GLY A 121 5.79 -8.42 23.80
C GLY A 121 4.54 -7.72 24.35
N PRO A 122 3.34 -8.08 23.89
CA PRO A 122 2.09 -7.40 24.26
C PRO A 122 1.73 -7.74 25.71
N SER A 123 2.02 -6.80 26.62
CA SER A 123 1.78 -6.91 28.04
C SER A 123 1.47 -5.50 28.55
N SER A 124 0.63 -5.39 29.58
CA SER A 124 0.47 -4.20 30.41
C SER A 124 -0.13 -4.69 31.74
N GLY A 125 0.75 -5.05 32.67
CA GLY A 125 0.36 -5.21 34.08
C GLY A 125 0.06 -3.81 34.57
N GLY A 1 5.90 17.51 -37.79
CA GLY A 1 4.67 16.81 -37.45
C GLY A 1 4.03 17.44 -36.22
N SER A 2 2.80 17.05 -35.91
CA SER A 2 1.97 17.67 -34.87
C SER A 2 1.52 16.60 -33.89
N SER A 3 1.11 17.03 -32.70
CA SER A 3 0.38 16.23 -31.73
C SER A 3 -0.94 15.76 -32.32
N GLY A 4 -1.56 14.76 -31.69
CA GLY A 4 -2.86 14.23 -32.03
C GLY A 4 -3.40 13.44 -30.85
N SER A 5 -4.67 13.04 -30.92
CA SER A 5 -5.38 12.38 -29.84
C SER A 5 -6.24 11.26 -30.41
N SER A 6 -5.95 10.03 -29.99
CA SER A 6 -6.77 8.84 -30.14
C SER A 6 -6.54 7.98 -28.88
N GLY A 7 -7.14 6.78 -28.82
CA GLY A 7 -7.14 5.95 -27.63
C GLY A 7 -8.50 5.29 -27.47
N HIS A 8 -8.65 4.49 -26.41
CA HIS A 8 -9.87 3.77 -26.10
C HIS A 8 -9.84 3.34 -24.64
N SER A 9 -11.01 3.10 -24.04
CA SER A 9 -11.13 2.33 -22.81
C SER A 9 -12.30 1.35 -22.90
N GLY A 10 -13.41 1.79 -23.51
CA GLY A 10 -14.64 1.03 -23.60
C GLY A 10 -15.38 1.16 -22.29
N GLU A 11 -14.87 0.51 -21.24
CA GLU A 11 -15.46 0.54 -19.92
C GLU A 11 -15.10 1.85 -19.23
N ASP A 12 -13.99 1.94 -18.48
CA ASP A 12 -13.45 3.24 -18.09
C ASP A 12 -12.06 3.17 -17.49
N LEU A 13 -11.90 2.29 -16.50
CA LEU A 13 -10.83 2.15 -15.48
C LEU A 13 -10.39 3.45 -14.77
N PRO A 14 -9.76 3.36 -13.57
CA PRO A 14 -9.15 4.50 -12.89
C PRO A 14 -7.95 5.04 -13.68
N MET A 15 -7.48 6.22 -13.30
CA MET A 15 -6.52 7.03 -14.04
C MET A 15 -5.26 7.37 -13.24
N VAL A 16 -5.36 7.59 -11.93
CA VAL A 16 -4.21 7.97 -11.10
C VAL A 16 -4.24 7.20 -9.77
N ALA A 17 -3.28 7.50 -8.89
CA ALA A 17 -3.07 6.89 -7.59
C ALA A 17 -3.03 7.98 -6.52
N PRO A 18 -3.01 7.61 -5.24
CA PRO A 18 -2.64 8.54 -4.19
C PRO A 18 -1.19 8.99 -4.35
N GLY A 19 -0.95 10.26 -4.09
CA GLY A 19 0.38 10.85 -4.01
C GLY A 19 1.09 10.40 -2.72
N ASN A 20 2.31 10.92 -2.54
CA ASN A 20 3.32 10.65 -1.51
C ASN A 20 2.73 10.08 -0.22
N VAL A 21 2.59 8.76 -0.18
CA VAL A 21 2.13 8.00 0.97
C VAL A 21 3.12 8.26 2.11
N ARG A 22 2.60 8.31 3.32
CA ARG A 22 3.34 8.34 4.57
C ARG A 22 2.92 7.13 5.36
N VAL A 23 3.75 6.70 6.30
CA VAL A 23 3.45 5.64 7.22
C VAL A 23 4.16 6.01 8.53
N ASN A 24 3.52 5.75 9.66
CA ASN A 24 4.07 5.96 11.01
C ASN A 24 4.00 4.64 11.77
N VAL A 25 5.04 4.27 12.50
CA VAL A 25 5.03 3.06 13.29
C VAL A 25 4.65 3.42 14.72
N VAL A 26 3.42 3.07 15.06
CA VAL A 26 2.78 3.42 16.30
C VAL A 26 3.24 2.48 17.42
N ASN A 27 3.20 1.17 17.17
CA ASN A 27 3.50 0.13 18.15
C ASN A 27 4.49 -0.84 17.49
N SER A 28 4.90 -1.91 18.16
CA SER A 28 5.96 -2.75 17.61
C SER A 28 5.51 -3.58 16.41
N THR A 29 4.23 -3.96 16.33
CA THR A 29 3.65 -4.80 15.29
C THR A 29 2.48 -4.10 14.61
N LEU A 30 2.33 -2.80 14.83
CA LEU A 30 1.32 -1.95 14.26
C LEU A 30 2.05 -0.81 13.56
N ALA A 31 1.59 -0.46 12.38
CA ALA A 31 1.98 0.75 11.69
C ALA A 31 0.71 1.29 11.07
N GLU A 32 0.68 2.58 10.83
CA GLU A 32 -0.41 3.28 10.19
C GLU A 32 0.11 3.84 8.90
N VAL A 33 -0.75 3.98 7.92
CA VAL A 33 -0.37 4.42 6.58
C VAL A 33 -1.34 5.54 6.26
N HIS A 34 -0.82 6.64 5.71
CA HIS A 34 -1.58 7.85 5.44
C HIS A 34 -1.31 8.23 3.98
N TRP A 35 -2.35 8.35 3.17
CA TRP A 35 -2.26 8.66 1.75
C TRP A 35 -3.17 9.82 1.39
N ASP A 36 -2.84 10.48 0.28
CA ASP A 36 -3.57 11.63 -0.23
C ASP A 36 -4.98 11.25 -0.70
N PRO A 37 -6.01 12.06 -0.43
CA PRO A 37 -7.35 11.84 -0.94
C PRO A 37 -7.45 12.20 -2.39
N VAL A 38 -7.58 11.19 -3.23
CA VAL A 38 -7.48 11.28 -4.63
C VAL A 38 -8.82 11.84 -5.13
N PRO A 39 -8.84 12.41 -6.33
CA PRO A 39 -10.05 12.83 -7.05
C PRO A 39 -10.98 11.63 -7.31
N LEU A 40 -12.29 11.86 -7.31
CA LEU A 40 -13.27 10.94 -7.94
C LEU A 40 -13.05 10.93 -9.44
N LYS A 41 -12.70 12.08 -10.03
CA LYS A 41 -12.44 12.22 -11.47
C LYS A 41 -11.51 11.14 -11.98
N SER A 42 -10.50 10.75 -11.18
CA SER A 42 -9.54 9.71 -11.54
C SER A 42 -9.96 8.31 -11.10
N ILE A 43 -10.96 8.14 -10.22
CA ILE A 43 -11.53 6.81 -9.97
C ILE A 43 -12.27 6.36 -11.23
N ARG A 44 -12.97 7.28 -11.93
CA ARG A 44 -13.83 6.97 -13.07
C ARG A 44 -14.75 5.78 -12.75
N GLY A 45 -15.52 5.93 -11.68
CA GLY A 45 -16.38 4.90 -11.10
C GLY A 45 -16.60 5.24 -9.63
N HIS A 46 -17.35 4.40 -8.93
CA HIS A 46 -17.26 4.36 -7.48
C HIS A 46 -15.94 3.68 -7.13
N LEU A 47 -15.30 4.13 -6.06
CA LEU A 47 -14.14 3.47 -5.47
C LEU A 47 -14.69 2.30 -4.69
N GLN A 48 -14.20 1.11 -5.06
CA GLN A 48 -14.43 -0.16 -4.39
C GLN A 48 -13.61 -0.25 -3.11
N GLY A 49 -12.51 0.49 -3.02
CA GLY A 49 -11.72 0.71 -1.84
C GLY A 49 -10.29 1.05 -2.23
N TYR A 50 -9.46 1.23 -1.22
CA TYR A 50 -8.02 1.34 -1.32
C TYR A 50 -7.47 -0.04 -0.96
N ARG A 51 -6.59 -0.60 -1.81
CA ARG A 51 -5.92 -1.87 -1.62
C ARG A 51 -4.43 -1.60 -1.42
N ILE A 52 -3.96 -1.66 -0.18
CA ILE A 52 -2.53 -1.58 0.12
C ILE A 52 -1.96 -2.96 -0.21
N TYR A 53 -0.99 -3.05 -1.12
CA TYR A 53 -0.11 -4.20 -1.26
C TYR A 53 1.11 -3.94 -0.39
N TYR A 54 1.76 -4.98 0.13
CA TYR A 54 2.97 -4.90 0.94
C TYR A 54 3.75 -6.21 0.90
N TRP A 55 5.02 -6.20 1.33
CA TRP A 55 5.81 -7.41 1.59
C TRP A 55 6.83 -7.19 2.70
N LYS A 56 7.28 -8.29 3.32
CA LYS A 56 8.36 -8.32 4.31
C LYS A 56 9.65 -8.00 3.55
N THR A 57 10.47 -7.12 4.11
CA THR A 57 11.72 -6.68 3.50
C THR A 57 12.85 -7.03 4.47
N GLN A 58 14.05 -7.31 3.95
CA GLN A 58 15.25 -7.67 4.71
C GLN A 58 16.45 -7.79 3.76
N SER A 59 17.65 -7.79 4.35
CA SER A 59 18.83 -8.46 3.81
C SER A 59 18.68 -9.98 4.01
N SER A 60 19.09 -10.48 5.18
CA SER A 60 19.42 -11.89 5.41
C SER A 60 19.28 -12.24 6.88
N SER A 61 19.33 -13.54 7.18
CA SER A 61 19.52 -14.10 8.51
C SER A 61 20.33 -15.39 8.35
N LYS A 62 19.70 -16.51 7.99
CA LYS A 62 20.36 -17.78 7.72
C LYS A 62 19.52 -18.63 6.73
N ARG A 63 18.96 -18.02 5.68
CA ARG A 63 18.21 -18.74 4.63
C ARG A 63 18.19 -17.95 3.33
N ASN A 64 18.14 -18.64 2.18
CA ASN A 64 17.87 -18.05 0.87
C ASN A 64 17.41 -19.13 -0.13
N ARG A 65 16.22 -19.72 0.08
CA ARG A 65 15.62 -20.60 -0.91
C ARG A 65 14.10 -20.61 -0.78
N ARG A 66 13.41 -19.52 -1.16
CA ARG A 66 11.97 -19.48 -1.42
C ARG A 66 11.64 -18.21 -2.21
N HIS A 67 10.39 -18.04 -2.66
CA HIS A 67 9.94 -16.77 -3.21
C HIS A 67 9.51 -15.81 -2.10
N ILE A 68 9.50 -14.51 -2.39
CA ILE A 68 8.88 -13.49 -1.55
C ILE A 68 7.36 -13.62 -1.72
N GLU A 69 6.69 -13.82 -0.60
CA GLU A 69 5.24 -13.75 -0.45
C GLU A 69 4.81 -12.27 -0.46
N LYS A 70 3.86 -11.93 -1.34
CA LYS A 70 3.36 -10.58 -1.55
C LYS A 70 1.94 -10.45 -1.02
N LYS A 71 1.76 -9.65 0.03
CA LYS A 71 0.55 -9.52 0.79
C LYS A 71 -0.32 -8.39 0.26
N ILE A 72 -1.58 -8.39 0.68
CA ILE A 72 -2.61 -7.44 0.30
C ILE A 72 -3.38 -7.09 1.57
N LEU A 73 -3.97 -5.89 1.59
CA LEU A 73 -4.80 -5.34 2.63
C LEU A 73 -6.06 -4.78 1.94
N THR A 74 -7.13 -4.52 2.69
CA THR A 74 -8.39 -4.02 2.15
C THR A 74 -8.92 -2.95 3.09
N PHE A 75 -9.11 -1.71 2.58
CA PHE A 75 -9.76 -0.61 3.27
C PHE A 75 -10.78 0.00 2.33
N GLN A 76 -12.05 -0.33 2.55
CA GLN A 76 -13.16 0.11 1.74
C GLN A 76 -13.61 1.49 2.22
N GLY A 77 -14.38 2.19 1.39
CA GLY A 77 -14.76 3.57 1.59
C GLY A 77 -13.59 4.50 1.31
N SER A 78 -13.85 5.81 1.28
CA SER A 78 -12.91 6.85 0.84
C SER A 78 -11.85 7.20 1.89
N LYS A 79 -11.51 6.26 2.77
CA LYS A 79 -10.49 6.42 3.79
C LYS A 79 -9.17 6.89 3.16
N THR A 80 -8.45 7.71 3.91
CA THR A 80 -7.12 8.20 3.57
C THR A 80 -6.05 7.65 4.52
N HIS A 81 -6.44 6.68 5.34
CA HIS A 81 -5.57 6.04 6.30
C HIS A 81 -5.99 4.58 6.50
N GLY A 82 -5.07 3.71 6.95
CA GLY A 82 -5.32 2.27 7.06
C GLY A 82 -4.12 1.54 7.66
N MET A 83 -4.33 0.91 8.81
CA MET A 83 -3.26 0.31 9.61
C MET A 83 -2.76 -1.03 9.04
N LEU A 84 -1.49 -1.37 9.31
CA LEU A 84 -0.86 -2.68 9.12
C LEU A 84 -0.75 -3.36 10.51
N PRO A 85 -1.76 -4.12 10.98
CA PRO A 85 -1.67 -4.87 12.23
C PRO A 85 -1.19 -6.31 12.00
N GLY A 86 -0.66 -6.96 13.05
CA GLY A 86 -0.26 -8.36 13.02
C GLY A 86 1.06 -8.60 12.29
N LEU A 87 1.86 -7.54 12.11
CA LEU A 87 3.16 -7.53 11.46
C LEU A 87 4.24 -8.09 12.41
N GLU A 88 5.51 -8.10 12.00
CA GLU A 88 6.61 -8.38 12.93
C GLU A 88 7.34 -7.10 13.34
N PRO A 89 7.86 -7.06 14.58
CA PRO A 89 8.72 -6.00 15.08
C PRO A 89 10.15 -6.05 14.48
N PHE A 90 10.98 -5.06 14.84
CA PHE A 90 12.43 -4.96 14.58
C PHE A 90 12.86 -5.24 13.12
N SER A 91 12.00 -4.97 12.15
CA SER A 91 12.15 -5.40 10.76
C SER A 91 12.00 -4.23 9.79
N HIS A 92 12.01 -4.51 8.48
CA HIS A 92 11.71 -3.57 7.42
C HIS A 92 10.56 -4.14 6.60
N TYR A 93 9.78 -3.26 5.98
CA TYR A 93 8.66 -3.62 5.12
C TYR A 93 8.57 -2.60 3.99
N THR A 94 7.92 -3.01 2.90
CA THR A 94 7.56 -2.17 1.77
C THR A 94 6.02 -2.31 1.63
N LEU A 95 5.30 -1.23 1.31
CA LEU A 95 3.87 -1.19 1.00
C LEU A 95 3.59 -0.13 -0.06
N ASN A 96 2.57 -0.34 -0.88
CA ASN A 96 2.08 0.57 -1.91
C ASN A 96 0.56 0.61 -1.89
N VAL A 97 0.02 1.82 -1.83
CA VAL A 97 -1.39 2.11 -1.79
C VAL A 97 -1.84 2.26 -3.25
N ARG A 98 -3.05 1.82 -3.61
CA ARG A 98 -3.61 1.95 -4.95
C ARG A 98 -5.14 2.02 -4.85
N VAL A 99 -5.80 2.64 -5.83
CA VAL A 99 -7.24 2.75 -5.89
C VAL A 99 -7.78 1.54 -6.66
N VAL A 100 -8.97 1.09 -6.27
CA VAL A 100 -9.68 -0.01 -6.90
C VAL A 100 -11.09 0.53 -7.14
N ASN A 101 -11.68 0.18 -8.28
CA ASN A 101 -13.02 0.61 -8.67
C ASN A 101 -13.79 -0.57 -9.24
N GLY A 102 -15.03 -0.35 -9.69
CA GLY A 102 -15.88 -1.42 -10.19
C GLY A 102 -15.29 -2.15 -11.39
N LYS A 103 -14.59 -1.42 -12.27
CA LYS A 103 -14.00 -2.00 -13.46
C LYS A 103 -12.74 -2.79 -13.12
N GLY A 104 -11.86 -2.25 -12.29
CA GLY A 104 -10.56 -2.86 -12.03
C GLY A 104 -9.70 -2.00 -11.10
N GLU A 105 -8.44 -1.82 -11.47
CA GLU A 105 -7.40 -1.11 -10.73
C GLU A 105 -6.61 -0.22 -11.71
N GLY A 106 -5.82 0.72 -11.19
CA GLY A 106 -5.06 1.69 -11.99
C GLY A 106 -3.58 1.71 -11.59
N PRO A 107 -2.86 2.83 -11.79
CA PRO A 107 -1.48 2.94 -11.33
C PRO A 107 -1.45 2.91 -9.82
N ALA A 108 -0.50 2.18 -9.27
CA ALA A 108 -0.24 2.17 -7.85
C ALA A 108 0.46 3.48 -7.45
N SER A 109 0.46 3.80 -6.16
CA SER A 109 1.30 4.88 -5.61
C SER A 109 2.78 4.45 -5.61
N PRO A 110 3.75 5.34 -5.30
CA PRO A 110 5.12 4.92 -5.05
C PRO A 110 5.19 4.02 -3.81
N ASP A 111 5.97 2.94 -3.90
CA ASP A 111 6.19 1.95 -2.86
C ASP A 111 6.88 2.60 -1.67
N ARG A 112 6.14 2.81 -0.58
CA ARG A 112 6.65 3.27 0.70
C ARG A 112 7.38 2.14 1.42
N VAL A 113 8.11 2.49 2.47
CA VAL A 113 8.77 1.57 3.37
C VAL A 113 8.49 2.00 4.81
N PHE A 114 8.77 1.13 5.77
CA PHE A 114 8.87 1.48 7.18
C PHE A 114 9.75 0.46 7.90
N ASN A 115 10.29 0.86 9.05
CA ASN A 115 11.02 0.01 9.99
C ASN A 115 10.20 -0.10 11.27
N THR A 116 10.33 -1.18 12.03
CA THR A 116 9.69 -1.31 13.34
C THR A 116 10.72 -1.12 14.49
N PRO A 117 10.30 -0.67 15.69
CA PRO A 117 11.21 -0.23 16.76
C PRO A 117 12.12 -1.36 17.28
N GLU A 118 11.58 -2.29 18.07
CA GLU A 118 12.26 -3.53 18.50
C GLU A 118 11.27 -4.62 18.94
N GLY A 119 10.18 -4.24 19.58
CA GLY A 119 9.20 -5.18 20.10
C GLY A 119 9.74 -5.87 21.33
N SER A 120 9.77 -5.13 22.44
CA SER A 120 10.24 -5.54 23.75
C SER A 120 11.63 -6.16 23.67
N GLY A 121 12.65 -5.30 23.60
CA GLY A 121 14.02 -5.69 23.87
C GLY A 121 14.68 -4.62 24.76
N PRO A 122 15.91 -4.90 25.24
CA PRO A 122 16.57 -4.16 26.32
C PRO A 122 17.18 -2.84 25.82
N SER A 123 16.32 -1.94 25.35
CA SER A 123 16.72 -0.62 24.90
C SER A 123 17.31 0.18 26.08
N SER A 124 18.23 1.09 25.74
CA SER A 124 18.86 2.04 26.63
C SER A 124 19.05 3.33 25.83
N GLY A 125 19.46 4.43 26.46
CA GLY A 125 19.56 5.73 25.82
C GLY A 125 20.39 6.67 26.66
N GLY A 1 6.46 4.99 -8.29
CA GLY A 1 7.84 5.48 -8.43
C GLY A 1 8.56 4.76 -9.56
N SER A 2 9.76 5.25 -9.91
CA SER A 2 10.44 4.96 -11.17
C SER A 2 9.45 5.11 -12.35
N SER A 3 9.64 4.42 -13.46
CA SER A 3 8.73 4.43 -14.61
C SER A 3 7.93 3.11 -14.63
N GLY A 4 7.01 2.96 -15.58
CA GLY A 4 6.28 1.72 -15.82
C GLY A 4 4.80 1.99 -16.08
N SER A 5 4.49 2.54 -17.26
CA SER A 5 3.15 2.86 -17.77
C SER A 5 3.30 3.54 -19.14
N SER A 6 2.27 3.52 -19.99
CA SER A 6 2.16 4.35 -21.20
C SER A 6 0.74 4.28 -21.79
N GLY A 7 -0.28 4.80 -21.09
CA GLY A 7 -1.63 4.93 -21.65
C GLY A 7 -2.54 3.74 -21.36
N HIS A 8 -3.85 3.97 -21.34
CA HIS A 8 -4.86 3.00 -20.89
C HIS A 8 -6.22 3.26 -21.55
N SER A 9 -6.97 2.18 -21.73
CA SER A 9 -8.41 2.16 -22.00
C SER A 9 -9.22 2.21 -20.69
N GLY A 10 -10.54 2.13 -20.86
CA GLY A 10 -11.49 1.90 -19.79
C GLY A 10 -12.06 3.22 -19.32
N GLU A 11 -13.17 3.66 -19.92
CA GLU A 11 -13.95 4.79 -19.46
C GLU A 11 -14.52 4.57 -18.06
N ASP A 12 -14.43 3.37 -17.48
CA ASP A 12 -14.86 3.06 -16.12
C ASP A 12 -13.65 2.72 -15.26
N LEU A 13 -12.46 2.49 -15.83
CA LEU A 13 -11.26 2.19 -15.06
C LEU A 13 -10.74 3.47 -14.39
N PRO A 14 -10.03 3.34 -13.26
CA PRO A 14 -9.41 4.50 -12.62
C PRO A 14 -8.33 5.09 -13.52
N MET A 15 -7.91 6.31 -13.20
CA MET A 15 -6.87 7.02 -13.91
C MET A 15 -5.59 7.10 -13.09
N VAL A 16 -5.67 7.24 -11.77
CA VAL A 16 -4.53 7.68 -10.97
C VAL A 16 -4.30 6.77 -9.77
N ALA A 17 -3.09 6.85 -9.23
CA ALA A 17 -2.69 6.42 -7.93
C ALA A 17 -3.09 7.51 -6.93
N PRO A 18 -3.23 7.18 -5.64
CA PRO A 18 -3.21 8.20 -4.61
C PRO A 18 -1.85 8.95 -4.66
N GLY A 19 -1.81 10.11 -4.01
CA GLY A 19 -0.64 10.97 -3.93
C GLY A 19 0.51 10.37 -3.12
N ASN A 20 1.49 11.21 -2.75
CA ASN A 20 2.59 10.81 -1.88
C ASN A 20 2.02 10.20 -0.61
N VAL A 21 2.27 8.92 -0.37
CA VAL A 21 1.83 8.19 0.80
C VAL A 21 2.81 8.51 1.93
N ARG A 22 2.36 8.41 3.18
CA ARG A 22 3.15 8.47 4.40
C ARG A 22 2.85 7.18 5.16
N VAL A 23 3.75 6.71 6.01
CA VAL A 23 3.46 5.67 6.97
C VAL A 23 4.29 5.94 8.21
N ASN A 24 3.66 5.73 9.35
CA ASN A 24 4.18 5.91 10.68
C ASN A 24 3.99 4.58 11.37
N VAL A 25 5.07 3.93 11.81
CA VAL A 25 4.91 2.81 12.72
C VAL A 25 4.32 3.35 14.02
N VAL A 26 3.33 2.64 14.55
CA VAL A 26 2.68 2.97 15.80
C VAL A 26 3.36 2.15 16.90
N ASN A 27 3.45 0.84 16.69
CA ASN A 27 3.87 -0.14 17.69
C ASN A 27 4.73 -1.20 17.02
N SER A 28 5.12 -2.21 17.78
CA SER A 28 5.92 -3.32 17.27
C SER A 28 5.18 -4.11 16.19
N THR A 29 3.86 -4.21 16.29
CA THR A 29 3.02 -4.98 15.37
C THR A 29 1.81 -4.14 14.96
N LEU A 30 2.01 -2.83 14.78
CA LEU A 30 1.03 -1.92 14.21
C LEU A 30 1.73 -0.77 13.53
N ALA A 31 1.25 -0.39 12.35
CA ALA A 31 1.77 0.77 11.61
C ALA A 31 0.61 1.40 10.87
N GLU A 32 0.54 2.73 10.85
CA GLU A 32 -0.52 3.48 10.24
C GLU A 32 0.04 4.05 8.95
N VAL A 33 -0.63 3.78 7.84
CA VAL A 33 -0.33 4.32 6.52
C VAL A 33 -1.31 5.47 6.31
N HIS A 34 -0.87 6.52 5.63
CA HIS A 34 -1.75 7.60 5.17
C HIS A 34 -1.53 7.83 3.68
N TRP A 35 -2.60 8.23 2.99
CA TRP A 35 -2.59 8.73 1.64
C TRP A 35 -3.49 9.96 1.56
N ASP A 36 -3.67 10.50 0.36
CA ASP A 36 -4.40 11.74 0.11
C ASP A 36 -5.65 11.35 -0.68
N PRO A 37 -6.83 11.90 -0.36
CA PRO A 37 -8.09 11.48 -0.95
C PRO A 37 -8.18 11.85 -2.42
N VAL A 38 -8.18 10.83 -3.26
CA VAL A 38 -8.09 10.95 -4.66
C VAL A 38 -9.39 11.54 -5.23
N PRO A 39 -9.27 12.38 -6.25
CA PRO A 39 -10.36 13.05 -6.95
C PRO A 39 -11.30 12.06 -7.61
N LEU A 40 -12.63 12.23 -7.45
CA LEU A 40 -13.61 11.38 -8.13
C LEU A 40 -13.48 11.41 -9.65
N LYS A 41 -13.15 12.56 -10.23
CA LYS A 41 -12.95 12.68 -11.66
C LYS A 41 -11.97 11.65 -12.21
N SER A 42 -10.93 11.33 -11.44
CA SER A 42 -9.93 10.35 -11.81
C SER A 42 -10.22 8.95 -11.26
N ILE A 43 -11.13 8.80 -10.30
CA ILE A 43 -11.70 7.49 -9.97
C ILE A 43 -12.58 6.98 -11.13
N ARG A 44 -13.27 7.89 -11.84
CA ARG A 44 -14.23 7.58 -12.91
C ARG A 44 -15.43 6.72 -12.49
N GLY A 45 -15.61 6.42 -11.20
CA GLY A 45 -16.69 5.60 -10.69
C GLY A 45 -16.84 5.77 -9.19
N HIS A 46 -17.60 4.89 -8.54
CA HIS A 46 -17.56 4.71 -7.09
C HIS A 46 -16.24 4.04 -6.74
N LEU A 47 -15.44 4.73 -5.94
CA LEU A 47 -14.26 4.20 -5.28
C LEU A 47 -14.71 3.04 -4.39
N GLN A 48 -14.13 1.88 -4.63
CA GLN A 48 -14.38 0.68 -3.85
C GLN A 48 -13.50 0.63 -2.60
N GLY A 49 -12.28 1.16 -2.70
CA GLY A 49 -11.33 1.09 -1.62
C GLY A 49 -9.92 1.23 -2.14
N TYR A 50 -8.99 1.14 -1.20
CA TYR A 50 -7.57 1.26 -1.41
C TYR A 50 -6.95 -0.08 -1.04
N ARG A 51 -6.43 -0.78 -2.03
CA ARG A 51 -5.78 -2.07 -1.88
C ARG A 51 -4.32 -1.79 -1.56
N ILE A 52 -3.90 -2.04 -0.33
CA ILE A 52 -2.50 -1.95 0.06
C ILE A 52 -1.87 -3.30 -0.30
N TYR A 53 -0.83 -3.32 -1.12
CA TYR A 53 0.12 -4.44 -1.15
C TYR A 53 1.24 -4.09 -0.18
N TYR A 54 1.89 -5.10 0.38
CA TYR A 54 3.04 -4.99 1.27
C TYR A 54 3.78 -6.33 1.31
N TRP A 55 5.06 -6.31 1.71
CA TRP A 55 5.84 -7.51 1.95
C TRP A 55 6.88 -7.27 3.05
N LYS A 56 7.27 -8.34 3.75
CA LYS A 56 8.36 -8.30 4.73
C LYS A 56 9.61 -8.10 3.91
N THR A 57 10.28 -6.98 4.16
CA THR A 57 11.52 -6.68 3.48
C THR A 57 12.63 -7.29 4.33
N GLN A 58 13.67 -7.82 3.68
CA GLN A 58 14.81 -8.43 4.33
C GLN A 58 16.03 -7.68 3.79
N SER A 59 16.61 -8.17 2.69
CA SER A 59 17.74 -7.57 2.01
C SER A 59 17.66 -8.00 0.52
N SER A 60 18.26 -7.24 -0.39
CA SER A 60 17.92 -7.28 -1.81
C SER A 60 19.13 -7.46 -2.75
N SER A 61 20.36 -7.62 -2.24
CA SER A 61 21.56 -7.74 -3.06
C SER A 61 22.31 -9.02 -2.66
N LYS A 62 22.33 -10.00 -3.59
CA LYS A 62 22.94 -11.34 -3.49
C LYS A 62 22.74 -11.97 -2.10
N ARG A 63 21.55 -12.48 -1.82
CA ARG A 63 21.22 -13.14 -0.56
C ARG A 63 20.59 -14.48 -0.91
N ASN A 64 21.01 -15.54 -0.24
CA ASN A 64 20.34 -16.83 -0.29
C ASN A 64 19.00 -16.68 0.43
N ARG A 65 17.88 -16.92 -0.26
CA ARG A 65 16.54 -16.92 0.33
C ARG A 65 15.64 -17.79 -0.56
N ARG A 66 14.64 -18.48 0.00
CA ARG A 66 13.63 -19.22 -0.79
C ARG A 66 12.91 -18.29 -1.76
N HIS A 67 11.88 -17.59 -1.29
CA HIS A 67 10.96 -16.78 -2.09
C HIS A 67 10.42 -15.66 -1.20
N ILE A 68 9.80 -14.64 -1.80
CA ILE A 68 9.30 -13.47 -1.06
C ILE A 68 7.85 -13.76 -0.69
N GLU A 69 7.58 -13.71 0.61
CA GLU A 69 6.24 -13.66 1.16
C GLU A 69 5.69 -12.24 0.87
N LYS A 70 4.51 -12.13 0.26
CA LYS A 70 3.82 -10.87 0.00
C LYS A 70 2.38 -10.99 0.44
N LYS A 71 1.74 -9.86 0.74
CA LYS A 71 0.37 -9.80 1.20
C LYS A 71 -0.37 -8.62 0.61
N ILE A 72 -1.69 -8.61 0.85
CA ILE A 72 -2.63 -7.59 0.44
C ILE A 72 -3.46 -7.24 1.68
N LEU A 73 -3.89 -5.99 1.80
CA LEU A 73 -4.83 -5.49 2.81
C LEU A 73 -5.91 -4.70 2.07
N THR A 74 -7.12 -4.73 2.62
CA THR A 74 -8.34 -4.32 1.92
C THR A 74 -8.99 -3.16 2.70
N PHE A 75 -8.64 -1.93 2.35
CA PHE A 75 -9.26 -0.75 2.95
C PHE A 75 -10.41 -0.33 2.05
N GLN A 76 -11.51 -1.06 2.13
CA GLN A 76 -12.71 -0.72 1.39
C GLN A 76 -13.29 0.59 1.93
N GLY A 77 -13.85 1.40 1.05
CA GLY A 77 -14.38 2.73 1.36
C GLY A 77 -13.33 3.82 1.14
N SER A 78 -13.80 5.07 1.15
CA SER A 78 -13.09 6.28 0.74
C SER A 78 -12.09 6.86 1.76
N LYS A 79 -11.70 6.06 2.77
CA LYS A 79 -10.67 6.40 3.77
C LYS A 79 -9.38 6.92 3.16
N THR A 80 -8.57 7.55 4.01
CA THR A 80 -7.27 8.09 3.64
C THR A 80 -6.15 7.58 4.53
N HIS A 81 -6.44 6.58 5.35
CA HIS A 81 -5.46 5.88 6.17
C HIS A 81 -5.92 4.43 6.35
N GLY A 82 -4.99 3.59 6.77
CA GLY A 82 -5.21 2.17 7.01
C GLY A 82 -4.09 1.65 7.88
N MET A 83 -4.28 0.46 8.44
CA MET A 83 -3.43 -0.10 9.48
C MET A 83 -2.68 -1.30 8.91
N LEU A 84 -1.49 -1.58 9.43
CA LEU A 84 -0.76 -2.82 9.21
C LEU A 84 -0.64 -3.53 10.56
N PRO A 85 -1.69 -4.23 11.03
CA PRO A 85 -1.59 -5.17 12.13
C PRO A 85 -1.19 -6.56 11.62
N GLY A 86 -0.71 -7.43 12.50
CA GLY A 86 -0.29 -8.79 12.17
C GLY A 86 1.13 -8.87 11.59
N LEU A 87 1.92 -7.82 11.75
CA LEU A 87 3.29 -7.70 11.26
C LEU A 87 4.25 -8.12 12.37
N GLU A 88 5.53 -8.24 12.04
CA GLU A 88 6.60 -8.49 13.01
C GLU A 88 7.31 -7.17 13.36
N PRO A 89 7.96 -7.12 14.53
CA PRO A 89 8.88 -6.05 14.92
C PRO A 89 10.30 -6.25 14.35
N PHE A 90 11.14 -5.25 14.65
CA PHE A 90 12.55 -5.13 14.30
C PHE A 90 12.84 -5.64 12.88
N SER A 91 12.15 -5.08 11.91
CA SER A 91 12.24 -5.39 10.48
C SER A 91 11.92 -4.13 9.68
N HIS A 92 12.38 -4.07 8.42
CA HIS A 92 11.91 -3.13 7.43
C HIS A 92 10.74 -3.78 6.68
N TYR A 93 9.81 -2.97 6.20
CA TYR A 93 8.69 -3.38 5.38
C TYR A 93 8.56 -2.41 4.23
N THR A 94 7.97 -2.89 3.14
CA THR A 94 7.61 -2.09 1.97
C THR A 94 6.12 -2.34 1.73
N LEU A 95 5.35 -1.31 1.39
CA LEU A 95 3.92 -1.33 1.06
C LEU A 95 3.64 -0.31 -0.03
N ASN A 96 2.49 -0.41 -0.70
CA ASN A 96 1.96 0.64 -1.59
C ASN A 96 0.47 0.82 -1.29
N VAL A 97 -0.20 1.68 -2.06
CA VAL A 97 -1.64 1.90 -2.04
C VAL A 97 -2.09 1.96 -3.51
N ARG A 98 -3.23 1.35 -3.85
CA ARG A 98 -3.77 1.29 -5.22
C ARG A 98 -5.28 1.48 -5.14
N VAL A 99 -5.84 2.40 -5.92
CA VAL A 99 -7.28 2.59 -5.95
C VAL A 99 -7.91 1.42 -6.72
N VAL A 100 -9.16 1.12 -6.42
CA VAL A 100 -10.00 0.16 -7.14
C VAL A 100 -11.38 0.80 -7.24
N ASN A 101 -12.10 0.49 -8.31
CA ASN A 101 -13.48 0.90 -8.50
C ASN A 101 -14.28 -0.27 -9.07
N GLY A 102 -15.51 -0.02 -9.54
CA GLY A 102 -16.42 -1.02 -10.07
C GLY A 102 -15.92 -1.80 -11.29
N LYS A 103 -14.78 -1.46 -11.88
CA LYS A 103 -14.24 -2.11 -13.07
C LYS A 103 -12.87 -2.75 -12.79
N GLY A 104 -11.92 -2.08 -12.16
CA GLY A 104 -10.56 -2.61 -12.05
C GLY A 104 -9.62 -1.72 -11.24
N GLU A 105 -8.32 -2.01 -11.34
CA GLU A 105 -7.25 -1.25 -10.71
C GLU A 105 -6.66 -0.22 -11.70
N GLY A 106 -5.84 0.70 -11.18
CA GLY A 106 -5.07 1.68 -11.95
C GLY A 106 -3.59 1.70 -11.56
N PRO A 107 -2.86 2.80 -11.81
CA PRO A 107 -1.45 2.92 -11.43
C PRO A 107 -1.33 2.96 -9.91
N ALA A 108 -0.21 2.49 -9.37
CA ALA A 108 0.00 2.38 -7.93
C ALA A 108 0.72 3.60 -7.37
N SER A 109 0.66 3.75 -6.04
CA SER A 109 1.36 4.81 -5.34
C SER A 109 2.89 4.56 -5.39
N PRO A 110 3.70 5.48 -4.83
CA PRO A 110 5.06 5.14 -4.42
C PRO A 110 5.06 3.87 -3.57
N ASP A 111 6.11 3.07 -3.68
CA ASP A 111 6.37 1.96 -2.77
C ASP A 111 6.94 2.62 -1.52
N ARG A 112 6.11 2.80 -0.50
CA ARG A 112 6.58 3.34 0.78
C ARG A 112 7.33 2.27 1.57
N VAL A 113 8.10 2.70 2.57
CA VAL A 113 8.78 1.80 3.48
C VAL A 113 8.63 2.31 4.91
N PHE A 114 8.78 1.41 5.88
CA PHE A 114 8.79 1.72 7.30
C PHE A 114 9.65 0.71 8.05
N ASN A 115 10.34 1.12 9.11
CA ASN A 115 11.04 0.24 10.05
C ASN A 115 10.29 0.25 11.36
N THR A 116 10.27 -0.90 12.03
CA THR A 116 9.65 -1.04 13.34
C THR A 116 10.57 -0.57 14.46
N PRO A 117 10.06 -0.43 15.71
CA PRO A 117 10.87 0.02 16.84
C PRO A 117 11.90 -1.05 17.17
N GLU A 118 11.47 -2.15 17.81
CA GLU A 118 12.30 -3.29 18.18
C GLU A 118 11.43 -4.45 18.72
N GLY A 119 10.41 -4.10 19.50
CA GLY A 119 9.49 -5.03 20.16
C GLY A 119 10.05 -5.53 21.51
N SER A 120 9.14 -5.78 22.45
CA SER A 120 9.33 -6.36 23.79
C SER A 120 10.53 -5.88 24.64
N GLY A 121 11.08 -4.69 24.39
CA GLY A 121 12.13 -4.09 25.21
C GLY A 121 11.52 -3.23 26.31
N PRO A 122 12.30 -2.88 27.35
CA PRO A 122 11.79 -2.25 28.56
C PRO A 122 11.40 -0.78 28.31
N SER A 123 10.69 -0.21 29.29
CA SER A 123 10.49 1.21 29.46
C SER A 123 10.50 1.49 30.96
N SER A 124 11.54 2.18 31.41
CA SER A 124 11.61 2.84 32.69
C SER A 124 12.73 3.88 32.54
N GLY A 125 12.62 4.99 33.25
CA GLY A 125 13.49 6.15 33.13
C GLY A 125 12.68 7.41 33.33
#